data_6Q0D
#
_entry.id   6Q0D
#
_cell.length_a   212.040
_cell.length_b   128.070
_cell.length_c   104.140
_cell.angle_alpha   90.000
_cell.angle_beta   119.350
_cell.angle_gamma   90.000
#
_symmetry.space_group_name_H-M   'C 1 2 1'
#
loop_
_entity.id
_entity.type
_entity.pdbx_description
1 polymer 'L-lactate dehydrogenase A chain'
2 non-polymer 'PHOSPHATE ION'
3 non-polymer '2-{3-[3-(cyclopentylethynyl)-4-fluorophenyl]-5-(cyclopropylmethyl)-4-[(3-fluoro-4-sulfamoylphenyl)methyl]-1H-pyrazol-1-yl}-1,3-thiazole-4-carboxylic acid'
4 non-polymer '1,4-DIHYDRONICOTINAMIDE ADENINE DINUCLEOTIDE'
5 non-polymer GLYCEROL
6 water water
#
_entity_poly.entity_id   1
_entity_poly.type   'polypeptide(L)'
_entity_poly.pdbx_seq_one_letter_code
;MATLKDQLIYNLLKEEQTPQNKITVVGVGAVGMACAISILMKDLADELALVDVIEDKLKGEMMDLQHGSLFLRTPKIVSG
KDYNVTANSKLVIITAGARQQEGESRLNLVQRNVNIFKFIIPNVVKYSPNCKLLIVSNPVDILTYVAWKISGFPKNRVIG
SGCNLDSARFRYLMGERLGVHPLSCHGWVLGEHGDSSVPVWSGMNVAGVSLKTLHPDLGTDKDKEQWKEVHKQVVESAYE
VIKLKGYTSWAIGLSVADLAESIMKNLRRVHPVSTMIKGLYGIKDDVFLSVPCILGQNGISDLVKVTLTSEEEARLKKSA
DTLWGIQKELQF
;
_entity_poly.pdbx_strand_id   A,B,C,D,E,F
#
loop_
_chem_comp.id
_chem_comp.type
_chem_comp.name
_chem_comp.formula
GOL non-polymer GLYCEROL 'C3 H8 O3'
NAI non-polymer '1,4-DIHYDRONICOTINAMIDE ADENINE DINUCLEOTIDE' 'C21 H29 N7 O14 P2'
P8M non-polymer '2-{3-[3-(cyclopentylethynyl)-4-fluorophenyl]-5-(cyclopropylmethyl)-4-[(3-fluoro-4-sulfamoylphenyl)methyl]-1H-pyrazol-1-yl}-1,3-thiazole-4-carboxylic acid' 'C31 H28 F2 N4 O4 S2'
PO4 non-polymer 'PHOSPHATE ION' 'O4 P -3'
#
# COMPACT_ATOMS: atom_id res chain seq x y z
N ALA A 2 -26.84 17.27 -9.84
CA ALA A 2 -28.26 17.20 -9.51
C ALA A 2 -28.70 15.75 -9.35
N THR A 3 -27.83 14.84 -9.79
CA THR A 3 -28.10 13.43 -9.57
C THR A 3 -28.05 13.12 -8.08
N LEU A 4 -28.64 11.97 -7.73
CA LEU A 4 -28.62 11.52 -6.34
C LEU A 4 -27.19 11.50 -5.79
N LYS A 5 -26.26 10.99 -6.59
CA LYS A 5 -24.87 10.91 -6.15
C LYS A 5 -24.33 12.30 -5.81
N ASP A 6 -24.66 13.31 -6.62
CA ASP A 6 -24.18 14.67 -6.36
C ASP A 6 -24.96 15.38 -5.25
N GLN A 7 -26.22 15.03 -5.03
CA GLN A 7 -26.93 15.59 -3.88
C GLN A 7 -26.36 15.05 -2.58
N LEU A 8 -25.82 13.83 -2.61
CA LEU A 8 -25.33 13.16 -1.42
C LEU A 8 -23.88 13.47 -1.11
N ILE A 9 -23.06 13.65 -2.14
CA ILE A 9 -21.61 13.66 -1.98
C ILE A 9 -21.03 14.88 -2.69
N TYR A 10 -20.27 15.68 -1.95
CA TYR A 10 -19.51 16.77 -2.52
C TYR A 10 -18.12 16.26 -2.86
N ASN A 11 -17.69 16.48 -4.08
CA ASN A 11 -16.40 16.02 -4.55
C ASN A 11 -15.41 17.16 -4.45
N LEU A 12 -14.27 16.92 -3.82
CA LEU A 12 -13.22 17.93 -3.80
C LEU A 12 -11.98 17.54 -4.60
N LEU A 13 -11.91 16.32 -5.13
CA LEU A 13 -10.70 15.85 -5.74
C LEU A 13 -11.05 14.89 -6.87
N LYS A 14 -10.50 15.16 -8.04
CA LYS A 14 -10.57 14.24 -9.17
C LYS A 14 -9.13 13.92 -9.53
N GLU A 15 -8.61 12.87 -8.91
CA GLU A 15 -7.27 12.37 -9.17
C GLU A 15 -7.38 10.96 -9.72
N GLU A 16 -6.65 10.70 -10.81
CA GLU A 16 -6.61 9.36 -11.36
C GLU A 16 -6.26 8.37 -10.25
N GLN A 17 -7.04 7.30 -10.15
CA GLN A 17 -6.74 6.23 -9.22
C GLN A 17 -5.57 5.40 -9.74
N THR A 18 -4.62 5.12 -8.85
CA THR A 18 -3.41 4.39 -9.21
C THR A 18 -3.17 3.29 -8.18
N PRO A 19 -3.15 2.02 -8.59
CA PRO A 19 -3.04 0.94 -7.59
C PRO A 19 -1.63 0.86 -7.02
N GLN A 20 -1.54 0.58 -5.72
CA GLN A 20 -0.25 0.50 -5.04
C GLN A 20 0.21 -0.93 -4.77
N ASN A 21 -0.72 -1.85 -4.57
CA ASN A 21 -0.37 -3.20 -4.18
C ASN A 21 -1.19 -4.15 -5.03
N LYS A 22 -0.98 -4.08 -6.32
CA LYS A 22 -1.83 -4.79 -7.25
C LYS A 22 -1.24 -6.15 -7.59
N ILE A 23 -2.09 -7.16 -7.63
CA ILE A 23 -1.72 -8.52 -7.99
C ILE A 23 -2.61 -8.99 -9.15
N THR A 24 -1.99 -9.62 -10.14
CA THR A 24 -2.71 -10.25 -11.23
C THR A 24 -2.53 -11.76 -11.12
N VAL A 25 -3.62 -12.51 -11.36
CA VAL A 25 -3.57 -13.97 -11.49
C VAL A 25 -3.96 -14.30 -12.93
N VAL A 26 -3.10 -15.03 -13.64
CA VAL A 26 -3.41 -15.44 -15.01
C VAL A 26 -3.82 -16.90 -15.00
N GLY A 27 -5.04 -17.16 -15.46
CA GLY A 27 -5.60 -18.49 -15.42
C GLY A 27 -6.55 -18.64 -14.25
N VAL A 28 -7.84 -18.73 -14.55
CA VAL A 28 -8.85 -18.78 -13.49
C VAL A 28 -9.42 -20.17 -13.42
N GLY A 29 -8.56 -21.18 -13.58
CA GLY A 29 -8.96 -22.52 -13.22
C GLY A 29 -9.08 -22.65 -11.72
N ALA A 30 -9.14 -23.90 -11.26
CA ALA A 30 -9.29 -24.14 -9.83
C ALA A 30 -8.08 -23.58 -9.07
N VAL A 31 -6.88 -23.73 -9.63
CA VAL A 31 -5.68 -23.25 -8.95
C VAL A 31 -5.66 -21.71 -8.91
N GLY A 32 -5.93 -21.07 -10.04
CA GLY A 32 -5.90 -19.61 -10.07
C GLY A 32 -6.94 -18.99 -9.14
N MET A 33 -8.13 -19.58 -9.08
CA MET A 33 -9.18 -19.03 -8.23
C MET A 33 -8.89 -19.31 -6.75
N ALA A 34 -8.26 -20.45 -6.43
CA ALA A 34 -7.84 -20.70 -5.06
C ALA A 34 -6.79 -19.69 -4.62
N CYS A 35 -5.85 -19.37 -5.52
CA CYS A 35 -4.90 -18.31 -5.19
C CYS A 35 -5.62 -16.99 -4.97
N ALA A 36 -6.59 -16.68 -5.82
CA ALA A 36 -7.32 -15.42 -5.73
C ALA A 36 -8.03 -15.28 -4.39
N ILE A 37 -8.80 -16.30 -3.99
CA ILE A 37 -9.56 -16.19 -2.76
C ILE A 37 -8.62 -16.12 -1.55
N SER A 38 -7.50 -16.84 -1.59
CA SER A 38 -6.59 -16.80 -0.45
C SER A 38 -5.90 -15.45 -0.33
N ILE A 39 -5.48 -14.89 -1.47
CA ILE A 39 -4.90 -13.55 -1.49
C ILE A 39 -5.91 -12.52 -0.99
N LEU A 40 -7.16 -12.63 -1.45
CA LEU A 40 -8.22 -11.71 -1.02
C LEU A 40 -8.46 -11.78 0.48
N MET A 41 -8.49 -13.00 1.03
CA MET A 41 -8.79 -13.15 2.44
C MET A 41 -7.60 -12.82 3.33
N LYS A 42 -6.39 -12.73 2.79
CA LYS A 42 -5.25 -12.28 3.56
C LYS A 42 -4.96 -10.81 3.33
N ASP A 43 -5.81 -10.09 2.61
CA ASP A 43 -5.69 -8.63 2.46
C ASP A 43 -4.33 -8.25 1.89
N LEU A 44 -3.84 -9.00 0.89
CA LEU A 44 -2.52 -8.72 0.35
C LEU A 44 -2.54 -7.69 -0.77
N ALA A 45 -3.70 -7.37 -1.33
CA ALA A 45 -3.70 -6.52 -2.52
C ALA A 45 -4.75 -5.44 -2.40
N ASP A 46 -4.44 -4.24 -2.91
CA ASP A 46 -5.50 -3.25 -3.06
C ASP A 46 -6.23 -3.40 -4.39
N GLU A 47 -5.70 -4.18 -5.32
CA GLU A 47 -6.41 -4.46 -6.56
C GLU A 47 -6.03 -5.85 -7.01
N LEU A 48 -7.03 -6.62 -7.45
CA LEU A 48 -6.81 -7.94 -8.02
C LEU A 48 -7.33 -7.94 -9.45
N ALA A 49 -6.49 -8.36 -10.39
CA ALA A 49 -6.89 -8.55 -11.78
C ALA A 49 -6.82 -10.03 -12.13
N LEU A 50 -7.80 -10.51 -12.89
CA LEU A 50 -7.84 -11.87 -13.37
C LEU A 50 -7.76 -11.87 -14.89
N VAL A 51 -7.02 -12.81 -15.46
CA VAL A 51 -6.92 -12.95 -16.91
C VAL A 51 -7.14 -14.40 -17.29
N ASP A 52 -7.81 -14.63 -18.41
CA ASP A 52 -7.94 -15.96 -19.00
C ASP A 52 -8.25 -15.78 -20.48
N VAL A 53 -8.34 -16.89 -21.21
CA VAL A 53 -8.83 -16.84 -22.59
C VAL A 53 -10.30 -17.21 -22.68
N ILE A 54 -10.86 -17.87 -21.67
CA ILE A 54 -12.26 -18.26 -21.67
C ILE A 54 -13.07 -17.11 -21.06
N GLU A 55 -13.82 -16.40 -21.89
CA GLU A 55 -14.29 -15.08 -21.49
C GLU A 55 -15.50 -15.14 -20.55
N ASP A 56 -16.40 -16.09 -20.72
CA ASP A 56 -17.57 -16.14 -19.85
C ASP A 56 -17.19 -16.62 -18.45
N LYS A 57 -16.45 -17.72 -18.37
CA LYS A 57 -15.93 -18.19 -17.08
C LYS A 57 -15.16 -17.09 -16.37
N LEU A 58 -14.35 -16.32 -17.12
CA LEU A 58 -13.56 -15.26 -16.51
C LEU A 58 -14.44 -14.18 -15.90
N LYS A 59 -15.43 -13.69 -16.65
CA LYS A 59 -16.33 -12.66 -16.14
C LYS A 59 -17.13 -13.16 -14.93
N GLY A 60 -17.58 -14.42 -14.98
CA GLY A 60 -18.39 -14.94 -13.88
C GLY A 60 -17.59 -15.07 -12.59
N GLU A 61 -16.34 -15.53 -12.68
CA GLU A 61 -15.49 -15.60 -11.50
C GLU A 61 -15.24 -14.22 -10.93
N MET A 62 -14.91 -13.26 -11.80
CA MET A 62 -14.75 -11.87 -11.36
C MET A 62 -16.02 -11.37 -10.65
N MET A 63 -17.18 -11.52 -11.28
CA MET A 63 -18.41 -11.03 -10.66
C MET A 63 -18.67 -11.70 -9.32
N ASP A 64 -18.42 -13.01 -9.25
CA ASP A 64 -18.68 -13.76 -8.01
C ASP A 64 -17.82 -13.22 -6.87
N LEU A 65 -16.54 -12.94 -7.15
CA LEU A 65 -15.67 -12.32 -6.15
C LEU A 65 -16.16 -10.93 -5.76
N GLN A 66 -16.52 -10.13 -6.76
CA GLN A 66 -17.01 -8.77 -6.52
C GLN A 66 -18.23 -8.79 -5.60
N HIS A 67 -19.13 -9.77 -5.76
CA HIS A 67 -20.31 -9.79 -4.90
C HIS A 67 -19.97 -10.05 -3.42
N GLY A 68 -18.79 -10.55 -3.11
CA GLY A 68 -18.38 -10.68 -1.72
C GLY A 68 -17.52 -9.51 -1.24
N SER A 69 -17.55 -8.42 -2.00
CA SER A 69 -16.73 -7.25 -1.68
C SER A 69 -17.02 -6.72 -0.28
N LEU A 70 -18.27 -6.83 0.15
CA LEU A 70 -18.65 -6.43 1.50
C LEU A 70 -17.76 -7.07 2.56
N PHE A 71 -17.29 -8.30 2.31
CA PHE A 71 -16.58 -9.07 3.34
C PHE A 71 -15.08 -9.06 3.12
N LEU A 72 -14.60 -8.25 2.17
CA LEU A 72 -13.19 -8.18 1.84
C LEU A 72 -12.65 -6.79 2.09
N ARG A 73 -11.34 -6.66 1.93
CA ARG A 73 -10.64 -5.39 2.09
C ARG A 73 -9.86 -5.03 0.82
N THR A 74 -10.31 -5.55 -0.32
CA THR A 74 -9.65 -5.33 -1.62
C THR A 74 -10.62 -4.57 -2.49
N PRO A 75 -10.46 -3.26 -2.66
CA PRO A 75 -11.56 -2.43 -3.16
C PRO A 75 -11.82 -2.57 -4.65
N LYS A 76 -10.89 -3.09 -5.44
CA LYS A 76 -11.07 -3.17 -6.88
C LYS A 76 -10.70 -4.56 -7.35
N ILE A 77 -11.63 -5.21 -8.05
CA ILE A 77 -11.44 -6.50 -8.68
C ILE A 77 -11.82 -6.36 -10.14
N VAL A 78 -10.88 -6.62 -11.05
CA VAL A 78 -11.11 -6.48 -12.49
C VAL A 78 -10.70 -7.76 -13.21
N SER A 79 -11.17 -7.89 -14.45
CA SER A 79 -10.78 -9.01 -15.28
C SER A 79 -10.93 -8.63 -16.73
N GLY A 80 -10.27 -9.40 -17.59
CA GLY A 80 -10.42 -9.25 -19.02
C GLY A 80 -9.41 -10.14 -19.71
N LYS A 81 -9.69 -10.42 -20.98
CA LYS A 81 -8.71 -11.12 -21.80
C LYS A 81 -7.61 -10.20 -22.27
N ASP A 82 -7.85 -8.89 -22.27
CA ASP A 82 -6.84 -7.90 -22.62
C ASP A 82 -6.00 -7.59 -21.39
N TYR A 83 -4.68 -7.51 -21.58
CA TYR A 83 -3.80 -7.33 -20.44
C TYR A 83 -3.73 -5.89 -19.95
N ASN A 84 -4.49 -4.96 -20.54
CA ASN A 84 -4.55 -3.62 -19.96
C ASN A 84 -5.14 -3.63 -18.55
N VAL A 85 -5.89 -4.67 -18.17
CA VAL A 85 -6.39 -4.72 -16.79
C VAL A 85 -5.29 -5.09 -15.79
N THR A 86 -4.15 -5.59 -16.27
CA THR A 86 -3.05 -6.00 -15.39
C THR A 86 -2.03 -4.91 -15.16
N ALA A 87 -2.26 -3.71 -15.70
CA ALA A 87 -1.18 -2.72 -15.79
C ALA A 87 -0.62 -2.39 -14.40
N ASN A 88 0.71 -2.36 -14.30
CA ASN A 88 1.46 -1.99 -13.09
C ASN A 88 1.13 -2.87 -11.88
N SER A 89 1.05 -4.17 -12.14
CA SER A 89 1.00 -5.15 -11.06
C SER A 89 2.34 -5.22 -10.34
N LYS A 90 2.30 -5.35 -9.01
CA LYS A 90 3.53 -5.65 -8.27
C LYS A 90 3.93 -7.10 -8.47
N LEU A 91 2.96 -7.99 -8.62
CA LEU A 91 3.17 -9.42 -8.65
C LEU A 91 2.18 -10.03 -9.62
N VAL A 92 2.66 -10.84 -10.55
CA VAL A 92 1.78 -11.55 -11.47
C VAL A 92 1.98 -13.03 -11.26
N ILE A 93 0.89 -13.74 -11.02
CA ILE A 93 0.90 -15.16 -10.69
C ILE A 93 0.36 -15.90 -11.89
N ILE A 94 1.14 -16.85 -12.42
CA ILE A 94 0.78 -17.53 -13.66
C ILE A 94 0.28 -18.91 -13.30
N THR A 95 -1.02 -19.14 -13.46
CA THR A 95 -1.62 -20.44 -13.20
C THR A 95 -2.33 -21.00 -14.44
N ALA A 96 -1.91 -20.58 -15.62
CA ALA A 96 -2.53 -21.00 -16.87
C ALA A 96 -1.84 -22.23 -17.42
N GLY A 97 -2.63 -23.12 -18.02
CA GLY A 97 -2.08 -24.23 -18.76
C GLY A 97 -3.16 -24.89 -19.59
N ALA A 98 -2.73 -25.82 -20.43
CA ALA A 98 -3.66 -26.61 -21.19
C ALA A 98 -3.97 -27.90 -20.44
N ARG A 99 -4.95 -28.64 -20.92
CA ARG A 99 -5.31 -29.89 -20.29
C ARG A 99 -4.86 -31.05 -21.14
N GLN A 100 -4.19 -32.00 -20.51
CA GLN A 100 -3.85 -33.27 -21.14
C GLN A 100 -5.08 -33.85 -21.81
N GLN A 101 -4.93 -34.28 -23.06
CA GLN A 101 -6.01 -34.97 -23.74
C GLN A 101 -5.99 -36.44 -23.36
N GLU A 102 -6.83 -37.23 -24.01
CA GLU A 102 -6.84 -38.67 -23.77
C GLU A 102 -5.49 -39.25 -24.20
N GLY A 103 -4.71 -39.72 -23.23
CA GLY A 103 -3.44 -40.34 -23.54
C GLY A 103 -2.45 -39.46 -24.27
N GLU A 104 -2.47 -38.15 -23.98
CA GLU A 104 -1.51 -37.24 -24.59
C GLU A 104 -0.16 -37.33 -23.89
N SER A 105 0.92 -37.31 -24.66
CA SER A 105 2.25 -37.38 -24.08
C SER A 105 2.52 -36.14 -23.21
N ARG A 106 3.29 -36.36 -22.14
CA ARG A 106 3.65 -35.22 -21.29
C ARG A 106 4.63 -34.29 -21.99
N LEU A 107 5.53 -34.82 -22.81
CA LEU A 107 6.42 -33.94 -23.56
C LEU A 107 5.65 -33.08 -24.55
N ASN A 108 4.63 -33.65 -25.19
CA ASN A 108 3.80 -32.83 -26.07
C ASN A 108 2.96 -31.83 -25.27
N LEU A 109 2.55 -32.20 -24.05
CA LEU A 109 1.80 -31.25 -23.23
C LEU A 109 2.66 -30.08 -22.77
N VAL A 110 3.95 -30.33 -22.48
CA VAL A 110 4.79 -29.24 -22.00
C VAL A 110 5.03 -28.22 -23.11
N GLN A 111 5.15 -28.68 -24.36
CA GLN A 111 5.29 -27.74 -25.46
C GLN A 111 4.03 -26.90 -25.63
N ARG A 112 2.85 -27.49 -25.44
CA ARG A 112 1.63 -26.71 -25.54
C ARG A 112 1.56 -25.65 -24.44
N ASN A 113 2.03 -25.98 -23.23
CA ASN A 113 2.13 -24.96 -22.18
C ASN A 113 3.16 -23.91 -22.53
N VAL A 114 4.26 -24.31 -23.18
CA VAL A 114 5.24 -23.37 -23.66
C VAL A 114 4.61 -22.41 -24.65
N ASN A 115 3.79 -22.93 -25.56
CA ASN A 115 3.14 -22.04 -26.52
C ASN A 115 2.21 -21.06 -25.80
N ILE A 116 1.56 -21.50 -24.73
CA ILE A 116 0.71 -20.60 -23.95
C ILE A 116 1.55 -19.50 -23.30
N PHE A 117 2.69 -19.85 -22.68
CA PHE A 117 3.55 -18.85 -22.04
C PHE A 117 4.12 -17.86 -23.06
N LYS A 118 4.30 -18.29 -24.32
CA LYS A 118 4.80 -17.41 -25.37
C LYS A 118 3.80 -16.32 -25.72
N PHE A 119 2.51 -16.54 -25.43
CA PHE A 119 1.49 -15.51 -25.52
C PHE A 119 1.41 -14.69 -24.23
N ILE A 120 1.41 -15.38 -23.08
CA ILE A 120 1.13 -14.71 -21.81
C ILE A 120 2.29 -13.80 -21.40
N ILE A 121 3.51 -14.32 -21.39
CA ILE A 121 4.62 -13.59 -20.79
C ILE A 121 4.91 -12.27 -21.49
N PRO A 122 5.00 -12.20 -22.82
CA PRO A 122 5.19 -10.88 -23.45
C PRO A 122 4.09 -9.89 -23.07
N ASN A 123 2.85 -10.37 -22.93
CA ASN A 123 1.76 -9.46 -22.59
C ASN A 123 1.87 -8.97 -21.15
N VAL A 124 2.29 -9.83 -20.23
CA VAL A 124 2.51 -9.40 -18.85
C VAL A 124 3.59 -8.32 -18.80
N VAL A 125 4.71 -8.55 -19.50
CA VAL A 125 5.89 -7.70 -19.37
C VAL A 125 5.65 -6.32 -19.97
N LYS A 126 4.81 -6.26 -21.00
CA LYS A 126 4.46 -4.99 -21.64
C LYS A 126 3.73 -4.08 -20.67
N TYR A 127 2.88 -4.65 -19.81
CA TYR A 127 2.05 -3.85 -18.93
C TYR A 127 2.60 -3.73 -17.51
N SER A 128 3.46 -4.64 -17.08
CA SER A 128 4.04 -4.58 -15.73
C SER A 128 5.51 -4.92 -15.85
N PRO A 129 6.32 -4.04 -16.45
CA PRO A 129 7.71 -4.41 -16.70
C PRO A 129 8.54 -4.54 -15.43
N ASN A 130 8.05 -4.07 -14.29
CA ASN A 130 8.77 -4.16 -13.03
C ASN A 130 8.17 -5.13 -12.04
N CYS A 131 7.14 -5.88 -12.41
CA CYS A 131 6.53 -6.84 -11.51
C CYS A 131 7.48 -8.00 -11.19
N LYS A 132 7.15 -8.75 -10.14
CA LYS A 132 7.69 -10.09 -9.94
C LYS A 132 6.73 -11.10 -10.55
N LEU A 133 7.29 -12.12 -11.18
CA LEU A 133 6.56 -13.21 -11.81
C LEU A 133 6.65 -14.43 -10.92
N LEU A 134 5.50 -14.97 -10.52
CA LEU A 134 5.43 -16.18 -9.70
C LEU A 134 4.76 -17.25 -10.56
N ILE A 135 5.54 -18.23 -10.97
CA ILE A 135 5.08 -19.27 -11.89
C ILE A 135 4.60 -20.47 -11.07
N VAL A 136 3.36 -20.88 -11.33
CA VAL A 136 2.73 -22.00 -10.65
C VAL A 136 2.46 -23.15 -11.61
N SER A 137 2.14 -22.86 -12.86
CA SER A 137 1.76 -23.89 -13.84
C SER A 137 2.82 -24.98 -13.92
N ASN A 138 2.39 -26.20 -14.22
CA ASN A 138 3.34 -27.32 -14.30
C ASN A 138 3.62 -27.71 -15.74
N PRO A 139 4.82 -28.28 -16.00
CA PRO A 139 5.90 -28.57 -15.03
C PRO A 139 6.59 -27.29 -14.56
N VAL A 140 6.56 -27.02 -13.25
CA VAL A 140 6.77 -25.63 -12.79
C VAL A 140 8.23 -25.22 -12.94
N ASP A 141 9.16 -26.15 -12.71
CA ASP A 141 10.57 -25.78 -12.81
C ASP A 141 10.96 -25.52 -14.27
N ILE A 142 10.46 -26.33 -15.18
CA ILE A 142 10.66 -26.06 -16.61
C ILE A 142 9.98 -24.76 -17.01
N LEU A 143 8.72 -24.56 -16.58
CA LEU A 143 7.98 -23.38 -17.05
C LEU A 143 8.49 -22.11 -16.41
N THR A 144 9.12 -22.20 -15.23
CA THR A 144 9.72 -21.01 -14.64
C THR A 144 10.92 -20.54 -15.44
N TYR A 145 11.72 -21.50 -15.92
CA TYR A 145 12.82 -21.16 -16.82
C TYR A 145 12.29 -20.55 -18.11
N VAL A 146 11.23 -21.15 -18.65
CA VAL A 146 10.64 -20.63 -19.88
C VAL A 146 10.18 -19.18 -19.68
N ALA A 147 9.48 -18.91 -18.57
CA ALA A 147 9.06 -17.54 -18.29
C ALA A 147 10.26 -16.61 -18.17
N TRP A 148 11.34 -17.08 -17.53
CA TRP A 148 12.54 -16.28 -17.37
C TRP A 148 13.13 -15.88 -18.71
N LYS A 149 13.26 -16.85 -19.62
CA LYS A 149 13.88 -16.58 -20.91
C LYS A 149 13.02 -15.69 -21.79
N ILE A 150 11.70 -15.84 -21.73
CA ILE A 150 10.82 -14.99 -22.53
C ILE A 150 10.78 -13.58 -21.94
N SER A 151 10.65 -13.48 -20.62
CA SER A 151 10.45 -12.17 -20.00
C SER A 151 11.66 -11.27 -20.19
N GLY A 152 12.87 -11.85 -20.16
CA GLY A 152 14.04 -11.02 -20.00
C GLY A 152 14.18 -10.41 -18.61
N PHE A 153 13.48 -10.94 -17.64
CA PHE A 153 13.60 -10.46 -16.27
C PHE A 153 14.89 -10.96 -15.63
N PRO A 154 15.48 -10.18 -14.72
CA PRO A 154 16.58 -10.74 -13.92
C PRO A 154 16.04 -11.86 -13.04
N LYS A 155 16.92 -12.79 -12.68
CA LYS A 155 16.46 -13.99 -11.98
C LYS A 155 15.76 -13.67 -10.65
N ASN A 156 16.08 -12.54 -10.01
CA ASN A 156 15.43 -12.26 -8.73
C ASN A 156 13.93 -12.01 -8.87
N ARG A 157 13.43 -11.64 -10.05
CA ARG A 157 12.01 -11.38 -10.23
C ARG A 157 11.28 -12.50 -10.98
N VAL A 158 11.87 -13.67 -11.15
CA VAL A 158 11.18 -14.83 -11.72
C VAL A 158 11.28 -15.95 -10.70
N ILE A 159 10.14 -16.34 -10.14
CA ILE A 159 10.06 -17.27 -9.03
C ILE A 159 9.11 -18.40 -9.41
N GLY A 160 9.53 -19.63 -9.19
CA GLY A 160 8.68 -20.79 -9.37
C GLY A 160 8.13 -21.25 -8.03
N SER A 161 6.83 -21.55 -8.00
CA SER A 161 6.22 -22.10 -6.77
C SER A 161 7.06 -23.25 -6.22
N GLY A 162 7.54 -24.12 -7.10
CA GLY A 162 8.57 -25.06 -6.69
C GLY A 162 8.12 -25.95 -5.56
N CYS A 163 9.02 -26.16 -4.59
CA CYS A 163 8.77 -27.10 -3.51
C CYS A 163 8.14 -26.46 -2.27
N ASN A 164 7.59 -25.26 -2.39
CA ASN A 164 6.92 -24.66 -1.24
C ASN A 164 5.75 -25.52 -0.80
N LEU A 165 4.98 -26.03 -1.76
CA LEU A 165 3.86 -26.88 -1.42
C LEU A 165 4.34 -28.25 -0.93
N ASP A 166 5.33 -28.84 -1.61
CA ASP A 166 5.89 -30.13 -1.16
C ASP A 166 6.37 -30.04 0.28
N SER A 167 7.13 -28.99 0.60
CA SER A 167 7.59 -28.81 1.97
C SER A 167 6.43 -28.66 2.94
N ALA A 168 5.37 -27.96 2.52
CA ALA A 168 4.22 -27.81 3.41
C ALA A 168 3.53 -29.15 3.66
N ARG A 169 3.36 -29.97 2.61
CA ARG A 169 2.86 -31.32 2.79
C ARG A 169 3.74 -32.12 3.74
N PHE A 170 5.06 -31.98 3.59
CA PHE A 170 5.99 -32.69 4.45
C PHE A 170 5.81 -32.34 5.91
N ARG A 171 5.57 -31.06 6.21
CA ARG A 171 5.38 -30.64 7.60
C ARG A 171 4.02 -31.09 8.14
N TYR A 172 2.98 -31.14 7.29
CA TYR A 172 1.72 -31.72 7.73
C TYR A 172 1.90 -33.18 8.10
N LEU A 173 2.65 -33.92 7.26
CA LEU A 173 2.83 -35.34 7.52
C LEU A 173 3.79 -35.56 8.69
N MET A 174 4.83 -34.75 8.79
CA MET A 174 5.68 -34.82 9.97
C MET A 174 4.87 -34.55 11.22
N GLY A 175 4.06 -33.49 11.21
CA GLY A 175 3.26 -33.15 12.36
C GLY A 175 2.26 -34.22 12.73
N GLU A 176 1.70 -34.93 11.74
CA GLU A 176 0.76 -35.98 12.07
C GLU A 176 1.44 -37.11 12.82
N ARG A 177 2.70 -37.41 12.47
CA ARG A 177 3.41 -38.46 13.20
C ARG A 177 3.72 -38.06 14.63
N LEU A 178 4.14 -36.80 14.84
CA LEU A 178 4.64 -36.40 16.14
C LEU A 178 3.57 -35.79 17.05
N GLY A 179 2.37 -35.55 16.54
CA GLY A 179 1.34 -34.92 17.36
C GLY A 179 1.65 -33.47 17.65
N VAL A 180 2.18 -32.75 16.67
CA VAL A 180 2.63 -31.36 16.80
C VAL A 180 2.11 -30.56 15.60
N HIS A 181 1.76 -29.30 15.82
CA HIS A 181 1.31 -28.47 14.72
C HIS A 181 2.42 -28.39 13.68
N PRO A 182 2.08 -28.42 12.38
CA PRO A 182 3.14 -28.34 11.37
C PRO A 182 3.93 -27.05 11.44
N LEU A 183 3.38 -25.97 11.99
CA LEU A 183 4.16 -24.75 12.16
C LEU A 183 5.39 -25.00 13.02
N SER A 184 5.30 -25.90 14.00
CA SER A 184 6.40 -26.23 14.89
C SER A 184 7.24 -27.39 14.38
N CYS A 185 6.82 -28.04 13.30
CA CYS A 185 7.63 -29.04 12.64
C CYS A 185 8.41 -28.37 11.51
N HIS A 186 9.70 -28.65 11.43
CA HIS A 186 10.57 -27.99 10.47
C HIS A 186 11.25 -29.05 9.59
N GLY A 187 11.33 -28.80 8.30
CA GLY A 187 11.78 -29.80 7.34
C GLY A 187 11.67 -29.35 5.90
N TRP A 188 12.68 -29.67 5.09
CA TRP A 188 12.82 -29.06 3.78
C TRP A 188 12.85 -30.12 2.69
N VAL A 189 12.04 -29.88 1.67
CA VAL A 189 12.02 -30.66 0.44
C VAL A 189 12.47 -29.73 -0.65
N LEU A 190 13.55 -30.09 -1.34
CA LEU A 190 14.21 -29.24 -2.33
C LEU A 190 14.24 -29.91 -3.69
N GLY A 191 14.82 -29.23 -4.69
CA GLY A 191 14.95 -29.78 -6.02
C GLY A 191 13.71 -29.60 -6.86
N GLU A 192 13.36 -30.60 -7.66
CA GLU A 192 12.18 -30.47 -8.50
C GLU A 192 10.91 -30.59 -7.68
N HIS A 193 9.90 -29.83 -8.07
CA HIS A 193 8.55 -30.10 -7.61
C HIS A 193 8.11 -31.49 -8.04
N GLY A 194 7.43 -32.20 -7.14
CA GLY A 194 6.77 -33.45 -7.49
C GLY A 194 7.68 -34.65 -7.37
N ASP A 195 7.77 -35.44 -8.45
CA ASP A 195 8.30 -36.79 -8.36
C ASP A 195 9.74 -36.82 -7.84
N SER A 196 10.59 -35.90 -8.32
CA SER A 196 12.02 -35.99 -8.07
C SER A 196 12.49 -35.09 -6.93
N SER A 197 11.57 -34.66 -6.05
CA SER A 197 11.96 -33.76 -4.97
C SER A 197 12.89 -34.47 -3.96
N VAL A 198 13.63 -33.66 -3.22
CA VAL A 198 14.68 -34.17 -2.35
C VAL A 198 14.42 -33.78 -0.90
N PRO A 199 14.13 -34.74 -0.02
CA PRO A 199 14.02 -34.43 1.41
C PRO A 199 15.40 -34.28 2.03
N VAL A 200 15.60 -33.18 2.76
CA VAL A 200 16.87 -32.92 3.43
C VAL A 200 16.72 -33.37 4.87
N TRP A 201 17.05 -34.65 5.11
CA TRP A 201 16.84 -35.26 6.43
C TRP A 201 17.60 -34.53 7.52
N SER A 202 18.78 -33.99 7.20
CA SER A 202 19.59 -33.32 8.21
C SER A 202 18.90 -32.10 8.78
N GLY A 203 17.92 -31.54 8.06
CA GLY A 203 17.24 -30.36 8.54
C GLY A 203 15.98 -30.60 9.34
N MET A 204 15.54 -31.86 9.45
CA MET A 204 14.26 -32.16 10.09
C MET A 204 14.38 -31.98 11.60
N ASN A 205 13.55 -31.11 12.17
CA ASN A 205 13.75 -30.85 13.59
C ASN A 205 12.47 -30.30 14.21
N VAL A 206 12.38 -30.48 15.52
CA VAL A 206 11.42 -29.81 16.38
C VAL A 206 12.21 -29.15 17.49
N ALA A 207 11.96 -27.86 17.74
CA ALA A 207 12.64 -27.12 18.81
C ALA A 207 14.15 -27.16 18.63
N GLY A 208 14.59 -27.13 17.37
CA GLY A 208 16.00 -27.17 17.06
C GLY A 208 16.68 -28.47 17.42
N VAL A 209 15.90 -29.52 17.69
CA VAL A 209 16.42 -30.84 17.98
C VAL A 209 16.39 -31.67 16.70
N SER A 210 17.57 -32.09 16.24
CA SER A 210 17.68 -32.82 14.98
C SER A 210 17.13 -34.23 15.15
N LEU A 211 16.10 -34.58 14.36
CA LEU A 211 15.63 -35.97 14.33
C LEU A 211 16.73 -36.90 13.83
N LYS A 212 17.49 -36.46 12.82
CA LYS A 212 18.54 -37.29 12.24
C LYS A 212 19.61 -37.64 13.27
N THR A 213 20.11 -36.64 14.00
CA THR A 213 21.06 -36.93 15.07
C THR A 213 20.41 -37.73 16.18
N LEU A 214 19.13 -37.48 16.46
CA LEU A 214 18.46 -38.26 17.49
C LEU A 214 18.17 -39.68 17.03
N HIS A 215 17.83 -39.84 15.74
CA HIS A 215 17.46 -41.13 15.16
C HIS A 215 18.25 -41.32 13.88
N PRO A 216 19.45 -41.91 13.97
CA PRO A 216 20.35 -41.92 12.80
C PRO A 216 19.87 -42.78 11.64
N ASP A 217 18.91 -43.67 11.85
CA ASP A 217 18.28 -44.35 10.73
C ASP A 217 17.37 -43.45 9.91
N LEU A 218 17.12 -42.22 10.35
CA LEU A 218 16.19 -41.35 9.62
C LEU A 218 16.65 -41.18 8.18
N GLY A 219 15.74 -41.46 7.24
CA GLY A 219 16.02 -41.32 5.84
C GLY A 219 16.61 -42.55 5.16
N THR A 220 16.91 -43.60 5.92
CA THR A 220 17.52 -44.80 5.37
C THR A 220 16.51 -45.91 5.18
N ASP A 221 16.91 -46.94 4.44
CA ASP A 221 16.08 -48.12 4.25
C ASP A 221 16.12 -49.07 5.43
N LYS A 222 17.18 -49.04 6.23
CA LYS A 222 17.25 -49.84 7.44
C LYS A 222 16.24 -49.40 8.49
N ASP A 223 15.68 -48.20 8.35
CA ASP A 223 14.81 -47.62 9.36
C ASP A 223 13.51 -48.42 9.49
N LYS A 224 13.28 -48.99 10.67
CA LYS A 224 12.05 -49.71 10.95
C LYS A 224 10.86 -48.78 11.18
N GLU A 225 11.11 -47.50 11.44
CA GLU A 225 10.04 -46.51 11.54
C GLU A 225 9.69 -45.89 10.19
N GLN A 226 10.44 -46.21 9.14
CA GLN A 226 10.05 -45.93 7.75
C GLN A 226 9.85 -44.43 7.50
N TRP A 227 10.73 -43.61 8.06
CA TRP A 227 10.57 -42.16 7.85
C TRP A 227 10.73 -41.76 6.39
N LYS A 228 11.32 -42.62 5.56
CA LYS A 228 11.37 -42.34 4.13
C LYS A 228 9.97 -42.29 3.54
N GLU A 229 9.04 -43.06 4.12
CA GLU A 229 7.66 -43.05 3.65
C GLU A 229 7.06 -41.66 3.75
N VAL A 230 7.52 -40.86 4.71
CA VAL A 230 7.00 -39.51 4.86
C VAL A 230 7.30 -38.69 3.62
N HIS A 231 8.47 -38.89 3.00
CA HIS A 231 8.68 -38.21 1.74
C HIS A 231 7.97 -38.92 0.59
N LYS A 232 7.80 -40.25 0.68
CA LYS A 232 7.02 -40.92 -0.36
C LYS A 232 5.60 -40.38 -0.40
N GLN A 233 5.02 -40.13 0.78
CA GLN A 233 3.67 -39.58 0.86
C GLN A 233 3.60 -38.15 0.33
N VAL A 234 4.69 -37.39 0.38
CA VAL A 234 4.67 -36.03 -0.15
C VAL A 234 4.38 -36.05 -1.64
N VAL A 235 4.91 -37.04 -2.35
CA VAL A 235 4.64 -37.19 -3.78
C VAL A 235 3.30 -37.89 -3.99
N GLU A 236 3.09 -38.99 -3.27
CA GLU A 236 1.95 -39.85 -3.49
C GLU A 236 0.64 -39.19 -3.08
N SER A 237 0.65 -38.43 -1.98
CA SER A 237 -0.58 -37.78 -1.54
C SER A 237 -1.08 -36.75 -2.56
N ALA A 238 -0.18 -36.21 -3.40
CA ALA A 238 -0.62 -35.28 -4.43
C ALA A 238 -1.33 -36.03 -5.56
N TYR A 239 -0.76 -37.14 -5.99
CA TYR A 239 -1.42 -37.99 -6.98
C TYR A 239 -2.75 -38.50 -6.46
N GLU A 240 -2.84 -38.73 -5.15
CA GLU A 240 -4.06 -39.27 -4.58
C GLU A 240 -5.16 -38.23 -4.57
N VAL A 241 -4.84 -37.00 -4.16
CA VAL A 241 -5.81 -35.91 -4.23
C VAL A 241 -6.31 -35.75 -5.66
N ILE A 242 -5.39 -35.72 -6.63
CA ILE A 242 -5.77 -35.64 -8.03
C ILE A 242 -6.71 -36.79 -8.38
N LYS A 243 -6.39 -38.01 -7.98
CA LYS A 243 -7.27 -39.13 -8.28
C LYS A 243 -8.63 -38.94 -7.62
N LEU A 244 -8.65 -38.40 -6.40
CA LEU A 244 -9.88 -38.39 -5.61
C LEU A 244 -10.83 -37.24 -5.98
N LYS A 245 -10.31 -36.05 -6.27
CA LYS A 245 -11.20 -34.96 -6.66
C LYS A 245 -10.92 -34.43 -8.06
N GLY A 246 -9.90 -34.95 -8.75
CA GLY A 246 -9.63 -34.57 -10.12
C GLY A 246 -8.47 -33.61 -10.30
N TYR A 247 -8.11 -32.88 -9.25
CA TYR A 247 -7.13 -31.80 -9.27
C TYR A 247 -6.84 -31.44 -7.83
N THR A 248 -5.80 -30.66 -7.61
CA THR A 248 -5.57 -30.05 -6.30
C THR A 248 -5.72 -28.54 -6.46
N SER A 249 -6.14 -27.86 -5.38
CA SER A 249 -6.36 -26.42 -5.49
C SER A 249 -6.14 -25.67 -4.18
N TRP A 250 -6.73 -26.13 -3.08
CA TRP A 250 -6.72 -25.33 -1.86
C TRP A 250 -5.32 -25.19 -1.30
N ALA A 251 -4.54 -26.27 -1.29
CA ALA A 251 -3.22 -26.23 -0.68
C ALA A 251 -2.27 -25.37 -1.49
N ILE A 252 -2.34 -25.44 -2.83
CA ILE A 252 -1.47 -24.60 -3.63
C ILE A 252 -1.92 -23.15 -3.52
N GLY A 253 -3.24 -22.90 -3.44
CA GLY A 253 -3.69 -21.52 -3.26
C GLY A 253 -3.20 -20.90 -1.97
N LEU A 254 -3.28 -21.65 -0.86
CA LEU A 254 -2.79 -21.17 0.43
C LEU A 254 -1.28 -20.96 0.42
N SER A 255 -0.53 -21.83 -0.26
CA SER A 255 0.92 -21.71 -0.28
C SER A 255 1.36 -20.57 -1.19
N VAL A 256 0.68 -20.36 -2.30
CA VAL A 256 0.99 -19.21 -3.15
C VAL A 256 0.72 -17.92 -2.39
N ALA A 257 -0.37 -17.90 -1.62
CA ALA A 257 -0.68 -16.72 -0.82
C ALA A 257 0.40 -16.46 0.23
N ASP A 258 0.98 -17.52 0.79
CA ASP A 258 2.07 -17.36 1.76
C ASP A 258 3.30 -16.75 1.08
N LEU A 259 3.62 -17.22 -0.12
CA LEU A 259 4.69 -16.60 -0.91
C LEU A 259 4.35 -15.15 -1.22
N ALA A 260 3.14 -14.91 -1.72
CA ALA A 260 2.75 -13.53 -2.02
C ALA A 260 2.86 -12.65 -0.80
N GLU A 261 2.57 -13.18 0.39
CA GLU A 261 2.62 -12.34 1.59
C GLU A 261 4.06 -11.89 1.86
N SER A 262 5.04 -12.79 1.74
CA SER A 262 6.42 -12.38 1.97
C SER A 262 6.87 -11.36 0.95
N ILE A 263 6.49 -11.57 -0.32
CA ILE A 263 6.89 -10.67 -1.39
C ILE A 263 6.23 -9.30 -1.21
N MET A 264 4.92 -9.28 -0.99
CA MET A 264 4.19 -8.01 -0.99
C MET A 264 4.47 -7.21 0.26
N LYS A 265 4.72 -7.87 1.39
CA LYS A 265 5.07 -7.19 2.63
C LYS A 265 6.56 -7.03 2.85
N ASN A 266 7.41 -7.44 1.89
CA ASN A 266 8.86 -7.39 2.04
C ASN A 266 9.34 -8.06 3.33
N LEU A 267 8.84 -9.27 3.60
CA LEU A 267 9.08 -9.88 4.91
C LEU A 267 10.51 -10.42 5.06
N ARG A 268 11.14 -10.84 3.95
CA ARG A 268 12.42 -11.54 3.98
C ARG A 268 12.33 -12.83 4.79
N ARG A 269 11.18 -13.50 4.71
CA ARG A 269 11.05 -14.88 5.16
C ARG A 269 11.72 -15.83 4.17
N VAL A 270 12.11 -17.01 4.66
CA VAL A 270 12.78 -18.04 3.86
C VAL A 270 11.74 -19.09 3.46
N HIS A 271 11.61 -19.32 2.15
CA HIS A 271 10.68 -20.27 1.56
C HIS A 271 11.41 -21.10 0.52
N PRO A 272 11.05 -22.38 0.36
CA PRO A 272 11.64 -23.19 -0.69
C PRO A 272 10.88 -22.94 -1.99
N VAL A 273 11.51 -22.20 -2.90
CA VAL A 273 10.91 -21.88 -4.19
C VAL A 273 11.97 -22.11 -5.26
N SER A 274 11.49 -22.23 -6.49
CA SER A 274 12.36 -22.58 -7.61
C SER A 274 13.05 -21.33 -8.13
N THR A 275 14.38 -21.38 -8.22
CA THR A 275 15.18 -20.23 -8.64
C THR A 275 16.30 -20.71 -9.55
N MET A 276 16.79 -19.79 -10.39
CA MET A 276 17.87 -20.09 -11.34
C MET A 276 19.13 -20.42 -10.57
N ILE A 277 19.55 -21.68 -10.60
CA ILE A 277 20.48 -22.20 -9.61
C ILE A 277 21.88 -22.42 -10.19
N LYS A 278 22.13 -21.98 -11.43
CA LYS A 278 23.46 -22.18 -12.02
C LYS A 278 24.53 -21.52 -11.17
N GLY A 279 25.60 -22.25 -10.90
CA GLY A 279 26.68 -21.78 -10.05
C GLY A 279 26.57 -22.22 -8.61
N LEU A 280 25.44 -22.82 -8.21
CA LEU A 280 25.26 -23.34 -6.86
C LEU A 280 25.04 -24.84 -6.93
N TYR A 281 25.38 -25.49 -5.81
CA TYR A 281 25.19 -26.93 -5.64
C TYR A 281 25.85 -27.75 -6.75
N GLY A 282 26.89 -27.20 -7.37
CA GLY A 282 27.61 -27.90 -8.42
C GLY A 282 27.02 -27.80 -9.81
N ILE A 283 25.90 -27.09 -9.98
CA ILE A 283 25.17 -27.06 -11.24
C ILE A 283 25.76 -26.01 -12.16
N LYS A 284 25.87 -26.35 -13.45
CA LYS A 284 26.48 -25.48 -14.43
C LYS A 284 25.56 -25.09 -15.59
N ASP A 285 24.32 -25.60 -15.63
CA ASP A 285 23.39 -25.22 -16.68
C ASP A 285 22.34 -24.28 -16.12
N ASP A 286 21.73 -23.49 -17.01
CA ASP A 286 20.61 -22.65 -16.64
C ASP A 286 19.34 -23.49 -16.40
N VAL A 287 19.11 -23.90 -15.16
CA VAL A 287 17.88 -24.53 -14.75
C VAL A 287 17.38 -23.89 -13.46
N PHE A 288 16.09 -24.10 -13.17
CA PHE A 288 15.44 -23.61 -11.97
C PHE A 288 15.14 -24.79 -11.05
N LEU A 289 15.64 -24.74 -9.82
CA LEU A 289 15.31 -25.74 -8.82
C LEU A 289 15.05 -25.05 -7.49
N SER A 290 14.32 -25.74 -6.62
CA SER A 290 13.92 -25.16 -5.34
C SER A 290 15.07 -25.28 -4.34
N VAL A 291 15.46 -24.14 -3.78
CA VAL A 291 16.32 -24.07 -2.60
C VAL A 291 15.67 -23.04 -1.68
N PRO A 292 16.11 -22.92 -0.42
CA PRO A 292 15.52 -21.90 0.46
C PRO A 292 15.92 -20.52 -0.01
N CYS A 293 14.94 -19.67 -0.26
CA CYS A 293 15.15 -18.33 -0.77
C CYS A 293 14.57 -17.30 0.19
N ILE A 294 15.26 -16.17 0.32
CA ILE A 294 14.77 -15.03 1.10
C ILE A 294 13.90 -14.21 0.18
N LEU A 295 12.63 -14.02 0.55
CA LEU A 295 11.65 -13.40 -0.34
C LEU A 295 11.22 -12.05 0.22
N GLY A 296 11.16 -11.06 -0.66
CA GLY A 296 10.70 -9.75 -0.30
C GLY A 296 10.33 -8.94 -1.52
N GLN A 297 10.33 -7.62 -1.33
CA GLN A 297 9.84 -6.67 -2.34
C GLN A 297 10.54 -6.81 -3.68
N ASN A 298 11.78 -7.29 -3.70
CA ASN A 298 12.47 -7.49 -4.97
C ASN A 298 12.47 -8.96 -5.41
N GLY A 299 11.56 -9.76 -4.90
CA GLY A 299 11.54 -11.17 -5.28
C GLY A 299 12.56 -11.93 -4.45
N ILE A 300 13.34 -12.77 -5.11
CA ILE A 300 14.42 -13.51 -4.43
C ILE A 300 15.64 -12.62 -4.36
N SER A 301 15.97 -12.14 -3.15
CA SER A 301 17.17 -11.33 -2.96
C SER A 301 18.37 -12.14 -2.50
N ASP A 302 18.13 -13.27 -1.86
CA ASP A 302 19.19 -14.13 -1.32
C ASP A 302 18.66 -15.56 -1.31
N LEU A 303 19.59 -16.51 -1.21
CA LEU A 303 19.19 -17.89 -0.98
C LEU A 303 20.09 -18.51 0.07
N VAL A 304 19.55 -19.52 0.76
CA VAL A 304 20.27 -20.23 1.79
C VAL A 304 21.01 -21.39 1.14
N LYS A 305 22.31 -21.52 1.43
CA LYS A 305 23.14 -22.58 0.89
C LYS A 305 23.07 -23.76 1.84
N VAL A 306 22.13 -24.68 1.58
CA VAL A 306 21.99 -25.86 2.42
C VAL A 306 23.16 -26.81 2.16
N THR A 307 23.76 -27.33 3.23
CA THR A 307 24.72 -28.40 3.10
C THR A 307 23.98 -29.69 2.73
N LEU A 308 24.31 -30.27 1.59
CA LEU A 308 23.71 -31.51 1.15
C LEU A 308 24.70 -32.66 1.25
N THR A 309 24.20 -33.85 1.57
CA THR A 309 25.01 -35.06 1.48
C THR A 309 25.34 -35.35 0.03
N SER A 310 26.22 -36.34 -0.19
CA SER A 310 26.59 -36.69 -1.55
C SER A 310 25.39 -37.24 -2.32
N GLU A 311 24.54 -38.02 -1.66
CA GLU A 311 23.35 -38.57 -2.31
C GLU A 311 22.40 -37.45 -2.72
N GLU A 312 22.09 -36.54 -1.79
CA GLU A 312 21.20 -35.42 -2.11
C GLU A 312 21.78 -34.55 -3.20
N GLU A 313 23.08 -34.24 -3.12
CA GLU A 313 23.73 -33.41 -4.13
C GLU A 313 23.68 -34.07 -5.50
N ALA A 314 23.89 -35.39 -5.55
CA ALA A 314 23.85 -36.08 -6.84
C ALA A 314 22.44 -36.16 -7.42
N ARG A 315 21.41 -36.04 -6.58
CA ARG A 315 20.06 -35.96 -7.13
C ARG A 315 19.79 -34.59 -7.75
N LEU A 316 20.25 -33.51 -7.10
CA LEU A 316 20.09 -32.19 -7.70
C LEU A 316 20.79 -32.11 -9.04
N LYS A 317 21.99 -32.69 -9.15
CA LYS A 317 22.72 -32.65 -10.42
C LYS A 317 21.98 -33.43 -11.49
N LYS A 318 21.53 -34.64 -11.17
CA LYS A 318 20.78 -35.41 -12.15
C LYS A 318 19.53 -34.66 -12.61
N SER A 319 18.83 -34.00 -11.67
CA SER A 319 17.67 -33.20 -12.04
C SER A 319 18.06 -32.07 -12.99
N ALA A 320 19.15 -31.36 -12.68
CA ALA A 320 19.62 -30.27 -13.53
C ALA A 320 19.94 -30.75 -14.95
N ASP A 321 20.72 -31.84 -15.07
CA ASP A 321 21.00 -32.42 -16.38
C ASP A 321 19.72 -32.74 -17.13
N THR A 322 18.75 -33.36 -16.44
CA THR A 322 17.48 -33.70 -17.08
C THR A 322 16.74 -32.44 -17.52
N LEU A 323 16.61 -31.46 -16.64
CA LEU A 323 15.94 -30.22 -17.01
C LEU A 323 16.61 -29.57 -18.22
N TRP A 324 17.95 -29.52 -18.21
CA TRP A 324 18.71 -28.93 -19.32
C TRP A 324 18.40 -29.62 -20.64
N GLY A 325 18.29 -30.95 -20.62
CA GLY A 325 18.08 -31.69 -21.86
C GLY A 325 16.71 -31.48 -22.46
N ILE A 326 15.69 -31.31 -21.62
CA ILE A 326 14.36 -30.99 -22.13
C ILE A 326 14.34 -29.59 -22.71
N GLN A 327 14.88 -28.63 -21.96
CA GLN A 327 14.77 -27.23 -22.33
C GLN A 327 15.42 -26.96 -23.68
N LYS A 328 16.55 -27.60 -23.97
CA LYS A 328 17.20 -27.44 -25.27
C LYS A 328 16.34 -27.95 -26.42
N GLU A 329 15.34 -28.79 -26.14
CA GLU A 329 14.47 -29.29 -27.20
C GLU A 329 13.04 -28.74 -27.09
N LEU A 330 12.85 -27.68 -26.32
CA LEU A 330 11.58 -26.96 -26.32
C LEU A 330 11.68 -25.80 -27.29
N GLN A 331 10.58 -25.54 -28.02
CA GLN A 331 10.57 -24.54 -29.08
C GLN A 331 9.88 -23.28 -28.58
N PHE A 332 10.67 -22.25 -28.30
CA PHE A 332 10.13 -20.95 -27.87
C PHE A 332 11.15 -19.84 -28.06
N ALA B 2 11.55 -46.27 22.56
CA ALA B 2 12.52 -46.65 21.55
C ALA B 2 12.25 -45.90 20.25
N THR B 3 11.01 -45.46 20.07
CA THR B 3 10.64 -44.74 18.87
C THR B 3 11.11 -43.28 18.92
N LEU B 4 11.25 -42.69 17.73
CA LEU B 4 11.73 -41.32 17.66
C LEU B 4 10.82 -40.38 18.45
N LYS B 5 9.51 -40.61 18.38
CA LYS B 5 8.54 -39.67 18.94
C LYS B 5 8.64 -39.62 20.46
N ASP B 6 8.83 -40.77 21.10
CA ASP B 6 8.98 -40.82 22.56
C ASP B 6 10.39 -40.46 23.00
N GLN B 7 11.37 -40.59 22.10
CA GLN B 7 12.70 -40.07 22.38
C GLN B 7 12.69 -38.54 22.41
N LEU B 8 11.88 -37.93 21.52
CA LEU B 8 11.84 -36.48 21.36
C LEU B 8 10.85 -35.81 22.31
N ILE B 9 9.74 -36.47 22.63
CA ILE B 9 8.61 -35.83 23.30
C ILE B 9 8.20 -36.67 24.50
N TYR B 10 8.08 -36.02 25.65
CA TYR B 10 7.58 -36.65 26.87
C TYR B 10 6.13 -36.22 27.09
N ASN B 11 5.23 -37.20 27.06
CA ASN B 11 3.82 -36.93 27.27
C ASN B 11 3.55 -36.83 28.76
N LEU B 12 2.81 -35.80 29.18
CA LEU B 12 2.46 -35.70 30.59
C LEU B 12 0.96 -35.64 30.84
N LEU B 13 0.13 -35.83 29.80
CA LEU B 13 -1.32 -35.87 29.96
C LEU B 13 -1.95 -36.38 28.66
N LYS B 14 -2.52 -37.58 28.71
CA LYS B 14 -3.05 -38.23 27.52
C LYS B 14 -4.55 -38.04 27.37
N GLU B 15 -5.04 -36.82 27.57
CA GLU B 15 -6.47 -36.56 27.53
C GLU B 15 -7.01 -36.69 26.12
N GLU B 16 -8.12 -37.41 25.98
CA GLU B 16 -8.82 -37.46 24.70
C GLU B 16 -9.24 -36.06 24.30
N GLN B 17 -8.99 -35.71 23.03
CA GLN B 17 -9.19 -34.34 22.56
C GLN B 17 -10.68 -34.11 22.26
N THR B 18 -11.26 -33.10 22.92
CA THR B 18 -12.64 -32.70 22.71
C THR B 18 -12.69 -31.35 22.00
N PRO B 19 -13.40 -31.26 20.88
CA PRO B 19 -13.46 -29.97 20.17
C PRO B 19 -14.33 -28.97 20.92
N GLN B 20 -13.93 -27.71 20.85
CA GLN B 20 -14.58 -26.64 21.59
C GLN B 20 -15.23 -25.60 20.71
N ASN B 21 -14.82 -25.50 19.45
CA ASN B 21 -15.35 -24.51 18.54
C ASN B 21 -15.48 -25.21 17.19
N LYS B 22 -16.20 -26.32 17.17
CA LYS B 22 -16.24 -27.19 16.01
C LYS B 22 -17.32 -26.74 15.05
N ILE B 23 -17.01 -26.77 13.74
CA ILE B 23 -17.96 -26.46 12.68
C ILE B 23 -18.01 -27.65 11.73
N THR B 24 -19.22 -28.03 11.33
CA THR B 24 -19.41 -29.04 10.32
C THR B 24 -20.02 -28.39 9.08
N VAL B 25 -19.52 -28.79 7.91
CA VAL B 25 -20.09 -28.41 6.62
C VAL B 25 -20.55 -29.69 5.93
N VAL B 26 -21.84 -29.78 5.62
CA VAL B 26 -22.39 -30.96 4.94
C VAL B 26 -22.63 -30.62 3.46
N GLY B 27 -21.99 -31.37 2.56
CA GLY B 27 -22.06 -31.10 1.14
C GLY B 27 -20.82 -30.37 0.67
N VAL B 28 -19.91 -31.08 -0.02
CA VAL B 28 -18.64 -30.46 -0.39
C VAL B 28 -18.61 -30.11 -1.88
N GLY B 29 -19.72 -29.59 -2.41
CA GLY B 29 -19.71 -29.04 -3.75
C GLY B 29 -18.98 -27.71 -3.78
N ALA B 30 -19.18 -26.91 -4.82
CA ALA B 30 -18.48 -25.63 -4.88
C ALA B 30 -18.84 -24.74 -3.69
N VAL B 31 -20.11 -24.74 -3.29
CA VAL B 31 -20.56 -23.88 -2.21
C VAL B 31 -20.00 -24.33 -0.86
N GLY B 32 -20.13 -25.63 -0.54
CA GLY B 32 -19.59 -26.11 0.72
C GLY B 32 -18.10 -25.85 0.89
N MET B 33 -17.31 -26.06 -0.17
CA MET B 33 -15.88 -25.83 -0.05
C MET B 33 -15.55 -24.34 0.07
N ALA B 34 -16.34 -23.48 -0.55
CA ALA B 34 -16.11 -22.05 -0.38
C ALA B 34 -16.43 -21.60 1.03
N CYS B 35 -17.51 -22.13 1.62
CA CYS B 35 -17.75 -21.91 3.03
C CYS B 35 -16.58 -22.44 3.86
N ALA B 36 -16.08 -23.62 3.50
CA ALA B 36 -15.00 -24.25 4.25
C ALA B 36 -13.74 -23.39 4.22
N ILE B 37 -13.29 -22.97 3.04
CA ILE B 37 -12.05 -22.20 2.95
C ILE B 37 -12.19 -20.86 3.65
N SER B 38 -13.37 -20.25 3.55
CA SER B 38 -13.60 -18.94 4.16
C SER B 38 -13.60 -19.03 5.68
N ILE B 39 -14.22 -20.08 6.22
CA ILE B 39 -14.23 -20.30 7.66
C ILE B 39 -12.83 -20.59 8.17
N LEU B 40 -12.06 -21.38 7.41
CA LEU B 40 -10.67 -21.68 7.74
C LEU B 40 -9.81 -20.42 7.72
N MET B 41 -9.97 -19.59 6.69
CA MET B 41 -9.13 -18.39 6.62
C MET B 41 -9.56 -17.30 7.58
N LYS B 42 -10.75 -17.39 8.18
CA LYS B 42 -11.14 -16.43 9.22
C LYS B 42 -10.93 -16.98 10.63
N ASP B 43 -10.38 -18.18 10.77
CA ASP B 43 -9.99 -18.74 12.07
C ASP B 43 -11.19 -18.91 13.00
N LEU B 44 -12.32 -19.31 12.44
CA LEU B 44 -13.55 -19.39 13.22
C LEU B 44 -13.74 -20.71 13.95
N ALA B 45 -12.90 -21.71 13.69
CA ALA B 45 -13.11 -23.03 14.26
C ALA B 45 -11.80 -23.62 14.73
N ASP B 46 -11.86 -24.44 15.78
CA ASP B 46 -10.72 -25.28 16.16
C ASP B 46 -10.82 -26.68 15.59
N GLU B 47 -11.96 -27.04 15.00
CA GLU B 47 -12.11 -28.30 14.27
C GLU B 47 -13.17 -28.11 13.19
N LEU B 48 -12.88 -28.63 12.00
CA LEU B 48 -13.77 -28.58 10.86
C LEU B 48 -14.05 -30.00 10.42
N ALA B 49 -15.32 -30.35 10.30
CA ALA B 49 -15.74 -31.64 9.78
C ALA B 49 -16.48 -31.46 8.46
N LEU B 50 -16.26 -32.39 7.54
CA LEU B 50 -16.82 -32.34 6.20
C LEU B 50 -17.58 -33.62 5.94
N VAL B 51 -18.80 -33.51 5.40
CA VAL B 51 -19.64 -34.66 5.12
C VAL B 51 -20.19 -34.55 3.71
N ASP B 52 -20.27 -35.68 3.02
CA ASP B 52 -20.92 -35.76 1.73
C ASP B 52 -21.33 -37.22 1.55
N VAL B 53 -21.93 -37.53 0.40
CA VAL B 53 -22.21 -38.91 0.04
C VAL B 53 -21.26 -39.43 -1.02
N ILE B 54 -20.54 -38.55 -1.72
CA ILE B 54 -19.57 -38.97 -2.73
C ILE B 54 -18.23 -39.13 -2.01
N GLU B 55 -17.81 -40.38 -1.80
CA GLU B 55 -16.77 -40.63 -0.80
C GLU B 55 -15.39 -40.18 -1.28
N ASP B 56 -15.06 -40.38 -2.56
CA ASP B 56 -13.72 -40.05 -3.01
C ASP B 56 -13.52 -38.55 -3.11
N LYS B 57 -14.51 -37.83 -3.66
CA LYS B 57 -14.42 -36.37 -3.69
C LYS B 57 -14.34 -35.80 -2.27
N LEU B 58 -15.08 -36.40 -1.34
CA LEU B 58 -15.06 -35.93 0.04
C LEU B 58 -13.67 -36.10 0.64
N LYS B 59 -13.08 -37.27 0.47
CA LYS B 59 -11.75 -37.52 1.01
C LYS B 59 -10.69 -36.65 0.36
N GLY B 60 -10.86 -36.32 -0.93
CA GLY B 60 -9.87 -35.55 -1.65
C GLY B 60 -9.88 -34.09 -1.25
N GLU B 61 -11.09 -33.55 -1.09
CA GLU B 61 -11.23 -32.20 -0.58
C GLU B 61 -10.70 -32.08 0.84
N MET B 62 -10.97 -33.07 1.68
CA MET B 62 -10.41 -33.08 3.02
C MET B 62 -8.89 -33.06 2.99
N MET B 63 -8.28 -33.94 2.18
CA MET B 63 -6.82 -34.03 2.09
C MET B 63 -6.23 -32.73 1.56
N ASP B 64 -6.86 -32.14 0.54
CA ASP B 64 -6.36 -30.91 -0.04
C ASP B 64 -6.29 -29.80 1.00
N LEU B 65 -7.31 -29.69 1.86
CA LEU B 65 -7.28 -28.72 2.97
C LEU B 65 -6.18 -29.07 3.97
N GLN B 66 -6.08 -30.35 4.35
CA GLN B 66 -5.07 -30.74 5.33
C GLN B 66 -3.66 -30.42 4.84
N HIS B 67 -3.41 -30.50 3.54
CA HIS B 67 -2.09 -30.17 3.00
C HIS B 67 -1.76 -28.69 3.15
N GLY B 68 -2.78 -27.84 3.33
CA GLY B 68 -2.54 -26.45 3.66
C GLY B 68 -2.54 -26.13 5.15
N SER B 69 -2.44 -27.16 6.02
CA SER B 69 -2.48 -26.95 7.47
C SER B 69 -1.45 -25.94 7.95
N LEU B 70 -0.24 -25.99 7.38
CA LEU B 70 0.81 -25.06 7.77
C LEU B 70 0.34 -23.61 7.80
N PHE B 71 -0.60 -23.26 6.92
CA PHE B 71 -1.02 -21.89 6.65
C PHE B 71 -2.33 -21.54 7.34
N LEU B 72 -2.81 -22.41 8.22
CA LEU B 72 -4.11 -22.26 8.85
C LEU B 72 -3.92 -22.31 10.36
N ARG B 73 -5.01 -22.06 11.09
CA ARG B 73 -5.00 -22.11 12.55
C ARG B 73 -6.13 -22.99 13.06
N THR B 74 -6.54 -23.96 12.25
CA THR B 74 -7.59 -24.93 12.58
C THR B 74 -6.89 -26.28 12.58
N PRO B 75 -6.46 -26.75 13.75
CA PRO B 75 -5.52 -27.88 13.80
C PRO B 75 -6.12 -29.24 13.48
N LYS B 76 -7.44 -29.37 13.34
CA LYS B 76 -8.04 -30.67 13.06
C LYS B 76 -9.09 -30.53 11.98
N ILE B 77 -8.86 -31.19 10.86
CA ILE B 77 -9.78 -31.27 9.74
C ILE B 77 -10.08 -32.74 9.50
N VAL B 78 -11.35 -33.13 9.64
CA VAL B 78 -11.79 -34.50 9.47
C VAL B 78 -12.93 -34.53 8.45
N SER B 79 -13.24 -35.74 7.97
CA SER B 79 -14.36 -35.94 7.05
C SER B 79 -14.80 -37.39 7.07
N GLY B 80 -15.98 -37.64 6.52
CA GLY B 80 -16.50 -38.99 6.39
C GLY B 80 -17.97 -38.98 6.07
N LYS B 81 -18.44 -40.09 5.49
CA LYS B 81 -19.86 -40.21 5.19
C LYS B 81 -20.68 -40.48 6.43
N ASP B 82 -20.07 -41.06 7.47
CA ASP B 82 -20.75 -41.30 8.73
C ASP B 82 -20.72 -40.03 9.58
N TYR B 83 -21.79 -39.77 10.29
CA TYR B 83 -21.93 -38.50 11.00
C TYR B 83 -21.30 -38.51 12.39
N ASN B 84 -20.65 -39.59 12.79
CA ASN B 84 -19.89 -39.55 14.03
C ASN B 84 -18.80 -38.48 13.98
N VAL B 85 -18.34 -38.15 12.77
CA VAL B 85 -17.32 -37.12 12.61
C VAL B 85 -17.83 -35.72 12.94
N THR B 86 -19.14 -35.52 13.00
CA THR B 86 -19.74 -34.20 13.24
C THR B 86 -20.10 -33.96 14.70
N ALA B 87 -19.76 -34.89 15.60
CA ALA B 87 -20.27 -34.84 16.97
C ALA B 87 -19.83 -33.56 17.68
N ASN B 88 -20.74 -33.00 18.47
CA ASN B 88 -20.51 -31.80 19.29
C ASN B 88 -20.11 -30.58 18.47
N SER B 89 -20.58 -30.47 17.22
CA SER B 89 -20.40 -29.23 16.48
C SER B 89 -21.20 -28.11 17.13
N LYS B 90 -20.58 -26.94 17.26
CA LYS B 90 -21.33 -25.75 17.65
C LYS B 90 -22.27 -25.31 16.55
N LEU B 91 -21.88 -25.53 15.29
CA LEU B 91 -22.54 -24.95 14.13
C LEU B 91 -22.46 -25.96 12.99
N VAL B 92 -23.60 -26.33 12.43
CA VAL B 92 -23.65 -27.24 11.29
C VAL B 92 -24.23 -26.46 10.11
N ILE B 93 -23.50 -26.45 8.99
CA ILE B 93 -23.87 -25.69 7.81
C ILE B 93 -24.24 -26.68 6.72
N ILE B 94 -25.44 -26.50 6.14
CA ILE B 94 -25.99 -27.44 5.19
C ILE B 94 -25.91 -26.84 3.80
N THR B 95 -25.04 -27.39 2.97
CA THR B 95 -24.88 -26.95 1.58
C THR B 95 -25.08 -28.09 0.59
N ALA B 96 -25.78 -29.13 1.00
CA ALA B 96 -26.01 -30.29 0.17
C ALA B 96 -27.22 -30.08 -0.71
N GLY B 97 -27.19 -30.67 -1.90
CA GLY B 97 -28.35 -30.65 -2.78
C GLY B 97 -28.14 -31.58 -3.94
N ALA B 98 -29.25 -31.92 -4.59
CA ALA B 98 -29.20 -32.74 -5.79
C ALA B 98 -28.68 -31.92 -6.97
N ARG B 99 -28.11 -32.62 -7.94
CA ARG B 99 -27.71 -31.99 -9.19
C ARG B 99 -28.93 -31.91 -10.09
N GLN B 100 -29.33 -30.70 -10.46
CA GLN B 100 -30.45 -30.54 -11.37
C GLN B 100 -30.10 -31.14 -12.73
N GLN B 101 -31.00 -31.95 -13.28
CA GLN B 101 -30.79 -32.47 -14.62
C GLN B 101 -31.38 -31.51 -15.64
N GLU B 102 -30.86 -31.59 -16.87
CA GLU B 102 -31.31 -30.70 -17.92
C GLU B 102 -32.78 -30.96 -18.23
N GLY B 103 -33.57 -29.90 -18.23
CA GLY B 103 -35.01 -30.02 -18.41
C GLY B 103 -35.80 -30.33 -17.16
N GLU B 104 -35.14 -30.46 -16.00
CA GLU B 104 -35.83 -30.85 -14.78
C GLU B 104 -36.58 -29.67 -14.15
N SER B 105 -37.76 -29.96 -13.61
CA SER B 105 -38.59 -28.96 -12.96
C SER B 105 -38.07 -28.63 -11.57
N ARG B 106 -38.07 -27.33 -11.23
CA ARG B 106 -37.81 -26.93 -9.86
C ARG B 106 -38.75 -27.60 -8.88
N LEU B 107 -40.00 -27.86 -9.30
CA LEU B 107 -40.94 -28.59 -8.45
C LEU B 107 -40.37 -29.97 -8.11
N ASN B 108 -39.90 -30.69 -9.12
CA ASN B 108 -39.25 -31.98 -8.86
C ASN B 108 -38.00 -31.79 -8.03
N LEU B 109 -37.27 -30.69 -8.26
CA LEU B 109 -35.98 -30.53 -7.62
C LEU B 109 -36.12 -30.28 -6.11
N VAL B 110 -37.09 -29.47 -5.68
CA VAL B 110 -37.21 -29.18 -4.26
C VAL B 110 -37.58 -30.45 -3.47
N GLN B 111 -38.43 -31.31 -4.04
CA GLN B 111 -38.72 -32.58 -3.36
C GLN B 111 -37.48 -33.46 -3.25
N ARG B 112 -36.65 -33.47 -4.30
CA ARG B 112 -35.41 -34.23 -4.23
C ARG B 112 -34.50 -33.66 -3.14
N ASN B 113 -34.48 -32.34 -2.96
CA ASN B 113 -33.68 -31.76 -1.89
C ASN B 113 -34.32 -32.00 -0.53
N VAL B 114 -35.64 -32.03 -0.46
CA VAL B 114 -36.30 -32.43 0.78
C VAL B 114 -35.91 -33.86 1.15
N ASN B 115 -35.95 -34.77 0.17
CA ASN B 115 -35.54 -36.15 0.42
C ASN B 115 -34.10 -36.23 0.94
N ILE B 116 -33.21 -35.38 0.43
CA ILE B 116 -31.85 -35.32 0.96
C ILE B 116 -31.86 -34.86 2.41
N PHE B 117 -32.59 -33.77 2.67
CA PHE B 117 -32.69 -33.27 4.05
C PHE B 117 -33.28 -34.31 4.99
N LYS B 118 -34.18 -35.18 4.49
CA LYS B 118 -34.75 -36.24 5.30
C LYS B 118 -33.67 -37.12 5.91
N PHE B 119 -32.63 -37.40 5.13
CA PHE B 119 -31.52 -38.23 5.61
C PHE B 119 -30.55 -37.40 6.45
N ILE B 120 -30.30 -36.16 6.06
CA ILE B 120 -29.22 -35.38 6.68
C ILE B 120 -29.59 -34.95 8.09
N ILE B 121 -30.78 -34.35 8.25
CA ILE B 121 -31.09 -33.61 9.47
C ILE B 121 -31.12 -34.53 10.70
N PRO B 122 -31.83 -35.66 10.70
CA PRO B 122 -31.76 -36.54 11.88
C PRO B 122 -30.34 -36.99 12.22
N ASN B 123 -29.48 -37.15 11.21
CA ASN B 123 -28.10 -37.52 11.50
C ASN B 123 -27.35 -36.37 12.17
N VAL B 124 -27.59 -35.14 11.70
CA VAL B 124 -26.96 -33.99 12.33
C VAL B 124 -27.42 -33.84 13.78
N VAL B 125 -28.73 -34.02 14.01
CA VAL B 125 -29.31 -33.87 15.34
C VAL B 125 -28.78 -34.93 16.29
N LYS B 126 -28.66 -36.18 15.81
CA LYS B 126 -28.19 -37.26 16.66
C LYS B 126 -26.83 -36.93 17.28
N TYR B 127 -25.92 -36.36 16.50
CA TYR B 127 -24.56 -36.18 16.97
C TYR B 127 -24.26 -34.77 17.48
N SER B 128 -25.12 -33.79 17.20
CA SER B 128 -24.95 -32.43 17.73
C SER B 128 -26.31 -31.88 18.11
N PRO B 129 -26.90 -32.38 19.21
CA PRO B 129 -28.26 -31.95 19.57
C PRO B 129 -28.38 -30.48 19.95
N ASN B 130 -27.28 -29.84 20.36
CA ASN B 130 -27.29 -28.43 20.78
C ASN B 130 -26.72 -27.49 19.72
N CYS B 131 -26.39 -27.98 18.53
CA CYS B 131 -25.76 -27.16 17.52
C CYS B 131 -26.76 -26.14 16.96
N LYS B 132 -26.21 -25.11 16.32
CA LYS B 132 -27.01 -24.26 15.45
C LYS B 132 -26.93 -24.79 14.03
N LEU B 133 -28.08 -24.79 13.36
CA LEU B 133 -28.19 -25.22 11.97
C LEU B 133 -28.24 -23.97 11.11
N LEU B 134 -27.31 -23.87 10.14
CA LEU B 134 -27.31 -22.83 9.13
C LEU B 134 -27.59 -23.50 7.78
N ILE B 135 -28.73 -23.19 7.20
CA ILE B 135 -29.18 -23.82 5.96
C ILE B 135 -28.84 -22.91 4.80
N VAL B 136 -28.06 -23.43 3.85
CA VAL B 136 -27.69 -22.68 2.66
C VAL B 136 -28.37 -23.21 1.40
N SER B 137 -28.58 -24.52 1.32
CA SER B 137 -29.16 -25.15 0.14
C SER B 137 -30.45 -24.47 -0.30
N ASN B 138 -30.65 -24.42 -1.62
CA ASN B 138 -31.88 -23.85 -2.17
C ASN B 138 -32.91 -24.91 -2.53
N PRO B 139 -34.21 -24.54 -2.48
CA PRO B 139 -34.69 -23.21 -2.09
C PRO B 139 -34.60 -22.98 -0.58
N VAL B 140 -33.80 -21.97 -0.20
CA VAL B 140 -33.29 -21.91 1.17
C VAL B 140 -34.40 -21.61 2.17
N ASP B 141 -35.36 -20.76 1.80
CA ASP B 141 -36.44 -20.45 2.73
C ASP B 141 -37.29 -21.69 3.00
N ILE B 142 -37.65 -22.42 1.95
CA ILE B 142 -38.41 -23.67 2.11
C ILE B 142 -37.57 -24.71 2.83
N LEU B 143 -36.29 -24.83 2.46
CA LEU B 143 -35.47 -25.87 3.08
C LEU B 143 -35.16 -25.56 4.54
N THR B 144 -35.07 -24.28 4.91
CA THR B 144 -34.89 -23.97 6.32
C THR B 144 -36.11 -24.37 7.13
N TYR B 145 -37.31 -24.15 6.58
CA TYR B 145 -38.52 -24.67 7.22
C TYR B 145 -38.46 -26.17 7.36
N VAL B 146 -38.05 -26.88 6.30
CA VAL B 146 -37.90 -28.33 6.37
C VAL B 146 -36.94 -28.71 7.49
N ALA B 147 -35.76 -28.09 7.51
CA ALA B 147 -34.77 -28.39 8.53
C ALA B 147 -35.34 -28.17 9.92
N TRP B 148 -36.09 -27.08 10.11
CA TRP B 148 -36.69 -26.78 11.42
C TRP B 148 -37.67 -27.87 11.83
N LYS B 149 -38.48 -28.35 10.88
CA LYS B 149 -39.51 -29.33 11.19
C LYS B 149 -38.90 -30.68 11.51
N ILE B 150 -37.91 -31.12 10.72
CA ILE B 150 -37.33 -32.46 10.91
C ILE B 150 -36.49 -32.49 12.18
N SER B 151 -35.76 -31.40 12.45
CA SER B 151 -34.87 -31.40 13.59
C SER B 151 -35.63 -31.27 14.91
N GLY B 152 -36.79 -30.62 14.91
CA GLY B 152 -37.44 -30.34 16.17
C GLY B 152 -36.74 -29.29 17.00
N PHE B 153 -35.75 -28.59 16.43
CA PHE B 153 -35.05 -27.54 17.16
C PHE B 153 -35.96 -26.34 17.40
N PRO B 154 -35.76 -25.61 18.50
CA PRO B 154 -36.40 -24.30 18.64
C PRO B 154 -35.98 -23.37 17.51
N LYS B 155 -36.85 -22.40 17.21
CA LYS B 155 -36.63 -21.58 16.02
C LYS B 155 -35.35 -20.77 16.11
N ASN B 156 -34.91 -20.38 17.32
CA ASN B 156 -33.68 -19.59 17.41
C ASN B 156 -32.46 -20.33 16.85
N ARG B 157 -32.47 -21.66 16.85
CA ARG B 157 -31.33 -22.44 16.43
C ARG B 157 -31.40 -22.95 14.99
N VAL B 158 -32.37 -22.48 14.19
CA VAL B 158 -32.47 -22.85 12.79
C VAL B 158 -32.49 -21.57 11.95
N ILE B 159 -31.47 -21.40 11.13
CA ILE B 159 -31.18 -20.15 10.45
C ILE B 159 -30.98 -20.45 8.98
N GLY B 160 -31.69 -19.74 8.11
CA GLY B 160 -31.45 -19.81 6.68
C GLY B 160 -30.58 -18.66 6.21
N SER B 161 -29.61 -18.99 5.34
CA SER B 161 -28.76 -17.97 4.74
C SER B 161 -29.59 -16.82 4.16
N GLY B 162 -30.73 -17.15 3.57
CA GLY B 162 -31.70 -16.13 3.21
C GLY B 162 -31.12 -15.01 2.36
N CYS B 163 -31.45 -13.77 2.73
CA CYS B 163 -31.09 -12.57 1.96
C CYS B 163 -29.78 -11.92 2.41
N ASN B 164 -28.94 -12.65 3.15
CA ASN B 164 -27.65 -12.08 3.54
C ASN B 164 -26.81 -11.81 2.31
N LEU B 165 -26.74 -12.79 1.41
CA LEU B 165 -26.02 -12.61 0.16
C LEU B 165 -26.70 -11.58 -0.72
N ASP B 166 -28.04 -11.65 -0.81
CA ASP B 166 -28.80 -10.67 -1.60
C ASP B 166 -28.49 -9.25 -1.15
N SER B 167 -28.40 -9.04 0.17
CA SER B 167 -28.11 -7.70 0.66
C SER B 167 -26.67 -7.32 0.39
N ALA B 168 -25.75 -8.29 0.39
CA ALA B 168 -24.36 -7.98 0.07
C ALA B 168 -24.21 -7.56 -1.38
N ARG B 169 -24.89 -8.26 -2.30
CA ARG B 169 -24.90 -7.82 -3.69
C ARG B 169 -25.44 -6.42 -3.83
N PHE B 170 -26.55 -6.16 -3.15
CA PHE B 170 -27.18 -4.84 -3.17
C PHE B 170 -26.18 -3.75 -2.77
N ARG B 171 -25.42 -3.98 -1.69
CA ARG B 171 -24.49 -2.97 -1.20
C ARG B 171 -23.29 -2.83 -2.13
N TYR B 172 -22.89 -3.92 -2.79
CA TYR B 172 -21.88 -3.84 -3.82
C TYR B 172 -22.33 -2.94 -4.96
N LEU B 173 -23.54 -3.18 -5.48
CA LEU B 173 -24.04 -2.38 -6.59
C LEU B 173 -24.21 -0.92 -6.19
N MET B 174 -24.80 -0.69 -5.01
CA MET B 174 -24.92 0.69 -4.50
C MET B 174 -23.55 1.34 -4.34
N GLY B 175 -22.57 0.59 -3.83
CA GLY B 175 -21.23 1.14 -3.73
C GLY B 175 -20.64 1.47 -5.09
N GLU B 176 -20.96 0.65 -6.12
CA GLU B 176 -20.47 0.94 -7.46
C GLU B 176 -21.07 2.23 -7.99
N ARG B 177 -22.35 2.50 -7.67
CA ARG B 177 -22.98 3.73 -8.16
C ARG B 177 -22.42 4.95 -7.43
N LEU B 178 -22.13 4.83 -6.14
CA LEU B 178 -21.78 6.01 -5.34
C LEU B 178 -20.27 6.24 -5.22
N GLY B 179 -19.44 5.30 -5.63
CA GLY B 179 -18.00 5.47 -5.43
C GLY B 179 -17.58 5.33 -3.99
N VAL B 180 -18.22 4.42 -3.24
CA VAL B 180 -18.01 4.23 -1.81
C VAL B 180 -17.90 2.73 -1.53
N HIS B 181 -17.09 2.37 -0.53
CA HIS B 181 -16.95 0.96 -0.18
C HIS B 181 -18.30 0.41 0.27
N PRO B 182 -18.64 -0.84 -0.11
CA PRO B 182 -19.93 -1.42 0.31
C PRO B 182 -20.13 -1.42 1.82
N LEU B 183 -19.04 -1.48 2.60
CA LEU B 183 -19.18 -1.38 4.07
C LEU B 183 -19.91 -0.09 4.48
N SER B 184 -19.70 1.00 3.75
CA SER B 184 -20.31 2.28 4.11
C SER B 184 -21.62 2.53 3.38
N CYS B 185 -22.06 1.61 2.51
CA CYS B 185 -23.36 1.70 1.85
C CYS B 185 -24.33 0.75 2.56
N HIS B 186 -25.32 1.30 3.22
CA HIS B 186 -26.26 0.50 3.98
C HIS B 186 -27.57 0.39 3.22
N GLY B 187 -28.12 -0.82 3.21
CA GLY B 187 -29.36 -1.12 2.52
C GLY B 187 -29.76 -2.57 2.76
N TRP B 188 -31.06 -2.82 2.81
CA TRP B 188 -31.57 -4.11 3.27
C TRP B 188 -32.49 -4.73 2.23
N VAL B 189 -32.20 -5.97 1.86
CA VAL B 189 -33.07 -6.78 1.03
C VAL B 189 -33.61 -7.89 1.91
N LEU B 190 -34.94 -8.02 1.96
CA LEU B 190 -35.63 -8.85 2.93
C LEU B 190 -36.60 -9.79 2.22
N GLY B 191 -37.19 -10.69 2.99
CA GLY B 191 -38.17 -11.62 2.44
C GLY B 191 -37.52 -12.88 1.88
N GLU B 192 -37.94 -13.26 0.66
CA GLU B 192 -37.44 -14.46 0.01
C GLU B 192 -36.08 -14.24 -0.62
N HIS B 193 -35.23 -15.25 -0.53
CA HIS B 193 -33.98 -15.23 -1.29
C HIS B 193 -34.29 -15.30 -2.78
N GLY B 194 -33.56 -14.52 -3.57
CA GLY B 194 -33.74 -14.59 -5.02
C GLY B 194 -34.78 -13.67 -5.66
N ASP B 195 -35.57 -14.23 -6.59
CA ASP B 195 -36.44 -13.44 -7.45
C ASP B 195 -37.41 -12.55 -6.68
N SER B 196 -37.97 -13.04 -5.58
CA SER B 196 -39.06 -12.35 -4.90
C SER B 196 -38.58 -11.51 -3.70
N SER B 197 -37.29 -11.22 -3.62
CA SER B 197 -36.79 -10.44 -2.49
C SER B 197 -37.32 -9.00 -2.53
N VAL B 198 -37.38 -8.38 -1.36
CA VAL B 198 -38.00 -7.07 -1.19
C VAL B 198 -36.96 -6.03 -0.79
N PRO B 199 -36.62 -5.08 -1.65
CA PRO B 199 -35.71 -4.00 -1.24
C PRO B 199 -36.45 -3.02 -0.34
N VAL B 200 -35.85 -2.65 0.77
CA VAL B 200 -36.48 -1.70 1.70
C VAL B 200 -35.83 -0.34 1.43
N TRP B 201 -36.47 0.41 0.53
CA TRP B 201 -35.90 1.66 0.05
C TRP B 201 -35.69 2.64 1.20
N SER B 202 -36.64 2.69 2.15
CA SER B 202 -36.56 3.63 3.26
C SER B 202 -35.26 3.51 4.04
N GLY B 203 -34.64 2.33 4.05
CA GLY B 203 -33.45 2.13 4.83
C GLY B 203 -32.13 2.34 4.11
N MET B 204 -32.16 2.63 2.81
CA MET B 204 -30.91 2.82 2.06
C MET B 204 -30.26 4.13 2.47
N ASN B 205 -29.00 4.07 2.88
CA ASN B 205 -28.39 5.28 3.40
C ASN B 205 -26.87 5.18 3.36
N VAL B 206 -26.23 6.35 3.32
CA VAL B 206 -24.80 6.51 3.58
C VAL B 206 -24.66 7.57 4.68
N ALA B 207 -23.84 7.26 5.68
CA ALA B 207 -23.64 8.14 6.84
C ALA B 207 -24.95 8.50 7.53
N GLY B 208 -25.94 7.61 7.45
CA GLY B 208 -27.24 7.92 8.03
C GLY B 208 -28.08 8.86 7.22
N VAL B 209 -27.72 9.13 5.97
CA VAL B 209 -28.49 10.01 5.09
C VAL B 209 -29.38 9.11 4.24
N SER B 210 -30.69 9.20 4.45
CA SER B 210 -31.65 8.38 3.73
C SER B 210 -31.69 8.80 2.26
N LEU B 211 -31.30 7.90 1.36
CA LEU B 211 -31.36 8.22 -0.05
C LEU B 211 -32.78 8.53 -0.48
N LYS B 212 -33.75 7.78 0.03
CA LYS B 212 -35.16 7.96 -0.34
C LYS B 212 -35.65 9.35 0.03
N THR B 213 -35.34 9.81 1.22
CA THR B 213 -35.69 11.16 1.62
C THR B 213 -34.98 12.19 0.73
N LEU B 214 -33.68 11.99 0.52
CA LEU B 214 -32.92 12.91 -0.32
C LEU B 214 -33.49 12.98 -1.73
N HIS B 215 -34.06 11.88 -2.20
CA HIS B 215 -34.42 11.71 -3.60
C HIS B 215 -35.74 10.95 -3.64
N PRO B 216 -36.86 11.63 -3.37
CA PRO B 216 -38.13 10.90 -3.12
C PRO B 216 -38.56 9.93 -4.20
N ASP B 217 -38.13 10.11 -5.45
CA ASP B 217 -38.53 9.21 -6.53
C ASP B 217 -37.80 7.87 -6.50
N LEU B 218 -36.96 7.63 -5.50
CA LEU B 218 -36.21 6.39 -5.39
C LEU B 218 -37.13 5.18 -5.32
N GLY B 219 -36.89 4.21 -6.20
CA GLY B 219 -37.67 2.99 -6.23
C GLY B 219 -38.96 3.05 -7.02
N THR B 220 -39.27 4.18 -7.64
CA THR B 220 -40.48 4.34 -8.44
C THR B 220 -40.14 4.39 -9.91
N ASP B 221 -41.18 4.47 -10.75
CA ASP B 221 -40.99 4.67 -12.19
C ASP B 221 -40.81 6.13 -12.57
N LYS B 222 -40.95 7.06 -11.62
CA LYS B 222 -40.61 8.46 -11.83
C LYS B 222 -39.16 8.75 -11.51
N ASP B 223 -38.37 7.71 -11.20
CA ASP B 223 -36.96 7.84 -10.86
C ASP B 223 -36.14 7.94 -12.14
N LYS B 224 -35.61 9.14 -12.42
CA LYS B 224 -34.88 9.36 -13.66
C LYS B 224 -33.62 8.49 -13.75
N GLU B 225 -33.01 8.17 -12.62
CA GLU B 225 -31.79 7.37 -12.60
C GLU B 225 -32.06 5.88 -12.45
N GLN B 226 -33.33 5.48 -12.36
CA GLN B 226 -33.74 4.07 -12.31
C GLN B 226 -32.99 3.33 -11.21
N TRP B 227 -33.22 3.76 -9.97
CA TRP B 227 -32.56 3.08 -8.87
C TRP B 227 -33.25 1.77 -8.50
N LYS B 228 -34.51 1.59 -8.88
CA LYS B 228 -35.13 0.27 -8.76
C LYS B 228 -34.34 -0.77 -9.53
N GLU B 229 -33.70 -0.39 -10.65
CA GLU B 229 -32.85 -1.30 -11.40
C GLU B 229 -31.75 -1.90 -10.56
N VAL B 230 -31.37 -1.26 -9.45
CA VAL B 230 -30.37 -1.85 -8.57
C VAL B 230 -30.90 -3.15 -7.99
N HIS B 231 -32.18 -3.19 -7.63
CA HIS B 231 -32.71 -4.44 -7.10
C HIS B 231 -32.95 -5.46 -8.21
N LYS B 232 -33.46 -5.01 -9.38
CA LYS B 232 -33.51 -5.89 -10.53
C LYS B 232 -32.13 -6.49 -10.82
N GLN B 233 -31.08 -5.67 -10.75
CA GLN B 233 -29.74 -6.21 -10.95
C GLN B 233 -29.30 -7.13 -9.82
N VAL B 234 -29.77 -6.90 -8.59
CA VAL B 234 -29.43 -7.83 -7.51
C VAL B 234 -29.87 -9.23 -7.88
N VAL B 235 -31.07 -9.36 -8.43
CA VAL B 235 -31.55 -10.67 -8.86
C VAL B 235 -30.84 -11.11 -10.14
N GLU B 236 -30.77 -10.21 -11.12
CA GLU B 236 -30.24 -10.61 -12.43
C GLU B 236 -28.76 -10.94 -12.38
N SER B 237 -27.98 -10.28 -11.49
CA SER B 237 -26.56 -10.58 -11.44
C SER B 237 -26.30 -11.98 -10.91
N ALA B 238 -27.21 -12.50 -10.09
CA ALA B 238 -27.07 -13.88 -9.64
C ALA B 238 -27.23 -14.84 -10.81
N TYR B 239 -28.26 -14.63 -11.63
CA TYR B 239 -28.45 -15.45 -12.83
C TYR B 239 -27.29 -15.29 -13.81
N GLU B 240 -26.73 -14.08 -13.91
CA GLU B 240 -25.62 -13.88 -14.84
C GLU B 240 -24.40 -14.68 -14.42
N VAL B 241 -24.07 -14.67 -13.13
CA VAL B 241 -22.96 -15.49 -12.66
C VAL B 241 -23.22 -16.96 -12.98
N ILE B 242 -24.41 -17.44 -12.64
CA ILE B 242 -24.78 -18.82 -12.95
C ILE B 242 -24.58 -19.10 -14.44
N LYS B 243 -25.11 -18.23 -15.30
CA LYS B 243 -24.95 -18.43 -16.73
C LYS B 243 -23.48 -18.44 -17.14
N LEU B 244 -22.64 -17.58 -16.54
CA LEU B 244 -21.28 -17.39 -17.03
C LEU B 244 -20.32 -18.48 -16.55
N LYS B 245 -20.40 -18.90 -15.29
CA LYS B 245 -19.48 -19.91 -14.77
C LYS B 245 -20.16 -21.19 -14.31
N GLY B 246 -21.49 -21.26 -14.38
CA GLY B 246 -22.22 -22.49 -14.09
C GLY B 246 -22.91 -22.51 -12.76
N TYR B 247 -22.46 -21.71 -11.80
CA TYR B 247 -22.92 -21.74 -10.42
C TYR B 247 -22.33 -20.51 -9.75
N THR B 248 -22.77 -20.23 -8.53
CA THR B 248 -22.08 -19.22 -7.73
C THR B 248 -21.46 -19.89 -6.53
N SER B 249 -20.35 -19.35 -6.04
CA SER B 249 -19.70 -19.99 -4.91
C SER B 249 -18.97 -19.01 -4.01
N TRP B 250 -18.14 -18.11 -4.57
CA TRP B 250 -17.24 -17.34 -3.72
C TRP B 250 -18.01 -16.40 -2.79
N ALA B 251 -19.00 -15.69 -3.31
CA ALA B 251 -19.69 -14.71 -2.48
C ALA B 251 -20.55 -15.38 -1.41
N ILE B 252 -21.20 -16.50 -1.73
CA ILE B 252 -22.00 -17.14 -0.70
C ILE B 252 -21.09 -17.70 0.39
N GLY B 253 -19.92 -18.21 0.01
CA GLY B 253 -18.97 -18.68 0.99
C GLY B 253 -18.56 -17.60 1.98
N LEU B 254 -18.19 -16.42 1.47
CA LEU B 254 -17.82 -15.30 2.33
C LEU B 254 -19.00 -14.84 3.21
N SER B 255 -20.20 -14.81 2.65
CA SER B 255 -21.35 -14.37 3.43
C SER B 255 -21.68 -15.38 4.52
N VAL B 256 -21.54 -16.67 4.23
CA VAL B 256 -21.77 -17.67 5.26
C VAL B 256 -20.74 -17.53 6.38
N ALA B 257 -19.47 -17.31 6.02
CA ALA B 257 -18.43 -17.16 7.04
C ALA B 257 -18.72 -15.96 7.94
N ASP B 258 -19.20 -14.87 7.35
CA ASP B 258 -19.61 -13.71 8.14
C ASP B 258 -20.70 -14.10 9.14
N LEU B 259 -21.71 -14.85 8.68
CA LEU B 259 -22.71 -15.36 9.61
C LEU B 259 -22.07 -16.23 10.68
N ALA B 260 -21.19 -17.15 10.29
CA ALA B 260 -20.55 -18.03 11.27
C ALA B 260 -19.75 -17.21 12.28
N GLU B 261 -19.08 -16.15 11.83
CA GLU B 261 -18.33 -15.28 12.74
C GLU B 261 -19.23 -14.75 13.85
N SER B 262 -20.40 -14.22 13.48
CA SER B 262 -21.31 -13.68 14.48
C SER B 262 -21.77 -14.74 15.46
N ILE B 263 -22.06 -15.95 14.97
CA ILE B 263 -22.55 -17.00 15.84
C ILE B 263 -21.44 -17.55 16.72
N MET B 264 -20.29 -17.88 16.12
CA MET B 264 -19.20 -18.49 16.87
C MET B 264 -18.61 -17.56 17.93
N LYS B 265 -18.56 -16.25 17.66
CA LYS B 265 -17.97 -15.32 18.63
C LYS B 265 -19.00 -14.54 19.44
N ASN B 266 -20.29 -14.90 19.35
CA ASN B 266 -21.38 -14.26 20.12
C ASN B 266 -21.44 -12.75 19.89
N LEU B 267 -21.21 -12.31 18.65
CA LEU B 267 -21.02 -10.89 18.39
C LEU B 267 -22.31 -10.08 18.56
N ARG B 268 -23.48 -10.69 18.30
CA ARG B 268 -24.76 -9.97 18.31
C ARG B 268 -24.77 -8.87 17.26
N ARG B 269 -24.21 -9.18 16.10
CA ARG B 269 -24.42 -8.34 14.93
C ARG B 269 -25.75 -8.68 14.30
N VAL B 270 -26.26 -7.73 13.52
CA VAL B 270 -27.56 -7.86 12.85
C VAL B 270 -27.31 -8.22 11.40
N HIS B 271 -27.96 -9.28 10.93
CA HIS B 271 -27.83 -9.73 9.54
C HIS B 271 -29.19 -10.08 8.97
N PRO B 272 -29.36 -9.95 7.67
CA PRO B 272 -30.64 -10.36 7.07
C PRO B 272 -30.60 -11.84 6.75
N VAL B 273 -31.19 -12.66 7.63
CA VAL B 273 -31.20 -14.10 7.48
C VAL B 273 -32.63 -14.59 7.66
N SER B 274 -32.89 -15.77 7.07
CA SER B 274 -34.23 -16.36 7.04
C SER B 274 -34.58 -16.95 8.40
N THR B 275 -35.66 -16.46 9.02
CA THR B 275 -36.04 -16.90 10.36
C THR B 275 -37.55 -17.17 10.39
N MET B 276 -37.96 -18.00 11.36
CA MET B 276 -39.36 -18.42 11.46
C MET B 276 -40.20 -17.23 11.90
N ILE B 277 -41.00 -16.68 10.99
CA ILE B 277 -41.47 -15.31 11.14
C ILE B 277 -42.94 -15.25 11.60
N LYS B 278 -43.53 -16.38 11.97
CA LYS B 278 -44.94 -16.39 12.38
C LYS B 278 -45.21 -15.38 13.48
N GLY B 279 -46.31 -14.63 13.33
CA GLY B 279 -46.72 -13.70 14.36
C GLY B 279 -46.04 -12.36 14.30
N LEU B 280 -45.14 -12.14 13.34
CA LEU B 280 -44.56 -10.83 13.09
C LEU B 280 -44.85 -10.46 11.64
N TYR B 281 -44.80 -9.15 11.36
CA TYR B 281 -44.96 -8.61 10.00
C TYR B 281 -46.26 -9.07 9.35
N GLY B 282 -47.26 -9.43 10.13
CA GLY B 282 -48.54 -9.85 9.57
C GLY B 282 -48.59 -11.27 9.06
N ILE B 283 -47.63 -12.12 9.40
CA ILE B 283 -47.60 -13.51 8.95
C ILE B 283 -48.29 -14.38 10.00
N LYS B 284 -49.21 -15.24 9.55
CA LYS B 284 -49.94 -16.12 10.46
C LYS B 284 -49.57 -17.59 10.32
N ASP B 285 -48.62 -17.94 9.46
CA ASP B 285 -48.24 -19.33 9.23
C ASP B 285 -46.77 -19.56 9.56
N ASP B 286 -46.42 -20.84 9.67
CA ASP B 286 -45.05 -21.29 9.96
C ASP B 286 -44.24 -21.26 8.66
N VAL B 287 -43.55 -20.14 8.43
CA VAL B 287 -42.71 -19.97 7.25
C VAL B 287 -41.46 -19.21 7.66
N PHE B 288 -40.39 -19.38 6.89
CA PHE B 288 -39.12 -18.70 7.11
C PHE B 288 -38.91 -17.66 6.03
N LEU B 289 -38.69 -16.41 6.46
CA LEU B 289 -38.34 -15.31 5.57
C LEU B 289 -37.23 -14.49 6.25
N SER B 290 -36.51 -13.71 5.44
CA SER B 290 -35.39 -12.92 5.95
C SER B 290 -35.85 -11.58 6.51
N VAL B 291 -35.45 -11.32 7.75
CA VAL B 291 -35.59 -10.04 8.42
C VAL B 291 -34.29 -9.79 9.17
N PRO B 292 -34.03 -8.57 9.60
CA PRO B 292 -32.77 -8.32 10.34
C PRO B 292 -32.79 -9.05 11.68
N CYS B 293 -31.81 -9.94 11.88
CA CYS B 293 -31.71 -10.78 13.07
C CYS B 293 -30.40 -10.55 13.81
N ILE B 294 -30.48 -10.50 15.13
CA ILE B 294 -29.31 -10.45 16.00
C ILE B 294 -28.76 -11.87 16.14
N LEU B 295 -27.51 -12.08 15.75
CA LEU B 295 -26.89 -13.39 15.69
C LEU B 295 -25.84 -13.55 16.78
N GLY B 296 -25.91 -14.65 17.53
CA GLY B 296 -24.91 -14.94 18.53
C GLY B 296 -24.84 -16.42 18.87
N GLN B 297 -24.30 -16.70 20.07
CA GLN B 297 -24.01 -18.07 20.49
C GLN B 297 -25.24 -18.97 20.55
N ASN B 298 -26.43 -18.40 20.73
CA ASN B 298 -27.64 -19.20 20.71
C ASN B 298 -28.40 -19.06 19.39
N GLY B 299 -27.74 -18.62 18.34
CA GLY B 299 -28.41 -18.42 17.06
C GLY B 299 -29.10 -17.08 17.02
N ILE B 300 -30.39 -17.08 16.68
CA ILE B 300 -31.18 -15.86 16.54
C ILE B 300 -31.83 -15.57 17.89
N SER B 301 -31.28 -14.63 18.63
CA SER B 301 -31.86 -14.28 19.92
C SER B 301 -32.93 -13.21 19.81
N ASP B 302 -32.88 -12.38 18.78
CA ASP B 302 -33.76 -11.25 18.61
C ASP B 302 -33.82 -10.93 17.13
N LEU B 303 -34.89 -10.26 16.71
CA LEU B 303 -34.95 -9.74 15.36
C LEU B 303 -35.41 -8.29 15.39
N VAL B 304 -35.10 -7.56 14.33
CA VAL B 304 -35.48 -6.16 14.22
C VAL B 304 -36.78 -6.07 13.44
N LYS B 305 -37.71 -5.25 13.95
CA LYS B 305 -39.01 -5.02 13.32
C LYS B 305 -38.89 -3.81 12.39
N VAL B 306 -38.60 -4.09 11.12
CA VAL B 306 -38.50 -3.01 10.13
C VAL B 306 -39.90 -2.49 9.82
N THR B 307 -40.06 -1.18 9.81
CA THR B 307 -41.28 -0.58 9.29
C THR B 307 -41.26 -0.69 7.77
N LEU B 308 -42.30 -1.31 7.21
CA LEU B 308 -42.38 -1.52 5.78
C LEU B 308 -43.53 -0.73 5.19
N THR B 309 -43.38 -0.33 3.93
CA THR B 309 -44.51 0.27 3.25
C THR B 309 -45.64 -0.75 3.08
N SER B 310 -46.80 -0.25 2.67
CA SER B 310 -47.90 -1.15 2.34
C SER B 310 -47.51 -2.10 1.21
N GLU B 311 -46.88 -1.56 0.16
CA GLU B 311 -46.41 -2.39 -0.94
C GLU B 311 -45.43 -3.46 -0.47
N GLU B 312 -44.49 -3.09 0.40
CA GLU B 312 -43.49 -4.06 0.86
C GLU B 312 -44.13 -5.13 1.75
N GLU B 313 -45.04 -4.73 2.63
CA GLU B 313 -45.75 -5.67 3.48
C GLU B 313 -46.54 -6.68 2.66
N ALA B 314 -47.25 -6.21 1.63
CA ALA B 314 -48.07 -7.11 0.83
C ALA B 314 -47.20 -8.15 0.12
N ARG B 315 -46.02 -7.74 -0.36
CA ARG B 315 -45.11 -8.69 -1.00
C ARG B 315 -44.62 -9.75 -0.02
N LEU B 316 -44.29 -9.35 1.21
CA LEU B 316 -43.91 -10.34 2.24
C LEU B 316 -45.06 -11.31 2.52
N LYS B 317 -46.26 -10.78 2.75
CA LYS B 317 -47.39 -11.64 3.03
C LYS B 317 -47.68 -12.59 1.88
N LYS B 318 -47.46 -12.15 0.65
CA LYS B 318 -47.69 -13.03 -0.48
C LYS B 318 -46.67 -14.16 -0.50
N SER B 319 -45.38 -13.81 -0.32
CA SER B 319 -44.34 -14.81 -0.12
C SER B 319 -44.72 -15.82 0.96
N ALA B 320 -45.17 -15.33 2.12
CA ALA B 320 -45.57 -16.21 3.21
C ALA B 320 -46.67 -17.17 2.77
N ASP B 321 -47.70 -16.66 2.09
CA ASP B 321 -48.79 -17.50 1.61
C ASP B 321 -48.28 -18.55 0.64
N THR B 322 -47.46 -18.13 -0.32
CA THR B 322 -46.95 -19.07 -1.31
C THR B 322 -46.06 -20.13 -0.68
N LEU B 323 -45.18 -19.72 0.23
CA LEU B 323 -44.33 -20.68 0.94
C LEU B 323 -45.18 -21.72 1.68
N TRP B 324 -46.14 -21.26 2.48
CA TRP B 324 -46.96 -22.19 3.25
C TRP B 324 -47.67 -23.19 2.33
N GLY B 325 -48.24 -22.71 1.22
CA GLY B 325 -49.02 -23.60 0.37
C GLY B 325 -48.17 -24.64 -0.33
N ILE B 326 -46.96 -24.27 -0.72
CA ILE B 326 -46.05 -25.24 -1.30
C ILE B 326 -45.57 -26.24 -0.25
N GLN B 327 -45.20 -25.75 0.94
CA GLN B 327 -44.73 -26.61 2.01
C GLN B 327 -45.76 -27.67 2.38
N LYS B 328 -47.04 -27.32 2.36
CA LYS B 328 -48.08 -28.29 2.67
C LYS B 328 -48.14 -29.41 1.66
N GLU B 329 -47.52 -29.24 0.48
CA GLU B 329 -47.49 -30.26 -0.56
C GLU B 329 -46.20 -31.05 -0.59
N LEU B 330 -45.20 -30.66 0.21
CA LEU B 330 -43.97 -31.43 0.34
C LEU B 330 -44.24 -32.76 1.03
N GLN B 331 -43.55 -33.79 0.59
CA GLN B 331 -43.65 -35.11 1.22
C GLN B 331 -42.48 -35.28 2.17
N PHE B 332 -42.78 -35.42 3.45
CA PHE B 332 -41.75 -35.65 4.48
C PHE B 332 -41.56 -37.13 4.74
N ALA C 2 -43.37 -0.21 25.09
CA ALA C 2 -43.55 1.17 24.67
C ALA C 2 -42.19 1.86 24.52
N THR C 3 -41.15 1.21 25.02
CA THR C 3 -39.80 1.77 24.94
C THR C 3 -39.26 1.67 23.51
N LEU C 4 -38.20 2.43 23.25
CA LEU C 4 -37.57 2.36 21.94
C LEU C 4 -37.03 0.97 21.68
N LYS C 5 -36.35 0.38 22.67
CA LYS C 5 -35.75 -0.94 22.49
C LYS C 5 -36.78 -1.98 22.11
N ASP C 6 -37.92 -2.00 22.80
CA ASP C 6 -38.94 -2.99 22.46
C ASP C 6 -39.68 -2.64 21.17
N GLN C 7 -39.78 -1.35 20.84
CA GLN C 7 -40.40 -0.93 19.59
C GLN C 7 -39.59 -1.39 18.37
N LEU C 8 -38.27 -1.41 18.49
CA LEU C 8 -37.39 -1.72 17.38
C LEU C 8 -37.05 -3.22 17.31
N ILE C 9 -36.99 -3.89 18.45
CA ILE C 9 -36.45 -5.25 18.54
C ILE C 9 -37.45 -6.15 19.22
N TYR C 10 -37.67 -7.33 18.66
CA TYR C 10 -38.48 -8.36 19.30
C TYR C 10 -37.55 -9.46 19.80
N ASN C 11 -37.68 -9.78 21.08
CA ASN C 11 -36.88 -10.81 21.72
C ASN C 11 -37.55 -12.16 21.54
N LEU C 12 -36.87 -13.11 20.90
CA LEU C 12 -37.40 -14.47 20.90
C LEU C 12 -36.70 -15.40 21.88
N LEU C 13 -35.40 -15.19 22.14
CA LEU C 13 -34.65 -16.01 23.07
C LEU C 13 -34.28 -15.18 24.28
N LYS C 14 -34.49 -15.73 25.47
CA LYS C 14 -34.08 -15.12 26.73
C LYS C 14 -33.31 -16.18 27.51
N GLU C 15 -32.06 -16.42 27.10
CA GLU C 15 -31.21 -17.42 27.70
C GLU C 15 -29.97 -16.76 28.28
N GLU C 16 -29.50 -17.28 29.40
CA GLU C 16 -28.38 -16.67 30.12
C GLU C 16 -27.10 -16.72 29.28
N GLN C 17 -26.24 -15.73 29.50
CA GLN C 17 -24.99 -15.60 28.76
C GLN C 17 -23.93 -16.45 29.44
N THR C 18 -23.62 -17.60 28.83
CA THR C 18 -22.55 -18.45 29.32
C THR C 18 -21.28 -18.17 28.53
N PRO C 19 -20.22 -17.65 29.14
CA PRO C 19 -19.00 -17.34 28.36
C PRO C 19 -18.38 -18.62 27.83
N GLN C 20 -17.82 -18.53 26.63
CA GLN C 20 -17.33 -19.70 25.91
C GLN C 20 -15.82 -19.74 25.76
N ASN C 21 -15.21 -18.61 25.43
CA ASN C 21 -13.77 -18.49 25.23
C ASN C 21 -13.27 -17.30 26.01
N LYS C 22 -13.45 -17.37 27.34
CA LYS C 22 -13.21 -16.24 28.20
C LYS C 22 -11.76 -16.22 28.66
N ILE C 23 -11.19 -15.02 28.74
CA ILE C 23 -9.84 -14.78 29.23
C ILE C 23 -9.89 -13.71 30.30
N THR C 24 -9.14 -13.91 31.37
CA THR C 24 -8.95 -12.93 32.43
C THR C 24 -7.49 -12.49 32.46
N VAL C 25 -7.27 -11.19 32.67
CA VAL C 25 -5.95 -10.64 32.98
C VAL C 25 -6.03 -10.02 34.37
N VAL C 26 -5.19 -10.51 35.28
CA VAL C 26 -5.07 -9.97 36.62
C VAL C 26 -3.86 -9.05 36.67
N GLY C 27 -4.10 -7.76 36.91
CA GLY C 27 -3.03 -6.78 36.95
C GLY C 27 -3.01 -5.94 35.70
N VAL C 28 -3.50 -4.69 35.78
CA VAL C 28 -3.66 -3.87 34.59
C VAL C 28 -2.60 -2.77 34.57
N GLY C 29 -1.38 -3.11 34.98
CA GLY C 29 -0.25 -2.26 34.70
C GLY C 29 0.05 -2.30 33.21
N ALA C 30 1.25 -1.82 32.87
CA ALA C 30 1.63 -1.77 31.46
C ALA C 30 1.67 -3.16 30.84
N VAL C 31 2.14 -4.14 31.59
CA VAL C 31 2.23 -5.50 31.04
C VAL C 31 0.83 -6.11 30.88
N GLY C 32 -0.02 -5.93 31.88
CA GLY C 32 -1.37 -6.47 31.79
C GLY C 32 -2.17 -5.84 30.65
N MET C 33 -2.02 -4.52 30.46
CA MET C 33 -2.75 -3.87 29.39
C MET C 33 -2.17 -4.17 28.02
N ALA C 34 -0.85 -4.39 27.90
CA ALA C 34 -0.31 -4.82 26.59
C ALA C 34 -0.78 -6.23 26.24
N CYS C 35 -0.88 -7.11 27.24
CA CYS C 35 -1.47 -8.42 27.01
C CYS C 35 -2.93 -8.30 26.60
N ALA C 36 -3.68 -7.42 27.27
CA ALA C 36 -5.08 -7.20 26.96
C ALA C 36 -5.28 -6.74 25.52
N ILE C 37 -4.50 -5.75 25.08
CA ILE C 37 -4.75 -5.20 23.75
C ILE C 37 -4.34 -6.19 22.68
N SER C 38 -3.28 -6.97 22.93
CA SER C 38 -2.84 -7.92 21.92
C SER C 38 -3.83 -9.08 21.81
N ILE C 39 -4.39 -9.51 22.95
CA ILE C 39 -5.43 -10.53 22.95
C ILE C 39 -6.67 -10.03 22.20
N LEU C 40 -7.06 -8.78 22.44
CA LEU C 40 -8.23 -8.21 21.78
C LEU C 40 -8.01 -8.12 20.27
N MET C 41 -6.82 -7.69 19.85
CA MET C 41 -6.60 -7.50 18.43
C MET C 41 -6.30 -8.79 17.69
N LYS C 42 -6.06 -9.89 18.39
CA LYS C 42 -5.95 -11.20 17.74
C LYS C 42 -7.26 -11.99 17.77
N ASP C 43 -8.34 -11.42 18.30
CA ASP C 43 -9.65 -12.07 18.30
C ASP C 43 -9.60 -13.43 18.99
N LEU C 44 -8.92 -13.47 20.14
CA LEU C 44 -8.70 -14.73 20.84
C LEU C 44 -9.76 -15.05 21.88
N ALA C 45 -10.49 -14.04 22.38
CA ALA C 45 -11.50 -14.26 23.42
C ALA C 45 -12.85 -13.72 22.98
N ASP C 46 -13.91 -14.38 23.44
CA ASP C 46 -15.24 -13.81 23.32
C ASP C 46 -15.63 -12.97 24.53
N GLU C 47 -14.84 -13.03 25.60
CA GLU C 47 -15.02 -12.17 26.76
C GLU C 47 -13.68 -11.96 27.43
N LEU C 48 -13.42 -10.71 27.81
CA LEU C 48 -12.18 -10.32 28.50
C LEU C 48 -12.52 -9.73 29.86
N ALA C 49 -11.89 -10.26 30.91
CA ALA C 49 -12.10 -9.79 32.28
C ALA C 49 -10.80 -9.23 32.85
N LEU C 50 -10.89 -8.05 33.46
CA LEU C 50 -9.75 -7.37 34.06
C LEU C 50 -9.94 -7.27 35.57
N VAL C 51 -8.87 -7.51 36.31
CA VAL C 51 -8.88 -7.44 37.76
C VAL C 51 -7.65 -6.68 38.23
N ASP C 52 -7.84 -5.79 39.19
CA ASP C 52 -6.72 -5.15 39.86
C ASP C 52 -7.21 -4.73 41.23
N VAL C 53 -6.29 -4.16 42.02
CA VAL C 53 -6.67 -3.60 43.31
C VAL C 53 -6.75 -2.08 43.27
N ILE C 54 -6.14 -1.43 42.28
CA ILE C 54 -6.32 -0.01 42.06
C ILE C 54 -7.62 0.15 41.29
N GLU C 55 -8.68 0.62 41.95
CA GLU C 55 -10.01 0.52 41.36
C GLU C 55 -10.25 1.60 40.32
N ASP C 56 -9.74 2.82 40.54
CA ASP C 56 -9.93 3.89 39.56
C ASP C 56 -9.25 3.54 38.25
N LYS C 57 -7.96 3.19 38.31
CA LYS C 57 -7.22 2.79 37.11
C LYS C 57 -7.86 1.59 36.42
N LEU C 58 -8.43 0.66 37.19
CA LEU C 58 -9.01 -0.55 36.62
C LEU C 58 -10.25 -0.21 35.79
N LYS C 59 -11.11 0.68 36.29
CA LYS C 59 -12.29 1.11 35.57
C LYS C 59 -11.95 1.94 34.36
N GLY C 60 -10.98 2.86 34.50
CA GLY C 60 -10.58 3.67 33.37
C GLY C 60 -10.01 2.85 32.23
N GLU C 61 -9.18 1.85 32.55
CA GLU C 61 -8.69 0.95 31.52
C GLU C 61 -9.83 0.21 30.85
N MET C 62 -10.76 -0.35 31.63
CA MET C 62 -11.89 -1.08 31.06
C MET C 62 -12.72 -0.19 30.15
N MET C 63 -12.98 1.05 30.57
CA MET C 63 -13.80 1.95 29.77
C MET C 63 -13.07 2.36 28.50
N ASP C 64 -11.77 2.56 28.59
CA ASP C 64 -10.98 2.90 27.41
C ASP C 64 -11.08 1.81 26.36
N LEU C 65 -10.92 0.55 26.79
CA LEU C 65 -11.08 -0.60 25.89
C LEU C 65 -12.50 -0.65 25.33
N GLN C 66 -13.52 -0.47 26.18
CA GLN C 66 -14.89 -0.54 25.69
C GLN C 66 -15.15 0.51 24.63
N HIS C 67 -14.56 1.70 24.79
CA HIS C 67 -14.78 2.76 23.81
C HIS C 67 -14.22 2.39 22.45
N GLY C 68 -13.33 1.39 22.38
CA GLY C 68 -12.89 0.86 21.10
C GLY C 68 -13.64 -0.35 20.60
N SER C 69 -14.77 -0.69 21.20
CA SER C 69 -15.46 -1.94 20.86
C SER C 69 -15.89 -1.98 19.41
N LEU C 70 -16.18 -0.83 18.80
CA LEU C 70 -16.53 -0.79 17.39
C LEU C 70 -15.48 -1.46 16.51
N PHE C 71 -14.20 -1.38 16.90
CA PHE C 71 -13.10 -1.88 16.07
C PHE C 71 -12.61 -3.26 16.49
N LEU C 72 -13.33 -3.95 17.38
CA LEU C 72 -12.90 -5.22 17.94
C LEU C 72 -13.94 -6.30 17.67
N ARG C 73 -13.58 -7.54 18.00
CA ARG C 73 -14.51 -8.67 17.82
C ARG C 73 -14.69 -9.44 19.12
N THR C 74 -14.51 -8.75 20.24
CA THR C 74 -14.68 -9.28 21.59
C THR C 74 -15.83 -8.50 22.17
N PRO C 75 -17.04 -9.05 22.22
CA PRO C 75 -18.20 -8.22 22.55
C PRO C 75 -18.38 -7.93 24.03
N LYS C 76 -17.69 -8.64 24.93
CA LYS C 76 -17.88 -8.47 26.36
C LYS C 76 -16.55 -8.16 27.03
N ILE C 77 -16.42 -6.95 27.56
CA ILE C 77 -15.27 -6.55 28.37
C ILE C 77 -15.80 -6.06 29.71
N VAL C 78 -15.36 -6.70 30.80
CA VAL C 78 -15.79 -6.36 32.15
C VAL C 78 -14.58 -6.26 33.07
N SER C 79 -14.81 -5.68 34.24
CA SER C 79 -13.73 -5.49 35.20
C SER C 79 -14.30 -5.42 36.61
N GLY C 80 -13.45 -5.76 37.57
CA GLY C 80 -13.85 -5.77 38.96
C GLY C 80 -12.73 -6.09 39.91
N LYS C 81 -12.79 -5.57 41.13
CA LYS C 81 -11.87 -6.04 42.17
C LYS C 81 -12.32 -7.38 42.73
N ASP C 82 -13.61 -7.67 42.61
CA ASP C 82 -14.20 -8.92 43.08
C ASP C 82 -14.12 -9.94 41.97
N TYR C 83 -13.60 -11.12 42.29
CA TYR C 83 -13.34 -12.17 41.32
C TYR C 83 -14.60 -12.83 40.78
N ASN C 84 -15.81 -12.39 41.09
CA ASN C 84 -16.96 -12.97 40.39
C ASN C 84 -16.93 -12.61 38.91
N VAL C 85 -16.25 -11.53 38.53
CA VAL C 85 -16.19 -11.13 37.12
C VAL C 85 -15.32 -12.07 36.31
N THR C 86 -14.48 -12.89 36.95
CA THR C 86 -13.57 -13.79 36.24
C THR C 86 -14.15 -15.18 36.04
N ALA C 87 -15.37 -15.44 36.52
CA ALA C 87 -15.94 -16.78 36.52
C ALA C 87 -15.86 -17.45 35.16
N ASN C 88 -15.50 -18.73 35.19
CA ASN C 88 -15.50 -19.61 34.02
C ASN C 88 -14.56 -19.12 32.92
N SER C 89 -13.37 -18.65 33.29
CA SER C 89 -12.37 -18.35 32.30
C SER C 89 -11.70 -19.64 31.81
N LYS C 90 -11.40 -19.69 30.52
CA LYS C 90 -10.51 -20.74 30.02
C LYS C 90 -9.07 -20.46 30.42
N LEU C 91 -8.65 -19.20 30.31
CA LEU C 91 -7.27 -18.79 30.52
C LEU C 91 -7.24 -17.60 31.45
N VAL C 92 -6.40 -17.68 32.49
CA VAL C 92 -6.26 -16.59 33.46
C VAL C 92 -4.78 -16.21 33.48
N ILE C 93 -4.50 -14.94 33.20
CA ILE C 93 -3.15 -14.45 33.00
C ILE C 93 -2.82 -13.54 34.17
N ILE C 94 -1.77 -13.88 34.91
CA ILE C 94 -1.36 -13.13 36.08
C ILE C 94 -0.21 -12.22 35.69
N THR C 95 -0.48 -10.92 35.63
CA THR C 95 0.54 -9.90 35.40
C THR C 95 0.64 -8.94 36.59
N ALA C 96 0.22 -9.38 37.77
CA ALA C 96 0.16 -8.51 38.95
C ALA C 96 1.46 -8.54 39.73
N GLY C 97 1.80 -7.41 40.33
CA GLY C 97 2.98 -7.34 41.17
C GLY C 97 3.02 -6.02 41.92
N ALA C 98 3.87 -5.98 42.94
CA ALA C 98 4.04 -4.79 43.75
C ALA C 98 5.11 -3.89 43.16
N ARG C 99 5.01 -2.59 43.43
CA ARG C 99 5.91 -1.62 42.83
C ARG C 99 7.19 -1.52 43.64
N GLN C 100 8.33 -1.70 42.97
CA GLN C 100 9.62 -1.60 43.64
C GLN C 100 9.86 -0.17 44.08
N GLN C 101 10.27 0.00 45.33
CA GLN C 101 10.60 1.31 45.88
C GLN C 101 12.07 1.63 45.64
N GLU C 102 12.39 2.91 45.72
CA GLU C 102 13.76 3.36 45.57
C GLU C 102 14.64 2.69 46.63
N GLY C 103 15.64 1.94 46.18
CA GLY C 103 16.60 1.30 47.07
C GLY C 103 16.28 -0.14 47.42
N GLU C 104 15.11 -0.65 47.05
CA GLU C 104 14.75 -2.03 47.35
C GLU C 104 15.35 -2.98 46.33
N SER C 105 15.80 -4.13 46.80
CA SER C 105 16.40 -5.18 45.98
C SER C 105 15.35 -6.22 45.61
N ARG C 106 15.74 -7.11 44.69
CA ARG C 106 14.88 -8.24 44.32
C ARG C 106 14.50 -9.07 45.55
N LEU C 107 15.44 -9.25 46.49
CA LEU C 107 15.18 -10.09 47.65
C LEU C 107 14.25 -9.41 48.65
N ASN C 108 14.06 -8.10 48.54
CA ASN C 108 13.07 -7.41 49.37
C ASN C 108 11.70 -7.48 48.74
N LEU C 109 11.64 -7.56 47.41
CA LEU C 109 10.39 -7.48 46.68
C LEU C 109 9.78 -8.85 46.40
N VAL C 110 10.58 -9.91 46.39
CA VAL C 110 10.08 -11.22 45.99
C VAL C 110 8.92 -11.66 46.90
N GLN C 111 9.06 -11.47 48.22
CA GLN C 111 7.99 -11.90 49.12
C GLN C 111 6.75 -11.02 49.01
N ARG C 112 6.94 -9.73 48.66
CA ARG C 112 5.78 -8.86 48.47
C ARG C 112 4.90 -9.37 47.34
N ASN C 113 5.52 -9.94 46.29
CA ASN C 113 4.76 -10.52 45.19
C ASN C 113 4.17 -11.88 45.56
N VAL C 114 4.82 -12.64 46.44
CA VAL C 114 4.21 -13.87 46.95
C VAL C 114 2.94 -13.54 47.73
N ASN C 115 3.02 -12.55 48.63
CA ASN C 115 1.83 -12.04 49.29
C ASN C 115 0.74 -11.70 48.28
N ILE C 116 1.13 -11.09 47.15
CA ILE C 116 0.18 -10.83 46.06
C ILE C 116 -0.45 -12.12 45.58
N PHE C 117 0.39 -13.11 45.23
CA PHE C 117 -0.11 -14.36 44.69
C PHE C 117 -0.90 -15.13 45.72
N LYS C 118 -0.58 -14.96 47.00
CA LYS C 118 -1.34 -15.61 48.05
C LYS C 118 -2.78 -15.11 48.07
N PHE C 119 -3.02 -13.87 47.65
CA PHE C 119 -4.38 -13.39 47.60
C PHE C 119 -5.07 -13.69 46.28
N ILE C 120 -4.34 -13.53 45.17
CA ILE C 120 -4.93 -13.70 43.85
C ILE C 120 -5.34 -15.14 43.61
N ILE C 121 -4.39 -16.07 43.80
CA ILE C 121 -4.58 -17.43 43.28
C ILE C 121 -5.80 -18.12 43.88
N PRO C 122 -6.08 -18.05 45.19
CA PRO C 122 -7.31 -18.67 45.69
C PRO C 122 -8.58 -18.14 45.04
N ASN C 123 -8.70 -16.81 44.90
CA ASN C 123 -9.91 -16.25 44.30
C ASN C 123 -10.03 -16.67 42.84
N VAL C 124 -8.89 -16.83 42.15
CA VAL C 124 -8.92 -17.28 40.76
C VAL C 124 -9.42 -18.71 40.68
N VAL C 125 -8.81 -19.60 41.46
CA VAL C 125 -9.21 -21.01 41.49
C VAL C 125 -10.66 -21.15 41.90
N LYS C 126 -11.11 -20.29 42.84
CA LYS C 126 -12.50 -20.33 43.29
C LYS C 126 -13.47 -20.22 42.12
N TYR C 127 -13.31 -19.20 41.27
CA TYR C 127 -14.29 -18.91 40.23
C TYR C 127 -13.96 -19.51 38.87
N SER C 128 -12.80 -20.14 38.69
CA SER C 128 -12.46 -20.81 37.42
C SER C 128 -11.64 -22.06 37.72
N PRO C 129 -12.27 -23.10 38.27
CA PRO C 129 -11.50 -24.26 38.73
C PRO C 129 -10.86 -25.06 37.61
N ASN C 130 -11.27 -24.86 36.35
CA ASN C 130 -10.76 -25.59 35.21
C ASN C 130 -9.86 -24.75 34.31
N CYS C 131 -9.57 -23.51 34.67
CA CYS C 131 -8.81 -22.63 33.81
C CYS C 131 -7.36 -23.08 33.73
N LYS C 132 -6.68 -22.65 32.67
CA LYS C 132 -5.24 -22.72 32.59
C LYS C 132 -4.66 -21.43 33.15
N LEU C 133 -3.61 -21.57 33.96
CA LEU C 133 -2.94 -20.43 34.58
C LEU C 133 -1.71 -20.08 33.79
N LEU C 134 -1.60 -18.80 33.39
CA LEU C 134 -0.44 -18.29 32.70
C LEU C 134 0.20 -17.21 33.55
N ILE C 135 1.36 -17.53 34.12
CA ILE C 135 2.04 -16.64 35.05
C ILE C 135 3.04 -15.81 34.27
N VAL C 136 2.86 -14.49 34.31
CA VAL C 136 3.83 -13.57 33.75
C VAL C 136 4.63 -12.83 34.83
N SER C 137 4.04 -12.58 36.00
CA SER C 137 4.70 -11.77 37.03
C SER C 137 6.08 -12.33 37.40
N ASN C 138 7.04 -11.43 37.67
CA ASN C 138 8.39 -11.81 38.08
C ASN C 138 8.59 -11.80 39.59
N PRO C 139 9.48 -12.67 40.12
CA PRO C 139 10.29 -13.67 39.42
C PRO C 139 9.43 -14.80 38.89
N VAL C 140 9.41 -14.95 37.56
CA VAL C 140 8.32 -15.69 36.93
C VAL C 140 8.42 -17.18 37.22
N ASP C 141 9.64 -17.72 37.26
CA ASP C 141 9.78 -19.15 37.53
C ASP C 141 9.40 -19.47 38.97
N ILE C 142 9.83 -18.62 39.91
CA ILE C 142 9.44 -18.76 41.31
C ILE C 142 7.93 -18.56 41.46
N LEU C 143 7.37 -17.52 40.83
CA LEU C 143 5.95 -17.25 41.04
C LEU C 143 5.06 -18.31 40.41
N THR C 144 5.51 -18.96 39.33
CA THR C 144 4.74 -20.07 38.78
C THR C 144 4.76 -21.26 39.74
N TYR C 145 5.89 -21.53 40.36
CA TYR C 145 5.91 -22.53 41.43
C TYR C 145 4.88 -22.16 42.50
N VAL C 146 4.89 -20.89 42.91
CA VAL C 146 3.96 -20.40 43.93
C VAL C 146 2.51 -20.63 43.48
N ALA C 147 2.18 -20.18 42.27
CA ALA C 147 0.84 -20.39 41.75
C ALA C 147 0.49 -21.88 41.71
N TRP C 148 1.43 -22.71 41.28
CA TRP C 148 1.17 -24.15 41.22
C TRP C 148 0.89 -24.73 42.60
N LYS C 149 1.67 -24.32 43.61
CA LYS C 149 1.48 -24.84 44.96
C LYS C 149 0.18 -24.37 45.58
N ILE C 150 -0.19 -23.11 45.38
CA ILE C 150 -1.40 -22.59 46.00
C ILE C 150 -2.66 -23.08 45.27
N SER C 151 -2.64 -23.01 43.94
CA SER C 151 -3.79 -23.43 43.17
C SER C 151 -4.16 -24.88 43.45
N GLY C 152 -3.16 -25.74 43.56
CA GLY C 152 -3.41 -27.18 43.58
C GLY C 152 -3.75 -27.76 42.23
N PHE C 153 -3.54 -27.01 41.15
CA PHE C 153 -3.80 -27.50 39.81
C PHE C 153 -2.77 -28.55 39.42
N PRO C 154 -3.11 -29.43 38.49
CA PRO C 154 -2.10 -30.32 37.92
C PRO C 154 -1.07 -29.52 37.12
N LYS C 155 0.10 -30.15 36.94
CA LYS C 155 1.23 -29.46 36.32
C LYS C 155 0.92 -28.98 34.91
N ASN C 156 0.03 -29.66 34.17
CA ASN C 156 -0.24 -29.21 32.80
C ASN C 156 -0.94 -27.86 32.75
N ARG C 157 -1.61 -27.44 33.82
CA ARG C 157 -2.46 -26.26 33.78
C ARG C 157 -1.85 -25.04 34.46
N VAL C 158 -0.56 -25.07 34.78
CA VAL C 158 0.14 -23.93 35.36
C VAL C 158 1.36 -23.65 34.47
N ILE C 159 1.30 -22.58 33.70
CA ILE C 159 2.29 -22.28 32.69
C ILE C 159 2.97 -20.98 33.06
N GLY C 160 4.31 -20.98 33.03
CA GLY C 160 5.09 -19.78 33.26
C GLY C 160 5.54 -19.17 31.95
N SER C 161 5.35 -17.85 31.83
CA SER C 161 5.76 -17.16 30.62
C SER C 161 7.21 -17.46 30.28
N GLY C 162 8.06 -17.55 31.30
CA GLY C 162 9.37 -18.17 31.15
C GLY C 162 10.23 -17.50 30.11
N CYS C 163 10.90 -18.31 29.30
CA CYS C 163 11.83 -17.82 28.28
C CYS C 163 11.16 -17.64 26.91
N ASN C 164 9.85 -17.55 26.86
CA ASN C 164 9.20 -17.25 25.60
C ASN C 164 9.67 -15.90 25.06
N LEU C 165 9.67 -14.89 25.93
CA LEU C 165 10.12 -13.57 25.51
C LEU C 165 11.63 -13.56 25.26
N ASP C 166 12.41 -14.22 26.13
CA ASP C 166 13.85 -14.28 25.93
C ASP C 166 14.17 -14.86 24.56
N SER C 167 13.46 -15.92 24.17
CA SER C 167 13.68 -16.54 22.86
C SER C 167 13.23 -15.62 21.73
N ALA C 168 12.13 -14.90 21.91
CA ALA C 168 11.70 -13.95 20.89
C ALA C 168 12.79 -12.90 20.64
N ARG C 169 13.37 -12.36 21.71
CA ARG C 169 14.48 -11.41 21.57
C ARG C 169 15.67 -12.06 20.88
N PHE C 170 15.94 -13.33 21.20
CA PHE C 170 17.02 -14.06 20.57
C PHE C 170 16.85 -14.10 19.05
N ARG C 171 15.64 -14.44 18.61
CA ARG C 171 15.36 -14.56 17.18
C ARG C 171 15.38 -13.20 16.50
N TYR C 172 14.92 -12.15 17.18
CA TYR C 172 15.06 -10.79 16.63
C TYR C 172 16.52 -10.45 16.40
N LEU C 173 17.35 -10.63 17.44
CA LEU C 173 18.77 -10.32 17.32
C LEU C 173 19.42 -11.18 16.24
N MET C 174 19.10 -12.47 16.21
CA MET C 174 19.61 -13.36 15.17
C MET C 174 19.22 -12.85 13.78
N GLY C 175 17.94 -12.56 13.58
CA GLY C 175 17.48 -12.07 12.29
C GLY C 175 18.14 -10.76 11.90
N GLU C 176 18.43 -9.91 12.89
CA GLU C 176 19.15 -8.67 12.63
C GLU C 176 20.52 -8.96 12.02
N ARG C 177 21.26 -9.90 12.61
CA ARG C 177 22.59 -10.25 12.11
C ARG C 177 22.54 -10.88 10.72
N LEU C 178 21.54 -11.72 10.46
CA LEU C 178 21.51 -12.49 9.22
C LEU C 178 20.71 -11.83 8.11
N GLY C 179 19.95 -10.77 8.40
CA GLY C 179 19.09 -10.20 7.39
C GLY C 179 17.94 -11.09 7.00
N VAL C 180 17.44 -11.88 7.95
CA VAL C 180 16.32 -12.78 7.73
C VAL C 180 15.22 -12.39 8.73
N HIS C 181 13.96 -12.54 8.33
CA HIS C 181 12.88 -12.29 9.26
C HIS C 181 13.03 -13.19 10.48
N PRO C 182 12.75 -12.69 11.68
CA PRO C 182 12.83 -13.54 12.89
C PRO C 182 12.05 -14.83 12.80
N LEU C 183 10.92 -14.85 12.06
CA LEU C 183 10.15 -16.08 11.89
C LEU C 183 10.97 -17.18 11.24
N SER C 184 11.88 -16.82 10.34
CA SER C 184 12.71 -17.79 9.65
C SER C 184 14.02 -18.09 10.39
N CYS C 185 14.26 -17.42 11.51
CA CYS C 185 15.43 -17.67 12.36
C CYS C 185 15.00 -18.50 13.56
N HIS C 186 15.61 -19.66 13.72
CA HIS C 186 15.18 -20.60 14.74
C HIS C 186 16.26 -20.72 15.80
N GLY C 187 15.86 -20.61 17.07
CA GLY C 187 16.79 -20.60 18.20
C GLY C 187 16.09 -20.63 19.53
N TRP C 188 16.68 -21.26 20.53
CA TRP C 188 15.98 -21.57 21.77
C TRP C 188 16.79 -21.10 22.97
N VAL C 189 16.18 -20.23 23.78
CA VAL C 189 16.71 -19.82 25.07
C VAL C 189 15.85 -20.52 26.12
N LEU C 190 16.49 -21.25 27.03
CA LEU C 190 15.80 -22.12 27.96
C LEU C 190 16.28 -21.85 29.38
N GLY C 191 15.61 -22.48 30.35
CA GLY C 191 16.00 -22.35 31.74
C GLY C 191 15.26 -21.23 32.43
N GLU C 192 16.00 -20.39 33.15
CA GLU C 192 15.42 -19.26 33.87
C GLU C 192 15.21 -18.08 32.94
N HIS C 193 14.07 -17.41 33.08
CA HIS C 193 13.93 -16.09 32.51
C HIS C 193 14.97 -15.16 33.13
N GLY C 194 15.50 -14.24 32.32
CA GLY C 194 16.40 -13.25 32.89
C GLY C 194 17.88 -13.59 32.78
N ASP C 195 18.63 -13.28 33.84
CA ASP C 195 20.09 -13.31 33.75
C ASP C 195 20.64 -14.71 33.49
N SER C 196 20.01 -15.75 34.02
CA SER C 196 20.60 -17.08 33.99
C SER C 196 20.10 -17.95 32.84
N SER C 197 19.47 -17.36 31.83
CA SER C 197 18.90 -18.15 30.76
C SER C 197 20.00 -18.83 29.94
N VAL C 198 19.61 -19.92 29.26
CA VAL C 198 20.57 -20.80 28.61
C VAL C 198 20.27 -20.85 27.12
N PRO C 199 21.17 -20.37 26.26
CA PRO C 199 20.98 -20.51 24.80
C PRO C 199 21.45 -21.89 24.35
N VAL C 200 20.63 -22.56 23.54
CA VAL C 200 20.98 -23.88 23.02
C VAL C 200 21.62 -23.65 21.65
N TRP C 201 22.96 -23.63 21.61
CA TRP C 201 23.65 -23.28 20.38
C TRP C 201 23.36 -24.29 19.27
N SER C 202 23.30 -25.57 19.63
CA SER C 202 23.02 -26.64 18.68
C SER C 202 21.69 -26.46 17.96
N GLY C 203 20.76 -25.70 18.52
CA GLY C 203 19.47 -25.52 17.90
C GLY C 203 19.35 -24.37 16.91
N MET C 204 20.33 -23.47 16.86
CA MET C 204 20.22 -22.31 15.97
C MET C 204 20.38 -22.72 14.52
N ASN C 205 19.40 -22.35 13.70
CA ASN C 205 19.44 -22.73 12.29
C ASN C 205 18.54 -21.81 11.48
N VAL C 206 18.89 -21.67 10.20
CA VAL C 206 17.99 -21.15 9.19
C VAL C 206 17.81 -22.25 8.15
N ALA C 207 16.56 -22.49 7.76
CA ALA C 207 16.22 -23.51 6.75
C ALA C 207 16.75 -24.89 7.12
N GLY C 208 16.78 -25.23 8.41
CA GLY C 208 17.35 -26.48 8.84
C GLY C 208 18.86 -26.59 8.70
N VAL C 209 19.56 -25.48 8.45
CA VAL C 209 21.01 -25.45 8.38
C VAL C 209 21.53 -25.01 9.74
N SER C 210 22.15 -25.93 10.47
CA SER C 210 22.66 -25.64 11.81
C SER C 210 23.86 -24.70 11.73
N LEU C 211 23.75 -23.56 12.41
CA LEU C 211 24.84 -22.58 12.37
C LEU C 211 26.08 -23.12 13.07
N LYS C 212 25.89 -23.92 14.12
CA LYS C 212 27.01 -24.49 14.86
C LYS C 212 27.87 -25.39 13.96
N THR C 213 27.23 -26.25 13.16
CA THR C 213 27.99 -27.11 12.26
C THR C 213 28.75 -26.27 11.23
N LEU C 214 28.08 -25.28 10.66
CA LEU C 214 28.72 -24.35 9.74
C LEU C 214 29.88 -23.61 10.40
N HIS C 215 29.80 -23.40 11.71
CA HIS C 215 30.66 -22.44 12.41
C HIS C 215 30.94 -23.01 13.79
N PRO C 216 31.90 -23.95 13.89
CA PRO C 216 32.12 -24.65 15.16
C PRO C 216 32.40 -23.76 16.35
N ASP C 217 33.01 -22.59 16.14
CA ASP C 217 33.29 -21.71 17.28
C ASP C 217 32.04 -21.03 17.82
N LEU C 218 30.89 -21.19 17.18
CA LEU C 218 29.69 -20.48 17.58
C LEU C 218 29.32 -20.82 19.03
N GLY C 219 29.05 -19.78 19.82
CA GLY C 219 28.73 -19.96 21.22
C GLY C 219 29.94 -20.10 22.14
N THR C 220 31.15 -19.97 21.62
CA THR C 220 32.36 -20.04 22.44
C THR C 220 33.01 -18.67 22.55
N ASP C 221 33.94 -18.57 23.51
CA ASP C 221 34.64 -17.30 23.72
C ASP C 221 35.65 -17.02 22.60
N LYS C 222 36.14 -18.06 21.93
CA LYS C 222 37.05 -17.92 20.80
C LYS C 222 36.34 -17.59 19.49
N ASP C 223 35.02 -17.35 19.53
CA ASP C 223 34.25 -16.95 18.36
C ASP C 223 34.76 -15.61 17.82
N LYS C 224 35.46 -15.64 16.68
CA LYS C 224 35.89 -14.38 16.08
C LYS C 224 34.71 -13.48 15.70
N GLU C 225 33.52 -14.07 15.51
CA GLU C 225 32.33 -13.32 15.18
C GLU C 225 31.46 -13.03 16.40
N GLN C 226 31.86 -13.52 17.58
CA GLN C 226 31.26 -13.12 18.86
C GLN C 226 29.76 -13.44 18.90
N TRP C 227 29.40 -14.65 18.46
CA TRP C 227 27.99 -15.01 18.47
C TRP C 227 27.44 -15.24 19.87
N LYS C 228 28.31 -15.32 20.88
CA LYS C 228 27.83 -15.35 22.26
C LYS C 228 27.18 -14.03 22.65
N GLU C 229 27.64 -12.92 22.07
CA GLU C 229 27.11 -11.60 22.40
C GLU C 229 25.62 -11.48 22.10
N VAL C 230 25.10 -12.29 21.19
CA VAL C 230 23.67 -12.25 20.90
C VAL C 230 22.87 -12.61 22.15
N HIS C 231 23.28 -13.66 22.87
CA HIS C 231 22.56 -14.00 24.11
C HIS C 231 22.83 -12.99 25.20
N LYS C 232 24.06 -12.49 25.30
CA LYS C 232 24.33 -11.38 26.20
C LYS C 232 23.37 -10.23 25.92
N GLN C 233 23.19 -9.90 24.64
CA GLN C 233 22.22 -8.87 24.27
C GLN C 233 20.81 -9.28 24.60
N VAL C 234 20.50 -10.58 24.59
CA VAL C 234 19.18 -11.03 24.99
C VAL C 234 18.87 -10.54 26.40
N VAL C 235 19.85 -10.65 27.30
CA VAL C 235 19.65 -10.20 28.67
C VAL C 235 19.80 -8.69 28.77
N GLU C 236 20.83 -8.13 28.14
CA GLU C 236 21.10 -6.70 28.28
C GLU C 236 20.01 -5.86 27.62
N SER C 237 19.45 -6.30 26.49
CA SER C 237 18.40 -5.51 25.84
C SER C 237 17.23 -5.26 26.78
N ALA C 238 16.91 -6.22 27.65
CA ALA C 238 15.81 -6.03 28.60
C ALA C 238 16.14 -4.95 29.62
N TYR C 239 17.35 -5.00 30.22
CA TYR C 239 17.80 -3.94 31.11
C TYR C 239 17.82 -2.60 30.38
N GLU C 240 18.25 -2.60 29.12
CA GLU C 240 18.34 -1.36 28.37
C GLU C 240 16.96 -0.74 28.17
N VAL C 241 15.96 -1.58 27.85
CA VAL C 241 14.60 -1.05 27.66
C VAL C 241 14.06 -0.50 28.97
N ILE C 242 14.28 -1.21 30.07
CA ILE C 242 13.85 -0.72 31.37
C ILE C 242 14.53 0.61 31.69
N LYS C 243 15.84 0.70 31.41
CA LYS C 243 16.56 1.95 31.64
C LYS C 243 15.99 3.09 30.82
N LEU C 244 15.53 2.80 29.60
CA LEU C 244 15.15 3.84 28.64
C LEU C 244 13.71 4.31 28.79
N LYS C 245 12.75 3.38 28.93
CA LYS C 245 11.35 3.75 29.05
C LYS C 245 10.74 3.44 30.41
N GLY C 246 11.47 2.76 31.30
CA GLY C 246 11.03 2.53 32.67
C GLY C 246 10.56 1.13 32.96
N TYR C 247 10.30 0.32 31.94
CA TYR C 247 9.65 -0.99 32.06
C TYR C 247 9.58 -1.52 30.63
N THR C 248 9.23 -2.79 30.48
CA THR C 248 8.95 -3.31 29.15
C THR C 248 7.50 -3.79 29.12
N SER C 249 6.87 -3.70 27.95
CA SER C 249 5.47 -4.08 27.90
C SER C 249 5.03 -4.64 26.54
N TRP C 250 5.47 -4.05 25.43
CA TRP C 250 4.90 -4.44 24.13
C TRP C 250 5.32 -5.85 23.73
N ALA C 251 6.62 -6.16 23.84
CA ALA C 251 7.08 -7.46 23.38
C ALA C 251 6.53 -8.59 24.26
N ILE C 252 6.44 -8.36 25.57
CA ILE C 252 5.87 -9.39 26.44
C ILE C 252 4.37 -9.52 26.19
N GLY C 253 3.69 -8.39 25.95
CA GLY C 253 2.29 -8.47 25.55
C GLY C 253 2.08 -9.35 24.33
N LEU C 254 2.88 -9.11 23.28
CA LEU C 254 2.73 -9.87 22.04
C LEU C 254 3.06 -11.35 22.24
N SER C 255 4.08 -11.65 23.04
CA SER C 255 4.45 -13.04 23.29
C SER C 255 3.42 -13.75 24.16
N VAL C 256 2.80 -13.03 25.09
CA VAL C 256 1.73 -13.63 25.87
C VAL C 256 0.53 -13.93 24.97
N ALA C 257 0.18 -13.01 24.07
CA ALA C 257 -0.93 -13.26 23.17
C ALA C 257 -0.64 -14.44 22.25
N ASP C 258 0.62 -14.56 21.81
CA ASP C 258 1.00 -15.73 21.02
C ASP C 258 0.84 -17.02 21.82
N LEU C 259 1.17 -16.99 23.10
CA LEU C 259 0.96 -18.17 23.94
C LEU C 259 -0.53 -18.47 24.09
N ALA C 260 -1.33 -17.43 24.32
CA ALA C 260 -2.76 -17.59 24.45
C ALA C 260 -3.38 -18.18 23.20
N GLU C 261 -2.86 -17.80 22.02
CA GLU C 261 -3.39 -18.32 20.78
C GLU C 261 -3.31 -19.84 20.73
N SER C 262 -2.13 -20.40 21.00
CA SER C 262 -1.96 -21.86 21.01
C SER C 262 -2.89 -22.52 22.02
N ILE C 263 -3.06 -21.91 23.20
CA ILE C 263 -3.87 -22.52 24.24
C ILE C 263 -5.35 -22.47 23.85
N MET C 264 -5.84 -21.28 23.51
CA MET C 264 -7.26 -21.10 23.22
C MET C 264 -7.70 -21.86 21.95
N LYS C 265 -6.83 -21.97 20.95
CA LYS C 265 -7.19 -22.64 19.69
C LYS C 265 -6.67 -24.06 19.60
N ASN C 266 -6.08 -24.60 20.67
CA ASN C 266 -5.60 -25.99 20.69
C ASN C 266 -4.62 -26.28 19.57
N LEU C 267 -3.71 -25.34 19.30
CA LEU C 267 -2.87 -25.49 18.11
C LEU C 267 -1.83 -26.60 18.28
N ARG C 268 -1.38 -26.85 19.50
CA ARG C 268 -0.30 -27.80 19.74
C ARG C 268 0.99 -27.31 19.09
N ARG C 269 1.22 -26.00 19.16
N ARG C 269 1.23 -26.00 19.16
CA ARG C 269 2.51 -25.41 18.80
CA ARG C 269 2.52 -25.46 18.78
C ARG C 269 3.50 -25.66 19.93
C ARG C 269 3.49 -25.59 19.95
N VAL C 270 4.79 -25.46 19.63
CA VAL C 270 5.85 -25.63 20.61
C VAL C 270 6.42 -24.25 20.95
N HIS C 271 6.45 -23.95 22.25
CA HIS C 271 6.94 -22.67 22.77
C HIS C 271 7.84 -22.93 23.97
N PRO C 272 8.84 -22.06 24.19
CA PRO C 272 9.64 -22.18 25.42
C PRO C 272 8.94 -21.51 26.60
N VAL C 273 8.35 -22.31 27.47
CA VAL C 273 7.60 -21.81 28.62
C VAL C 273 8.05 -22.58 29.87
N SER C 274 7.82 -21.96 31.03
CA SER C 274 8.30 -22.53 32.28
C SER C 274 7.33 -23.57 32.80
N THR C 275 7.84 -24.75 33.12
CA THR C 275 6.99 -25.87 33.51
C THR C 275 7.68 -26.69 34.61
N MET C 276 6.87 -27.44 35.33
CA MET C 276 7.32 -28.24 36.48
C MET C 276 8.20 -29.39 36.00
N ILE C 277 9.51 -29.23 36.13
CA ILE C 277 10.46 -30.05 35.38
C ILE C 277 11.03 -31.19 36.19
N LYS C 278 10.54 -31.40 37.41
CA LYS C 278 11.06 -32.47 38.26
C LYS C 278 10.90 -33.82 37.57
N GLY C 279 11.99 -34.60 37.56
CA GLY C 279 12.00 -35.87 36.87
C GLY C 279 12.50 -35.82 35.44
N LEU C 280 12.67 -34.64 34.86
CA LEU C 280 13.18 -34.51 33.51
C LEU C 280 14.39 -33.59 33.51
N TYR C 281 15.17 -33.69 32.43
CA TYR C 281 16.35 -32.85 32.25
C TYR C 281 17.28 -32.94 33.46
N GLY C 282 17.37 -34.13 34.07
CA GLY C 282 18.23 -34.31 35.22
C GLY C 282 17.84 -33.53 36.45
N ILE C 283 16.69 -32.84 36.45
CA ILE C 283 16.28 -32.11 37.63
C ILE C 283 15.60 -33.07 38.60
N LYS C 284 15.77 -32.81 39.91
CA LYS C 284 15.28 -33.67 40.97
C LYS C 284 14.52 -32.91 42.06
N ASP C 285 14.20 -31.64 41.83
CA ASP C 285 13.42 -30.84 42.77
C ASP C 285 12.22 -30.23 42.05
N ASP C 286 11.18 -29.92 42.83
CA ASP C 286 10.00 -29.26 42.29
C ASP C 286 10.32 -27.81 41.92
N VAL C 287 10.78 -27.59 40.69
CA VAL C 287 11.08 -26.25 40.20
C VAL C 287 10.54 -26.12 38.79
N PHE C 288 10.32 -24.87 38.39
CA PHE C 288 9.80 -24.50 37.09
C PHE C 288 10.92 -23.90 36.27
N LEU C 289 11.22 -24.51 35.13
CA LEU C 289 12.20 -24.02 34.17
C LEU C 289 11.62 -24.12 32.77
N SER C 290 12.04 -23.21 31.89
CA SER C 290 11.54 -23.21 30.53
C SER C 290 12.19 -24.32 29.72
N VAL C 291 11.35 -25.11 29.05
CA VAL C 291 11.74 -26.10 28.05
C VAL C 291 10.71 -25.96 26.94
N PRO C 292 10.91 -26.52 25.74
CA PRO C 292 9.90 -26.38 24.67
C PRO C 292 8.69 -27.26 24.99
N CYS C 293 7.55 -26.62 25.17
CA CYS C 293 6.32 -27.30 25.56
C CYS C 293 5.29 -27.22 24.45
N ILE C 294 4.58 -28.33 24.25
CA ILE C 294 3.46 -28.40 23.32
C ILE C 294 2.23 -27.85 24.03
N LEU C 295 1.69 -26.75 23.51
CA LEU C 295 0.62 -25.99 24.17
C LEU C 295 -0.70 -26.16 23.46
N GLY C 296 -1.75 -26.46 24.22
CA GLY C 296 -3.06 -26.66 23.63
C GLY C 296 -4.16 -26.37 24.63
N GLN C 297 -5.34 -26.94 24.36
CA GLN C 297 -6.52 -26.69 25.17
C GLN C 297 -6.35 -27.16 26.61
N ASN C 298 -5.45 -28.10 26.86
CA ASN C 298 -5.20 -28.56 28.21
C ASN C 298 -3.91 -28.00 28.80
N GLY C 299 -3.37 -26.94 28.21
CA GLY C 299 -2.11 -26.38 28.69
C GLY C 299 -0.94 -27.11 28.09
N ILE C 300 0.04 -27.46 28.93
CA ILE C 300 1.22 -28.21 28.50
C ILE C 300 0.84 -29.69 28.54
N SER C 301 0.58 -30.29 27.37
CA SER C 301 0.28 -31.70 27.33
C SER C 301 1.51 -32.56 27.10
N ASP C 302 2.56 -31.98 26.51
CA ASP C 302 3.82 -32.65 26.19
C ASP C 302 4.91 -31.60 26.21
N LEU C 303 6.15 -32.05 26.33
CA LEU C 303 7.31 -31.18 26.20
C LEU C 303 8.37 -31.91 25.40
N VAL C 304 9.28 -31.13 24.81
CA VAL C 304 10.33 -31.66 23.95
C VAL C 304 11.57 -31.91 24.80
N LYS C 305 12.20 -33.07 24.62
CA LYS C 305 13.43 -33.42 25.30
C LYS C 305 14.60 -32.92 24.46
N VAL C 306 15.09 -31.73 24.79
CA VAL C 306 16.20 -31.13 24.06
C VAL C 306 17.50 -31.75 24.58
N THR C 307 18.30 -32.32 23.67
CA THR C 307 19.59 -32.85 24.06
C THR C 307 20.55 -31.69 24.35
N LEU C 308 21.06 -31.65 25.57
CA LEU C 308 21.92 -30.56 26.02
C LEU C 308 23.37 -30.99 26.06
N THR C 309 24.25 -30.02 25.91
CA THR C 309 25.66 -30.24 26.23
C THR C 309 25.82 -30.30 27.74
N SER C 310 26.97 -30.83 28.19
CA SER C 310 27.25 -30.91 29.62
C SER C 310 27.24 -29.52 30.25
N GLU C 311 27.82 -28.53 29.56
CA GLU C 311 27.81 -27.16 30.06
C GLU C 311 26.39 -26.63 30.19
N GLU C 312 25.55 -26.88 29.19
CA GLU C 312 24.18 -26.37 29.25
C GLU C 312 23.38 -27.11 30.32
N GLU C 313 23.59 -28.42 30.43
CA GLU C 313 22.89 -29.21 31.44
C GLU C 313 23.33 -28.83 32.86
N ALA C 314 24.63 -28.57 33.07
CA ALA C 314 25.09 -28.18 34.40
C ALA C 314 24.46 -26.87 34.86
N ARG C 315 24.31 -25.91 33.94
CA ARG C 315 23.68 -24.65 34.30
C ARG C 315 22.20 -24.83 34.62
N LEU C 316 21.53 -25.79 33.98
CA LEU C 316 20.14 -26.07 34.30
C LEU C 316 19.99 -26.60 35.72
N LYS C 317 20.92 -27.48 36.14
CA LYS C 317 20.87 -27.99 37.52
C LYS C 317 21.17 -26.89 38.52
N LYS C 318 22.13 -26.02 38.20
CA LYS C 318 22.47 -24.91 39.08
C LYS C 318 21.27 -23.98 39.28
N SER C 319 20.52 -23.71 38.20
CA SER C 319 19.29 -22.95 38.30
C SER C 319 18.28 -23.68 39.18
N ALA C 320 18.10 -24.97 38.92
CA ALA C 320 17.16 -25.75 39.72
C ALA C 320 17.54 -25.71 41.19
N ASP C 321 18.85 -25.78 41.48
CA ASP C 321 19.29 -25.67 42.85
C ASP C 321 18.94 -24.32 43.43
N THR C 322 19.13 -23.25 42.64
CA THR C 322 18.87 -21.91 43.15
C THR C 322 17.39 -21.72 43.46
N LEU C 323 16.51 -22.07 42.50
CA LEU C 323 15.08 -21.91 42.70
C LEU C 323 14.62 -22.66 43.95
N TRP C 324 15.01 -23.93 44.05
CA TRP C 324 14.59 -24.75 45.19
C TRP C 324 15.04 -24.13 46.51
N GLY C 325 16.24 -23.56 46.56
CA GLY C 325 16.70 -22.95 47.79
C GLY C 325 15.97 -21.67 48.13
N ILE C 326 15.65 -20.87 47.11
CA ILE C 326 14.82 -19.69 47.34
C ILE C 326 13.42 -20.11 47.77
N GLN C 327 12.87 -21.13 47.11
CA GLN C 327 11.51 -21.56 47.41
C GLN C 327 11.36 -22.02 48.85
N LYS C 328 12.39 -22.68 49.39
CA LYS C 328 12.33 -23.10 50.79
C LYS C 328 12.19 -21.91 51.73
N GLU C 329 12.55 -20.72 51.29
CA GLU C 329 12.50 -19.52 52.13
C GLU C 329 11.26 -18.68 51.90
N LEU C 330 10.36 -19.09 51.00
CA LEU C 330 9.11 -18.38 50.79
C LEU C 330 8.12 -18.70 51.88
N GLN C 331 7.36 -17.69 52.29
CA GLN C 331 6.30 -17.85 53.28
C GLN C 331 4.97 -18.01 52.53
N PHE C 332 4.33 -19.16 52.72
CA PHE C 332 3.06 -19.47 52.05
C PHE C 332 1.85 -19.13 52.92
N ALA D 2 34.53 -16.16 4.79
CA ALA D 2 34.74 -16.88 6.05
C ALA D 2 33.62 -16.56 7.03
N THR D 3 32.92 -15.45 6.79
CA THR D 3 31.86 -15.03 7.68
C THR D 3 30.72 -16.04 7.66
N LEU D 4 30.17 -16.34 8.84
CA LEU D 4 29.08 -17.31 8.93
C LEU D 4 27.92 -16.91 8.02
N LYS D 5 27.52 -15.64 8.05
CA LYS D 5 26.40 -15.19 7.22
C LYS D 5 26.66 -15.48 5.75
N ASP D 6 27.91 -15.33 5.31
CA ASP D 6 28.26 -15.56 3.91
C ASP D 6 28.31 -17.05 3.61
N GLN D 7 28.78 -17.86 4.56
CA GLN D 7 28.72 -19.31 4.36
C GLN D 7 27.28 -19.77 4.25
N LEU D 8 26.38 -19.12 4.98
CA LEU D 8 24.98 -19.55 5.06
C LEU D 8 24.14 -19.00 3.93
N ILE D 9 24.41 -17.77 3.50
CA ILE D 9 23.52 -17.01 2.64
C ILE D 9 24.29 -16.47 1.44
N TYR D 10 23.82 -16.80 0.25
CA TYR D 10 24.36 -16.25 -0.99
C TYR D 10 23.51 -15.07 -1.44
N ASN D 11 24.15 -13.91 -1.62
CA ASN D 11 23.45 -12.68 -1.98
C ASN D 11 23.41 -12.53 -3.50
N LEU D 12 22.22 -12.43 -4.08
CA LEU D 12 22.13 -12.19 -5.52
C LEU D 12 21.90 -10.73 -5.88
N LEU D 13 21.32 -9.94 -4.99
CA LEU D 13 21.23 -8.51 -5.24
C LEU D 13 21.34 -7.79 -3.91
N LYS D 14 22.08 -6.69 -3.91
CA LYS D 14 22.19 -5.81 -2.75
C LYS D 14 21.57 -4.45 -3.05
N GLU D 15 20.41 -4.46 -3.70
CA GLU D 15 19.74 -3.21 -4.01
C GLU D 15 19.30 -2.52 -2.73
N GLU D 16 19.30 -1.18 -2.76
CA GLU D 16 18.84 -0.41 -1.62
C GLU D 16 17.35 -0.65 -1.40
N GLN D 17 16.97 -0.80 -0.13
CA GLN D 17 15.58 -1.04 0.21
C GLN D 17 14.79 0.26 0.19
N THR D 18 13.66 0.25 -0.52
CA THR D 18 12.77 1.40 -0.58
C THR D 18 11.43 1.01 0.01
N PRO D 19 10.98 1.61 1.11
CA PRO D 19 9.73 1.17 1.73
C PRO D 19 8.52 1.65 0.95
N GLN D 20 7.50 0.78 0.88
CA GLN D 20 6.35 0.97 0.00
C GLN D 20 5.08 1.40 0.72
N ASN D 21 4.89 1.01 1.98
CA ASN D 21 3.68 1.32 2.74
C ASN D 21 4.09 1.78 4.14
N LYS D 22 4.87 2.85 4.19
CA LYS D 22 5.50 3.29 5.41
C LYS D 22 4.60 4.29 6.12
N ILE D 23 4.48 4.14 7.44
CA ILE D 23 3.72 5.03 8.29
C ILE D 23 4.66 5.61 9.34
N THR D 24 4.54 6.90 9.61
CA THR D 24 5.26 7.57 10.71
C THR D 24 4.30 7.97 11.81
N VAL D 25 4.71 7.75 13.06
CA VAL D 25 4.00 8.27 14.21
C VAL D 25 4.95 9.23 14.95
N VAL D 26 4.55 10.48 15.10
CA VAL D 26 5.35 11.46 15.81
C VAL D 26 4.73 11.69 17.17
N GLY D 27 5.52 11.44 18.23
CA GLY D 27 5.00 11.51 19.58
C GLY D 27 4.70 10.12 20.12
N VAL D 28 5.50 9.67 21.09
CA VAL D 28 5.41 8.30 21.58
C VAL D 28 4.92 8.29 23.01
N GLY D 29 4.01 9.20 23.34
CA GLY D 29 3.24 9.07 24.56
C GLY D 29 2.31 7.85 24.45
N ALA D 30 1.37 7.80 25.39
CA ALA D 30 0.45 6.65 25.40
C ALA D 30 -0.40 6.61 24.14
N VAL D 31 -0.77 7.78 23.63
CA VAL D 31 -1.61 7.82 22.44
C VAL D 31 -0.83 7.38 21.21
N GLY D 32 0.36 7.95 21.00
CA GLY D 32 1.18 7.54 19.88
C GLY D 32 1.52 6.07 19.91
N MET D 33 1.89 5.55 21.08
CA MET D 33 2.24 4.14 21.17
C MET D 33 1.03 3.26 20.95
N ALA D 34 -0.14 3.66 21.47
CA ALA D 34 -1.36 2.92 21.17
C ALA D 34 -1.66 2.91 19.68
N CYS D 35 -1.39 4.03 18.99
CA CYS D 35 -1.55 4.03 17.53
C CYS D 35 -0.57 3.07 16.87
N ALA D 36 0.68 3.04 17.36
CA ALA D 36 1.69 2.18 16.78
C ALA D 36 1.31 0.70 16.92
N ILE D 37 0.99 0.26 18.15
CA ILE D 37 0.68 -1.16 18.32
C ILE D 37 -0.54 -1.55 17.50
N SER D 38 -1.55 -0.69 17.46
CA SER D 38 -2.75 -1.00 16.72
C SER D 38 -2.46 -1.10 15.22
N ILE D 39 -1.67 -0.16 14.69
CA ILE D 39 -1.24 -0.23 13.29
C ILE D 39 -0.37 -1.45 13.06
N LEU D 40 0.45 -1.81 14.05
CA LEU D 40 1.31 -2.98 13.91
C LEU D 40 0.48 -4.26 13.86
N MET D 41 -0.48 -4.39 14.76
CA MET D 41 -1.27 -5.61 14.80
C MET D 41 -2.27 -5.71 13.65
N LYS D 42 -2.53 -4.64 12.91
CA LYS D 42 -3.38 -4.75 11.73
C LYS D 42 -2.59 -4.87 10.43
N ASP D 43 -1.26 -4.96 10.50
CA ASP D 43 -0.41 -5.14 9.32
C ASP D 43 -0.68 -4.07 8.27
N LEU D 44 -0.73 -2.82 8.70
CA LEU D 44 -1.01 -1.75 7.75
C LEU D 44 0.25 -1.17 7.14
N ALA D 45 1.42 -1.49 7.65
CA ALA D 45 2.64 -0.82 7.26
C ALA D 45 3.74 -1.84 7.00
N ASP D 46 4.58 -1.56 6.00
CA ASP D 46 5.82 -2.31 5.86
C ASP D 46 6.99 -1.64 6.56
N GLU D 47 6.83 -0.39 6.99
CA GLU D 47 7.83 0.26 7.83
C GLU D 47 7.13 1.24 8.75
N LEU D 48 7.52 1.23 10.02
CA LEU D 48 6.96 2.10 11.04
C LEU D 48 8.09 2.94 11.62
N ALA D 49 7.93 4.25 11.55
CA ALA D 49 8.91 5.20 12.06
C ALA D 49 8.32 5.94 13.25
N LEU D 50 9.13 6.11 14.29
CA LEU D 50 8.74 6.81 15.50
C LEU D 50 9.63 8.03 15.70
N VAL D 51 9.02 9.16 16.04
CA VAL D 51 9.75 10.39 16.36
C VAL D 51 9.23 10.94 17.66
N ASP D 52 10.15 11.38 18.52
CA ASP D 52 9.81 12.18 19.68
C ASP D 52 11.00 13.08 19.96
N VAL D 53 10.86 13.92 20.99
CA VAL D 53 11.99 14.73 21.42
C VAL D 53 12.66 14.07 22.63
N ILE D 54 11.92 13.24 23.37
CA ILE D 54 12.48 12.53 24.51
C ILE D 54 13.24 11.34 23.96
N GLU D 55 14.56 11.46 23.86
CA GLU D 55 15.34 10.50 23.08
C GLU D 55 15.41 9.14 23.76
N ASP D 56 15.51 9.10 25.09
CA ASP D 56 15.60 7.80 25.76
C ASP D 56 14.29 7.04 25.65
N LYS D 57 13.17 7.68 26.02
CA LYS D 57 11.86 7.05 25.90
C LYS D 57 11.60 6.59 24.47
N LEU D 58 12.01 7.40 23.49
CA LEU D 58 11.83 7.04 22.09
C LEU D 58 12.55 5.74 21.75
N LYS D 59 13.83 5.64 22.15
CA LYS D 59 14.62 4.46 21.81
C LYS D 59 14.07 3.21 22.52
N GLY D 60 13.65 3.37 23.76
CA GLY D 60 13.11 2.24 24.50
C GLY D 60 11.82 1.69 23.90
N GLU D 61 10.89 2.57 23.51
CA GLU D 61 9.67 2.12 22.85
C GLU D 61 9.99 1.42 21.53
N MET D 62 10.87 2.01 20.72
CA MET D 62 11.29 1.37 19.48
C MET D 62 11.79 -0.05 19.74
N MET D 63 12.76 -0.19 20.65
CA MET D 63 13.33 -1.49 20.97
C MET D 63 12.27 -2.46 21.48
N ASP D 64 11.39 -1.98 22.36
CA ASP D 64 10.34 -2.84 22.91
C ASP D 64 9.46 -3.38 21.80
N LEU D 65 9.06 -2.52 20.85
CA LEU D 65 8.33 -3.02 19.69
C LEU D 65 9.17 -4.00 18.89
N GLN D 66 10.45 -3.66 18.69
CA GLN D 66 11.33 -4.50 17.89
C GLN D 66 11.43 -5.90 18.46
N HIS D 67 11.40 -6.03 19.79
CA HIS D 67 11.56 -7.34 20.40
C HIS D 67 10.36 -8.23 20.20
N GLY D 68 9.23 -7.66 19.78
CA GLY D 68 8.05 -8.40 19.39
C GLY D 68 7.97 -8.67 17.90
N SER D 69 9.07 -8.47 17.16
CA SER D 69 9.06 -8.63 15.71
C SER D 69 8.68 -10.03 15.28
N LEU D 70 9.04 -11.03 16.09
CA LEU D 70 8.64 -12.39 15.80
C LEU D 70 7.13 -12.52 15.63
N PHE D 71 6.35 -11.68 16.33
CA PHE D 71 4.90 -11.81 16.32
C PHE D 71 4.21 -10.83 15.39
N LEU D 72 4.97 -10.11 14.56
CA LEU D 72 4.42 -9.07 13.72
C LEU D 72 4.69 -9.39 12.26
N ARG D 73 4.10 -8.59 11.37
CA ARG D 73 4.34 -8.71 9.94
C ARG D 73 4.83 -7.39 9.37
N THR D 74 5.52 -6.59 10.20
CA THR D 74 6.07 -5.30 9.79
C THR D 74 7.58 -5.37 10.00
N PRO D 75 8.36 -5.52 8.93
CA PRO D 75 9.75 -5.96 9.10
C PRO D 75 10.71 -4.91 9.64
N LYS D 76 10.40 -3.62 9.50
CA LYS D 76 11.34 -2.56 9.85
C LYS D 76 10.69 -1.57 10.78
N ILE D 77 11.26 -1.40 11.97
CA ILE D 77 10.78 -0.45 12.95
C ILE D 77 11.95 0.45 13.31
N VAL D 78 11.84 1.74 12.99
CA VAL D 78 12.92 2.70 13.16
C VAL D 78 12.42 3.86 14.01
N SER D 79 13.36 4.61 14.57
CA SER D 79 13.05 5.78 15.37
C SER D 79 14.27 6.69 15.41
N GLY D 80 14.03 7.92 15.82
CA GLY D 80 15.05 8.94 15.91
C GLY D 80 14.41 10.30 16.10
N LYS D 81 15.19 11.22 16.65
CA LYS D 81 14.70 12.59 16.74
C LYS D 81 14.82 13.32 15.42
N ASP D 82 15.65 12.83 14.50
CA ASP D 82 15.86 13.43 13.19
C ASP D 82 14.85 12.84 12.20
N TYR D 83 14.15 13.72 11.50
CA TYR D 83 13.07 13.27 10.61
C TYR D 83 13.58 12.52 9.38
N ASN D 84 14.89 12.37 9.20
CA ASN D 84 15.41 11.51 8.12
C ASN D 84 14.75 10.14 8.15
N VAL D 85 14.53 9.57 9.35
CA VAL D 85 13.93 8.25 9.44
C VAL D 85 12.48 8.21 8.97
N THR D 86 11.84 9.36 8.75
CA THR D 86 10.44 9.38 8.34
C THR D 86 10.27 9.47 6.83
N ALA D 87 11.37 9.45 6.08
CA ALA D 87 11.33 9.75 4.66
C ALA D 87 10.42 8.81 3.88
N ASN D 88 9.59 9.39 3.01
CA ASN D 88 8.74 8.64 2.09
C ASN D 88 7.65 7.87 2.83
N SER D 89 7.16 8.45 3.92
CA SER D 89 5.97 7.91 4.57
C SER D 89 4.74 8.18 3.71
N LYS D 90 3.89 7.16 3.56
CA LYS D 90 2.59 7.40 2.93
C LYS D 90 1.68 8.17 3.87
N LEU D 91 1.87 7.99 5.18
CA LEU D 91 0.97 8.52 6.19
C LEU D 91 1.77 8.94 7.41
N VAL D 92 1.56 10.17 7.86
CA VAL D 92 2.24 10.69 9.04
C VAL D 92 1.18 11.07 10.06
N ILE D 93 1.29 10.50 11.25
CA ILE D 93 0.30 10.63 12.31
C ILE D 93 0.93 11.46 13.43
N ILE D 94 0.35 12.62 13.71
CA ILE D 94 0.90 13.55 14.70
C ILE D 94 0.11 13.40 15.97
N THR D 95 0.76 12.91 17.02
CA THR D 95 0.17 12.79 18.34
C THR D 95 0.97 13.57 19.37
N ALA D 96 1.77 14.54 18.94
CA ALA D 96 2.67 15.25 19.83
C ALA D 96 1.97 16.43 20.49
N GLY D 97 2.33 16.70 21.73
CA GLY D 97 1.75 17.81 22.47
C GLY D 97 2.49 18.04 23.76
N ALA D 98 2.23 19.21 24.34
CA ALA D 98 2.83 19.54 25.62
C ALA D 98 1.90 19.13 26.76
N ARG D 99 2.48 19.08 27.96
CA ARG D 99 1.70 18.88 29.18
C ARG D 99 1.33 20.25 29.74
N GLN D 100 0.04 20.44 30.01
CA GLN D 100 -0.42 21.67 30.64
C GLN D 100 0.20 21.79 32.03
N GLN D 101 0.92 22.89 32.27
CA GLN D 101 1.49 23.12 33.59
C GLN D 101 0.37 23.23 34.63
N GLU D 102 0.75 23.08 35.90
CA GLU D 102 -0.21 23.14 37.00
C GLU D 102 -0.87 24.52 37.03
N GLY D 103 -2.14 24.60 36.63
CA GLY D 103 -2.81 25.88 36.55
C GLY D 103 -2.58 26.63 35.27
N GLU D 104 -2.19 25.94 34.20
CA GLU D 104 -1.88 26.59 32.93
C GLU D 104 -3.17 26.83 32.16
N SER D 105 -3.42 28.09 31.80
CA SER D 105 -4.54 28.42 30.93
C SER D 105 -4.48 27.59 29.66
N ARG D 106 -5.64 27.07 29.26
CA ARG D 106 -5.73 26.24 28.06
C ARG D 106 -5.28 27.00 26.82
N LEU D 107 -5.50 28.32 26.78
CA LEU D 107 -5.15 29.06 25.57
C LEU D 107 -3.64 29.21 25.43
N ASN D 108 -2.94 29.44 26.54
CA ASN D 108 -1.49 29.43 26.50
C ASN D 108 -0.96 28.06 26.07
N LEU D 109 -1.68 27.00 26.43
CA LEU D 109 -1.24 25.65 26.07
C LEU D 109 -1.39 25.38 24.58
N VAL D 110 -2.45 25.91 23.96
CA VAL D 110 -2.63 25.71 22.52
C VAL D 110 -1.52 26.38 21.74
N GLN D 111 -1.14 27.59 22.16
CA GLN D 111 0.00 28.26 21.52
C GLN D 111 1.25 27.39 21.60
N ARG D 112 1.48 26.78 22.76
CA ARG D 112 2.63 25.89 22.93
C ARG D 112 2.53 24.69 22.00
N ASN D 113 1.36 24.09 21.85
CA ASN D 113 1.23 23.01 20.88
C ASN D 113 1.39 23.51 19.45
N VAL D 114 0.92 24.74 19.19
CA VAL D 114 1.18 25.36 17.89
C VAL D 114 2.67 25.48 17.64
N ASN D 115 3.43 25.93 18.65
CA ASN D 115 4.87 26.05 18.50
C ASN D 115 5.52 24.69 18.22
N ILE D 116 5.04 23.64 18.89
CA ILE D 116 5.45 22.28 18.55
C ILE D 116 5.21 22.00 17.06
N PHE D 117 4.00 22.30 16.58
CA PHE D 117 3.68 22.05 15.17
C PHE D 117 4.55 22.88 14.25
N LYS D 118 4.86 24.11 14.63
CA LYS D 118 5.77 24.93 13.83
C LYS D 118 7.12 24.25 13.64
N PHE D 119 7.51 23.37 14.56
CA PHE D 119 8.72 22.58 14.40
C PHE D 119 8.48 21.27 13.66
N ILE D 120 7.40 20.54 14.00
CA ILE D 120 7.20 19.21 13.46
C ILE D 120 6.83 19.28 11.98
N ILE D 121 5.85 20.12 11.64
CA ILE D 121 5.21 20.02 10.33
C ILE D 121 6.19 20.29 9.18
N PRO D 122 7.04 21.32 9.20
CA PRO D 122 7.98 21.49 8.08
C PRO D 122 8.98 20.35 7.95
N ASN D 123 9.42 19.76 9.06
CA ASN D 123 10.30 18.60 8.99
C ASN D 123 9.59 17.42 8.32
N VAL D 124 8.31 17.21 8.65
CA VAL D 124 7.52 16.15 8.03
C VAL D 124 7.46 16.35 6.52
N VAL D 125 6.97 17.53 6.11
CA VAL D 125 6.85 17.88 4.70
C VAL D 125 8.17 17.70 3.97
N LYS D 126 9.28 18.06 4.65
CA LYS D 126 10.59 17.94 4.04
C LYS D 126 10.88 16.52 3.59
N TYR D 127 10.69 15.55 4.48
CA TYR D 127 11.09 14.19 4.15
C TYR D 127 9.98 13.35 3.53
N SER D 128 8.72 13.79 3.60
CA SER D 128 7.60 13.10 2.96
C SER D 128 6.64 14.08 2.32
N PRO D 129 7.02 14.67 1.17
CA PRO D 129 6.21 15.74 0.60
C PRO D 129 4.84 15.30 0.07
N ASN D 130 4.63 14.00 -0.19
CA ASN D 130 3.36 13.50 -0.70
C ASN D 130 2.56 12.72 0.34
N CYS D 131 2.95 12.79 1.61
CA CYS D 131 2.22 12.03 2.61
C CYS D 131 0.86 12.64 2.87
N LYS D 132 -0.03 11.81 3.41
CA LYS D 132 -1.23 12.28 4.06
C LYS D 132 -0.91 12.56 5.53
N LEU D 133 -1.42 13.69 6.03
CA LEU D 133 -1.21 14.11 7.42
C LEU D 133 -2.47 13.83 8.23
N LEU D 134 -2.36 12.96 9.24
CA LEU D 134 -3.48 12.69 10.14
C LEU D 134 -3.14 13.28 11.50
N ILE D 135 -3.86 14.32 11.91
CA ILE D 135 -3.57 15.05 13.15
C ILE D 135 -4.45 14.51 14.25
N VAL D 136 -3.84 14.16 15.38
CA VAL D 136 -4.56 13.63 16.53
C VAL D 136 -4.50 14.57 17.72
N SER D 137 -3.37 15.29 17.91
CA SER D 137 -3.16 16.11 19.10
C SER D 137 -4.30 17.11 19.31
N ASN D 138 -4.57 17.43 20.58
CA ASN D 138 -5.63 18.39 20.93
C ASN D 138 -5.15 19.80 21.29
N PRO D 139 -5.97 20.83 20.98
CA PRO D 139 -7.32 20.73 20.38
C PRO D 139 -7.27 20.40 18.90
N VAL D 140 -7.87 19.26 18.53
CA VAL D 140 -7.52 18.60 17.28
C VAL D 140 -8.05 19.39 16.07
N ASP D 141 -9.22 20.00 16.18
CA ASP D 141 -9.73 20.77 15.04
C ASP D 141 -8.89 22.01 14.78
N ILE D 142 -8.53 22.73 15.85
CA ILE D 142 -7.63 23.87 15.69
C ILE D 142 -6.30 23.42 15.10
N LEU D 143 -5.69 22.40 15.71
CA LEU D 143 -4.36 21.96 15.32
C LEU D 143 -4.34 21.40 13.91
N THR D 144 -5.44 20.78 13.46
CA THR D 144 -5.50 20.31 12.09
C THR D 144 -5.44 21.48 11.12
N TYR D 145 -6.17 22.57 11.43
CA TYR D 145 -6.03 23.81 10.66
C TYR D 145 -4.59 24.31 10.67
N VAL D 146 -3.95 24.31 11.84
CA VAL D 146 -2.58 24.79 11.95
C VAL D 146 -1.64 23.92 11.10
N ALA D 147 -1.82 22.60 11.14
CA ALA D 147 -1.01 21.73 10.31
C ALA D 147 -1.21 22.01 8.83
N TRP D 148 -2.46 22.29 8.43
CA TRP D 148 -2.77 22.58 7.03
C TRP D 148 -2.15 23.90 6.58
N LYS D 149 -2.21 24.91 7.45
CA LYS D 149 -1.62 26.20 7.12
C LYS D 149 -0.11 26.13 7.08
N ILE D 150 0.50 25.42 8.03
CA ILE D 150 1.96 25.32 8.03
C ILE D 150 2.44 24.48 6.85
N SER D 151 1.76 23.39 6.56
CA SER D 151 2.29 22.41 5.61
C SER D 151 2.23 22.93 4.18
N GLY D 152 1.20 23.70 3.85
CA GLY D 152 0.94 24.05 2.48
C GLY D 152 0.27 22.97 1.68
N PHE D 153 -0.12 21.86 2.31
CA PHE D 153 -0.74 20.73 1.62
C PHE D 153 -2.14 21.07 1.12
N PRO D 154 -2.57 20.43 0.03
CA PRO D 154 -3.98 20.51 -0.35
C PRO D 154 -4.87 19.93 0.75
N LYS D 155 -6.12 20.38 0.74
CA LYS D 155 -7.08 20.00 1.78
C LYS D 155 -7.24 18.48 1.87
N ASN D 156 -7.16 17.77 0.75
CA ASN D 156 -7.43 16.33 0.77
C ASN D 156 -6.40 15.54 1.59
N ARG D 157 -5.20 16.09 1.81
CA ARG D 157 -4.15 15.35 2.49
C ARG D 157 -3.90 15.85 3.92
N VAL D 158 -4.82 16.61 4.50
CA VAL D 158 -4.70 17.00 5.90
C VAL D 158 -5.97 16.60 6.61
N ILE D 159 -5.88 15.59 7.48
CA ILE D 159 -7.04 14.97 8.11
C ILE D 159 -6.87 15.08 9.61
N GLY D 160 -7.89 15.60 10.29
CA GLY D 160 -7.94 15.56 11.73
C GLY D 160 -8.74 14.37 12.22
N SER D 161 -8.23 13.72 13.28
CA SER D 161 -8.91 12.59 13.89
C SER D 161 -10.35 12.93 14.22
N GLY D 162 -10.57 14.13 14.77
CA GLY D 162 -11.90 14.71 14.88
C GLY D 162 -12.85 13.83 15.65
N CYS D 163 -14.04 13.61 15.07
CA CYS D 163 -15.13 12.97 15.77
C CYS D 163 -15.22 11.48 15.48
N ASN D 164 -14.19 10.91 14.87
CA ASN D 164 -14.17 9.48 14.66
C ASN D 164 -14.19 8.72 15.98
N LEU D 165 -13.49 9.24 17.00
CA LEU D 165 -13.57 8.62 18.32
C LEU D 165 -14.91 8.90 18.99
N ASP D 166 -15.44 10.11 18.88
CA ASP D 166 -16.72 10.43 19.50
C ASP D 166 -17.84 9.55 18.95
N SER D 167 -17.81 9.27 17.65
CA SER D 167 -18.83 8.40 17.06
C SER D 167 -18.65 6.95 17.45
N ALA D 168 -17.40 6.48 17.59
CA ALA D 168 -17.20 5.12 18.10
C ALA D 168 -17.76 4.97 19.51
N ARG D 169 -17.55 5.98 20.37
CA ARG D 169 -18.14 5.97 21.71
C ARG D 169 -19.66 5.99 21.63
N PHE D 170 -20.21 6.85 20.77
CA PHE D 170 -21.65 6.94 20.59
C PHE D 170 -22.24 5.58 20.22
N ARG D 171 -21.59 4.88 19.29
CA ARG D 171 -22.11 3.58 18.87
C ARG D 171 -21.93 2.53 19.97
N TYR D 172 -20.86 2.60 20.75
CA TYR D 172 -20.72 1.70 21.89
C TYR D 172 -21.86 1.90 22.88
N LEU D 173 -22.11 3.16 23.27
CA LEU D 173 -23.17 3.46 24.21
C LEU D 173 -24.53 3.06 23.65
N MET D 174 -24.75 3.36 22.37
CA MET D 174 -25.99 2.95 21.71
C MET D 174 -26.15 1.43 21.76
N GLY D 175 -25.07 0.71 21.45
CA GLY D 175 -25.15 -0.75 21.46
C GLY D 175 -25.47 -1.32 22.83
N GLU D 176 -24.89 -0.73 23.88
CA GLU D 176 -25.18 -1.21 25.23
C GLU D 176 -26.63 -0.98 25.62
N ARG D 177 -27.23 0.12 25.13
CA ARG D 177 -28.64 0.34 25.39
C ARG D 177 -29.52 -0.63 24.61
N LEU D 178 -29.09 -1.03 23.42
CA LEU D 178 -29.97 -1.87 22.59
C LEU D 178 -29.64 -3.35 22.70
N GLY D 179 -28.55 -3.72 23.36
CA GLY D 179 -28.12 -5.10 23.35
C GLY D 179 -27.70 -5.55 21.97
N VAL D 180 -27.03 -4.67 21.21
CA VAL D 180 -26.57 -4.95 19.86
C VAL D 180 -25.10 -4.55 19.76
N HIS D 181 -24.36 -5.27 18.92
CA HIS D 181 -22.96 -4.92 18.71
C HIS D 181 -22.86 -3.52 18.11
N PRO D 182 -21.90 -2.70 18.59
CA PRO D 182 -21.74 -1.36 18.01
C PRO D 182 -21.55 -1.33 16.50
N LEU D 183 -21.02 -2.40 15.91
CA LEU D 183 -20.89 -2.49 14.45
C LEU D 183 -22.24 -2.34 13.75
N SER D 184 -23.30 -2.90 14.32
CA SER D 184 -24.63 -2.83 13.73
C SER D 184 -25.42 -1.62 14.21
N CYS D 185 -24.86 -0.82 15.11
CA CYS D 185 -25.51 0.40 15.59
C CYS D 185 -24.93 1.55 14.80
N HIS D 186 -25.79 2.33 14.15
CA HIS D 186 -25.30 3.41 13.30
C HIS D 186 -25.76 4.74 13.85
N GLY D 187 -24.84 5.70 13.84
CA GLY D 187 -25.02 6.97 14.51
C GLY D 187 -23.80 7.85 14.31
N TRP D 188 -24.04 9.15 14.14
CA TRP D 188 -23.00 10.06 13.70
C TRP D 188 -22.91 11.24 14.64
N VAL D 189 -21.70 11.49 15.13
CA VAL D 189 -21.39 12.66 15.94
C VAL D 189 -20.51 13.56 15.09
N LEU D 190 -20.96 14.78 14.85
CA LEU D 190 -20.26 15.67 13.94
C LEU D 190 -19.84 16.94 14.66
N GLY D 191 -19.10 17.78 13.94
CA GLY D 191 -18.70 19.09 14.45
C GLY D 191 -17.32 19.03 15.10
N GLU D 192 -17.21 19.65 16.27
CA GLU D 192 -15.96 19.64 17.03
C GLU D 192 -15.80 18.34 17.79
N HIS D 193 -14.56 17.89 17.90
CA HIS D 193 -14.24 16.82 18.83
C HIS D 193 -14.51 17.24 20.27
N GLY D 194 -15.16 16.38 21.04
CA GLY D 194 -15.30 16.61 22.46
C GLY D 194 -16.56 17.39 22.79
N ASP D 195 -16.40 18.47 23.56
CA ASP D 195 -17.51 19.07 24.30
C ASP D 195 -18.65 19.52 23.38
N SER D 196 -18.31 20.20 22.28
CA SER D 196 -19.28 20.85 21.41
C SER D 196 -19.72 19.97 20.25
N SER D 197 -19.53 18.67 20.33
CA SER D 197 -19.85 17.79 19.21
C SER D 197 -21.36 17.74 19.01
N VAL D 198 -21.78 17.44 17.78
CA VAL D 198 -23.20 17.47 17.46
C VAL D 198 -23.69 16.08 17.09
N PRO D 199 -24.58 15.46 17.87
CA PRO D 199 -25.17 14.19 17.42
C PRO D 199 -26.23 14.44 16.34
N VAL D 200 -26.23 13.60 15.32
CA VAL D 200 -27.22 13.76 14.24
C VAL D 200 -28.28 12.68 14.49
N TRP D 201 -29.36 13.08 15.18
CA TRP D 201 -30.37 12.12 15.61
C TRP D 201 -31.08 11.47 14.44
N SER D 202 -31.26 12.19 13.33
CA SER D 202 -31.94 11.62 12.18
C SER D 202 -31.15 10.47 11.54
N GLY D 203 -29.85 10.37 11.82
CA GLY D 203 -29.04 9.31 11.24
C GLY D 203 -28.97 8.05 12.05
N MET D 204 -29.45 8.11 13.28
CA MET D 204 -29.33 6.97 14.20
C MET D 204 -30.28 5.85 13.79
N ASN D 205 -29.72 4.66 13.55
CA ASN D 205 -30.54 3.58 13.04
C ASN D 205 -29.88 2.24 13.34
N VAL D 206 -30.71 1.21 13.34
CA VAL D 206 -30.29 -0.19 13.26
C VAL D 206 -30.99 -0.80 12.06
N ALA D 207 -30.23 -1.47 11.21
CA ALA D 207 -30.79 -2.10 10.02
C ALA D 207 -31.60 -1.10 9.19
N GLY D 208 -31.13 0.14 9.13
CA GLY D 208 -31.82 1.16 8.35
C GLY D 208 -33.15 1.64 8.91
N VAL D 209 -33.47 1.30 10.15
CA VAL D 209 -34.69 1.73 10.82
C VAL D 209 -34.35 2.94 11.67
N SER D 210 -34.86 4.11 11.27
CA SER D 210 -34.52 5.36 11.96
C SER D 210 -35.12 5.37 13.35
N LEU D 211 -34.25 5.49 14.37
CA LEU D 211 -34.75 5.63 15.73
C LEU D 211 -35.57 6.90 15.90
N LYS D 212 -35.22 7.95 15.14
CA LYS D 212 -35.98 9.19 15.23
C LYS D 212 -37.41 9.02 14.74
N THR D 213 -37.62 8.16 13.74
CA THR D 213 -38.96 7.99 13.20
C THR D 213 -39.81 7.07 14.07
N LEU D 214 -39.19 6.09 14.75
CA LEU D 214 -39.95 5.25 15.67
C LEU D 214 -40.27 6.00 16.97
N HIS D 215 -39.35 6.84 17.41
CA HIS D 215 -39.40 7.45 18.74
C HIS D 215 -39.15 8.94 18.55
N PRO D 216 -40.18 9.70 18.18
CA PRO D 216 -39.95 11.11 17.79
C PRO D 216 -39.30 11.94 18.88
N ASP D 217 -39.49 11.59 20.15
CA ASP D 217 -38.88 12.37 21.23
C ASP D 217 -37.36 12.20 21.29
N LEU D 218 -36.80 11.27 20.51
CA LEU D 218 -35.36 11.04 20.45
C LEU D 218 -34.58 12.33 20.27
N GLY D 219 -33.78 12.70 21.27
CA GLY D 219 -32.98 13.89 21.22
C GLY D 219 -33.61 15.14 21.82
N THR D 220 -34.90 15.10 22.14
CA THR D 220 -35.52 16.26 22.76
C THR D 220 -35.29 16.24 24.26
N ASP D 221 -35.46 17.41 24.89
CA ASP D 221 -35.46 17.45 26.35
C ASP D 221 -36.68 16.74 26.93
N LYS D 222 -37.78 16.70 26.18
CA LYS D 222 -38.99 15.99 26.58
C LYS D 222 -38.93 14.49 26.29
N ASP D 223 -37.75 13.93 26.05
CA ASP D 223 -37.62 12.52 25.72
C ASP D 223 -37.86 11.66 26.95
N LYS D 224 -38.85 10.76 26.86
CA LYS D 224 -39.14 9.85 27.95
C LYS D 224 -37.89 9.09 28.41
N GLU D 225 -37.17 8.48 27.48
CA GLU D 225 -36.02 7.66 27.78
C GLU D 225 -34.71 8.44 27.81
N GLN D 226 -34.76 9.76 27.62
CA GLN D 226 -33.60 10.64 27.76
C GLN D 226 -32.41 10.16 26.92
N TRP D 227 -32.65 9.95 25.63
CA TRP D 227 -31.55 9.56 24.76
C TRP D 227 -30.54 10.67 24.55
N LYS D 228 -30.85 11.90 24.97
CA LYS D 228 -29.84 12.97 24.93
C LYS D 228 -28.66 12.64 25.84
N GLU D 229 -28.89 11.89 26.93
CA GLU D 229 -27.79 11.52 27.81
C GLU D 229 -26.74 10.69 27.08
N VAL D 230 -27.15 9.94 26.05
CA VAL D 230 -26.20 9.15 25.29
C VAL D 230 -25.14 10.05 24.65
N HIS D 231 -25.55 11.18 24.08
CA HIS D 231 -24.53 12.10 23.57
C HIS D 231 -23.79 12.77 24.71
N LYS D 232 -24.50 13.18 25.77
CA LYS D 232 -23.82 13.70 26.96
C LYS D 232 -22.77 12.72 27.46
N GLN D 233 -23.07 11.41 27.41
CA GLN D 233 -22.09 10.43 27.87
C GLN D 233 -20.94 10.28 26.89
N VAL D 234 -21.15 10.53 25.60
CA VAL D 234 -20.02 10.58 24.68
C VAL D 234 -18.98 11.58 25.18
N VAL D 235 -19.43 12.70 25.73
CA VAL D 235 -18.50 13.71 26.22
C VAL D 235 -18.01 13.38 27.63
N GLU D 236 -18.90 12.93 28.51
CA GLU D 236 -18.50 12.73 29.91
C GLU D 236 -17.64 11.49 30.08
N SER D 237 -17.88 10.46 29.26
CA SER D 237 -17.08 9.23 29.37
C SER D 237 -15.60 9.50 29.12
N ALA D 238 -15.29 10.42 28.20
CA ALA D 238 -13.89 10.74 27.93
C ALA D 238 -13.25 11.40 29.14
N TYR D 239 -13.91 12.42 29.70
CA TYR D 239 -13.42 13.04 30.93
C TYR D 239 -13.29 12.03 32.04
N GLU D 240 -14.21 11.06 32.09
CA GLU D 240 -14.18 10.05 33.14
C GLU D 240 -12.96 9.16 33.01
N VAL D 241 -12.66 8.71 31.79
CA VAL D 241 -11.45 7.93 31.60
C VAL D 241 -10.23 8.73 32.00
N ILE D 242 -10.18 10.01 31.59
CA ILE D 242 -9.08 10.89 31.98
C ILE D 242 -8.97 10.96 33.50
N LYS D 243 -10.10 11.15 34.17
CA LYS D 243 -10.07 11.24 35.64
C LYS D 243 -9.60 9.92 36.25
N LEU D 244 -10.03 8.80 35.68
CA LEU D 244 -9.83 7.51 36.33
C LEU D 244 -8.43 6.94 36.10
N LYS D 245 -7.89 7.07 34.87
CA LYS D 245 -6.58 6.51 34.59
C LYS D 245 -5.56 7.56 34.17
N GLY D 246 -5.93 8.84 34.07
CA GLY D 246 -5.00 9.92 33.79
C GLY D 246 -5.00 10.42 32.36
N TYR D 247 -5.51 9.62 31.42
CA TYR D 247 -5.43 9.90 29.99
C TYR D 247 -6.28 8.84 29.29
N THR D 248 -6.55 9.04 28.00
CA THR D 248 -7.14 7.99 27.18
C THR D 248 -6.14 7.59 26.10
N SER D 249 -6.19 6.32 25.68
CA SER D 249 -5.19 5.84 24.72
C SER D 249 -5.67 4.72 23.82
N TRP D 250 -6.28 3.69 24.40
CA TRP D 250 -6.59 2.48 23.62
C TRP D 250 -7.61 2.76 22.53
N ALA D 251 -8.70 3.44 22.89
CA ALA D 251 -9.77 3.72 21.93
C ALA D 251 -9.28 4.63 20.82
N ILE D 252 -8.53 5.70 21.15
CA ILE D 252 -8.03 6.55 20.09
C ILE D 252 -7.06 5.78 19.19
N GLY D 253 -6.21 4.95 19.81
CA GLY D 253 -5.32 4.10 19.02
C GLY D 253 -6.08 3.24 18.04
N LEU D 254 -7.18 2.64 18.48
CA LEU D 254 -7.97 1.81 17.58
C LEU D 254 -8.66 2.64 16.51
N SER D 255 -9.20 3.81 16.89
CA SER D 255 -9.89 4.61 15.88
C SER D 255 -8.90 5.10 14.82
N VAL D 256 -7.70 5.49 15.24
CA VAL D 256 -6.67 5.96 14.31
C VAL D 256 -6.24 4.84 13.38
N ALA D 257 -6.04 3.64 13.92
CA ALA D 257 -5.73 2.50 13.07
C ALA D 257 -6.85 2.24 12.07
N ASP D 258 -8.11 2.49 12.45
CA ASP D 258 -9.20 2.30 11.50
C ASP D 258 -9.12 3.32 10.36
N LEU D 259 -8.80 4.57 10.68
CA LEU D 259 -8.59 5.57 9.62
C LEU D 259 -7.42 5.18 8.73
N ALA D 260 -6.31 4.78 9.35
CA ALA D 260 -5.13 4.38 8.57
C ALA D 260 -5.46 3.27 7.60
N GLU D 261 -6.28 2.30 8.03
CA GLU D 261 -6.62 1.18 7.17
C GLU D 261 -7.33 1.64 5.90
N SER D 262 -8.31 2.53 6.05
CA SER D 262 -8.97 3.09 4.87
C SER D 262 -7.99 3.80 3.96
N ILE D 263 -7.12 4.64 4.54
CA ILE D 263 -6.20 5.43 3.73
C ILE D 263 -5.20 4.52 3.03
N MET D 264 -4.55 3.65 3.80
CA MET D 264 -3.44 2.86 3.26
C MET D 264 -3.92 1.83 2.24
N LYS D 265 -5.12 1.27 2.42
CA LYS D 265 -5.68 0.30 1.48
C LYS D 265 -6.60 0.92 0.44
N ASN D 266 -6.77 2.25 0.44
CA ASN D 266 -7.63 2.95 -0.53
C ASN D 266 -9.06 2.41 -0.49
N LEU D 267 -9.61 2.25 0.72
CA LEU D 267 -10.91 1.59 0.83
C LEU D 267 -12.08 2.46 0.39
N ARG D 268 -11.97 3.79 0.51
CA ARG D 268 -13.10 4.68 0.28
C ARG D 268 -14.27 4.34 1.22
N ARG D 269 -13.92 4.03 2.46
CA ARG D 269 -14.89 4.00 3.54
C ARG D 269 -15.22 5.43 3.97
N VAL D 270 -16.38 5.57 4.60
CA VAL D 270 -16.85 6.87 5.07
C VAL D 270 -16.61 6.94 6.57
N HIS D 271 -15.88 7.97 7.00
CA HIS D 271 -15.55 8.21 8.40
C HIS D 271 -15.85 9.66 8.79
N PRO D 272 -16.27 9.89 10.01
CA PRO D 272 -16.41 11.28 10.48
C PRO D 272 -15.06 11.81 10.93
N VAL D 273 -14.38 12.58 10.07
CA VAL D 273 -13.06 13.12 10.38
C VAL D 273 -13.10 14.61 10.12
N SER D 274 -12.08 15.31 10.63
CA SER D 274 -12.04 16.76 10.57
C SER D 274 -11.42 17.21 9.24
N THR D 275 -12.13 18.06 8.53
CA THR D 275 -11.73 18.47 7.19
C THR D 275 -12.04 19.95 7.02
N MET D 276 -11.34 20.59 6.07
CA MET D 276 -11.50 22.02 5.85
C MET D 276 -12.90 22.28 5.30
N ILE D 277 -13.77 22.87 6.12
CA ILE D 277 -15.21 22.83 5.86
C ILE D 277 -15.72 24.08 5.16
N LYS D 278 -14.84 25.01 4.79
CA LYS D 278 -15.25 26.26 4.16
C LYS D 278 -16.07 26.01 2.90
N GLY D 279 -17.19 26.73 2.78
CA GLY D 279 -18.04 26.62 1.61
C GLY D 279 -19.02 25.48 1.65
N LEU D 280 -18.97 24.66 2.69
CA LEU D 280 -19.88 23.55 2.85
C LEU D 280 -20.62 23.72 4.16
N TYR D 281 -21.77 23.05 4.26
CA TYR D 281 -22.60 23.05 5.47
C TYR D 281 -22.87 24.47 5.96
N GLY D 282 -22.80 25.46 5.07
CA GLY D 282 -23.07 26.83 5.43
C GLY D 282 -21.95 27.61 6.11
N ILE D 283 -20.73 27.08 6.11
CA ILE D 283 -19.61 27.71 6.82
C ILE D 283 -18.83 28.60 5.87
N LYS D 284 -18.44 29.78 6.34
CA LYS D 284 -17.71 30.75 5.54
C LYS D 284 -16.24 30.89 5.95
N ASP D 285 -15.82 30.30 7.06
CA ASP D 285 -14.47 30.45 7.58
C ASP D 285 -13.57 29.28 7.19
N ASP D 286 -12.26 29.54 7.22
CA ASP D 286 -11.23 28.50 7.08
C ASP D 286 -11.10 27.77 8.40
N VAL D 287 -11.97 26.78 8.63
CA VAL D 287 -11.91 25.95 9.82
C VAL D 287 -12.04 24.49 9.42
N PHE D 288 -11.58 23.62 10.31
CA PHE D 288 -11.78 22.17 10.17
C PHE D 288 -12.84 21.70 11.16
N LEU D 289 -13.80 20.95 10.65
CA LEU D 289 -14.85 20.33 11.45
C LEU D 289 -15.07 18.93 10.89
N SER D 290 -15.59 18.05 11.72
CA SER D 290 -15.83 16.68 11.30
C SER D 290 -17.15 16.56 10.55
N VAL D 291 -17.09 16.02 9.34
CA VAL D 291 -18.26 15.59 8.58
C VAL D 291 -17.93 14.20 8.05
N PRO D 292 -18.89 13.44 7.52
CA PRO D 292 -18.57 12.11 6.99
C PRO D 292 -17.75 12.24 5.71
N CYS D 293 -16.53 11.69 5.73
CA CYS D 293 -15.58 11.86 4.64
C CYS D 293 -15.25 10.51 4.03
N ILE D 294 -15.09 10.47 2.71
CA ILE D 294 -14.63 9.26 2.03
C ILE D 294 -13.10 9.25 2.06
N LEU D 295 -12.51 8.23 2.69
CA LEU D 295 -11.07 8.16 2.94
C LEU D 295 -10.40 7.14 2.02
N GLY D 296 -9.33 7.55 1.36
CA GLY D 296 -8.63 6.65 0.45
C GLY D 296 -7.17 7.00 0.28
N GLN D 297 -6.53 6.54 -0.81
CA GLN D 297 -5.10 6.74 -0.96
C GLN D 297 -4.72 8.21 -1.16
N ASN D 298 -5.67 9.07 -1.52
CA ASN D 298 -5.39 10.49 -1.61
C ASN D 298 -5.99 11.27 -0.46
N GLY D 299 -6.29 10.60 0.64
CA GLY D 299 -6.86 11.27 1.79
C GLY D 299 -8.35 11.41 1.59
N ILE D 300 -8.84 12.65 1.72
CA ILE D 300 -10.25 12.97 1.69
C ILE D 300 -10.57 13.48 0.29
N SER D 301 -11.17 12.62 -0.53
CA SER D 301 -11.48 13.04 -1.90
C SER D 301 -12.92 13.51 -2.04
N ASP D 302 -13.77 13.18 -1.07
CA ASP D 302 -15.20 13.45 -1.12
C ASP D 302 -15.72 13.52 0.31
N LEU D 303 -16.83 14.22 0.49
CA LEU D 303 -17.52 14.13 1.77
C LEU D 303 -19.03 14.06 1.57
N VAL D 304 -19.70 13.50 2.56
CA VAL D 304 -21.14 13.30 2.50
C VAL D 304 -21.81 14.57 3.02
N LYS D 305 -22.82 15.04 2.30
CA LYS D 305 -23.54 16.25 2.69
C LYS D 305 -24.72 15.81 3.56
N VAL D 306 -24.50 15.80 4.88
CA VAL D 306 -25.54 15.39 5.82
C VAL D 306 -26.59 16.49 5.94
N THR D 307 -27.85 16.13 5.75
CA THR D 307 -28.93 17.07 6.00
C THR D 307 -29.04 17.29 7.50
N LEU D 308 -28.89 18.54 7.94
CA LEU D 308 -28.95 18.89 9.34
C LEU D 308 -30.22 19.67 9.65
N THR D 309 -30.78 19.44 10.85
CA THR D 309 -31.84 20.29 11.37
C THR D 309 -31.32 21.70 11.58
N SER D 310 -32.26 22.64 11.78
CA SER D 310 -31.92 24.04 11.99
C SER D 310 -30.91 24.22 13.12
N GLU D 311 -31.13 23.52 14.24
CA GLU D 311 -30.27 23.73 15.40
C GLU D 311 -28.94 22.98 15.27
N GLU D 312 -28.90 21.85 14.58
CA GLU D 312 -27.61 21.24 14.29
C GLU D 312 -26.78 22.15 13.38
N GLU D 313 -27.42 22.73 12.37
CA GLU D 313 -26.73 23.66 11.47
C GLU D 313 -26.22 24.87 12.23
N ALA D 314 -27.01 25.38 13.18
CA ALA D 314 -26.61 26.57 13.93
C ALA D 314 -25.46 26.25 14.88
N ARG D 315 -25.51 25.09 15.53
CA ARG D 315 -24.39 24.69 16.38
C ARG D 315 -23.11 24.54 15.57
N LEU D 316 -23.22 23.98 14.35
CA LEU D 316 -22.06 23.88 13.47
C LEU D 316 -21.56 25.26 13.04
N LYS D 317 -22.48 26.17 12.75
CA LYS D 317 -22.07 27.53 12.41
C LYS D 317 -21.41 28.21 13.60
N LYS D 318 -21.92 27.99 14.80
CA LYS D 318 -21.32 28.62 15.98
C LYS D 318 -19.97 27.99 16.32
N SER D 319 -19.79 26.70 16.03
CA SER D 319 -18.46 26.10 16.21
C SER D 319 -17.45 26.69 15.22
N ALA D 320 -17.86 26.89 13.96
CA ALA D 320 -16.94 27.52 13.02
C ALA D 320 -16.55 28.92 13.48
N ASP D 321 -17.50 29.69 14.03
CA ASP D 321 -17.20 31.03 14.51
C ASP D 321 -16.20 30.99 15.65
N THR D 322 -16.39 30.07 16.59
CA THR D 322 -15.47 30.01 17.72
C THR D 322 -14.07 29.63 17.27
N LEU D 323 -13.95 28.63 16.39
CA LEU D 323 -12.63 28.20 15.94
C LEU D 323 -11.90 29.32 15.21
N TRP D 324 -12.61 30.06 14.35
CA TRP D 324 -11.96 31.13 13.60
C TRP D 324 -11.45 32.24 14.52
N GLY D 325 -12.27 32.64 15.49
CA GLY D 325 -11.81 33.65 16.45
C GLY D 325 -10.58 33.21 17.20
N ILE D 326 -10.54 31.93 17.62
CA ILE D 326 -9.38 31.40 18.32
C ILE D 326 -8.18 31.37 17.38
N GLN D 327 -8.35 30.81 16.18
CA GLN D 327 -7.30 30.80 15.18
C GLN D 327 -6.77 32.20 14.88
N LYS D 328 -7.56 33.24 15.15
CA LYS D 328 -7.06 34.60 15.04
C LYS D 328 -6.14 34.96 16.20
N GLU D 329 -6.39 34.42 17.39
CA GLU D 329 -5.57 34.75 18.56
C GLU D 329 -4.25 34.00 18.59
N LEU D 330 -4.07 32.98 17.76
CA LEU D 330 -2.84 32.22 17.77
C LEU D 330 -1.83 32.83 16.82
N GLN D 331 -0.54 32.58 17.11
CA GLN D 331 0.57 33.16 16.36
C GLN D 331 1.36 32.02 15.72
N PHE D 332 1.41 32.00 14.38
CA PHE D 332 2.21 30.99 13.68
C PHE D 332 2.52 31.40 12.24
N ALA E 2 19.82 40.07 10.44
CA ALA E 2 20.94 40.99 10.61
C ALA E 2 21.86 40.94 9.41
N THR E 3 21.90 39.78 8.76
CA THR E 3 22.77 39.57 7.63
C THR E 3 22.28 40.35 6.41
N LEU E 4 23.18 40.54 5.45
CA LEU E 4 22.80 41.31 4.26
C LEU E 4 21.72 40.56 3.48
N LYS E 5 21.87 39.24 3.34
CA LYS E 5 20.86 38.44 2.68
C LYS E 5 19.49 38.63 3.32
N ASP E 6 19.46 38.73 4.66
CA ASP E 6 18.21 38.87 5.38
C ASP E 6 17.66 40.28 5.32
N GLN E 7 18.53 41.29 5.31
CA GLN E 7 18.09 42.66 5.03
C GLN E 7 17.45 42.74 3.65
N LEU E 8 18.03 42.04 2.67
CA LEU E 8 17.60 42.17 1.28
C LEU E 8 16.42 41.28 0.95
N ILE E 9 16.35 40.08 1.52
CA ILE E 9 15.45 39.04 1.03
C ILE E 9 14.57 38.55 2.16
N TYR E 10 13.27 38.53 1.91
CA TYR E 10 12.33 37.93 2.84
C TYR E 10 11.95 36.55 2.31
N ASN E 11 12.27 35.52 3.08
CA ASN E 11 11.93 34.15 2.72
C ASN E 11 10.50 33.83 3.16
N LEU E 12 9.68 33.28 2.26
CA LEU E 12 8.38 32.81 2.73
C LEU E 12 8.22 31.29 2.74
N LEU E 13 9.15 30.55 2.17
CA LEU E 13 9.08 29.10 2.31
C LEU E 13 10.50 28.55 2.34
N LYS E 14 10.74 27.60 3.23
CA LYS E 14 11.98 26.84 3.27
C LYS E 14 11.78 25.44 2.71
N GLU E 15 11.05 25.31 1.61
CA GLU E 15 10.75 23.99 1.07
C GLU E 15 11.99 23.35 0.48
N GLU E 16 11.94 22.03 0.38
CA GLU E 16 13.08 21.28 -0.14
C GLU E 16 13.31 21.61 -1.61
N GLN E 17 14.58 21.62 -2.00
CA GLN E 17 14.96 21.79 -3.40
C GLN E 17 15.01 20.40 -4.03
N THR E 18 13.93 20.03 -4.73
CA THR E 18 13.79 18.69 -5.27
C THR E 18 13.80 18.70 -6.79
N PRO E 19 14.83 18.14 -7.43
CA PRO E 19 14.93 18.23 -8.90
C PRO E 19 13.80 17.49 -9.60
N GLN E 20 13.28 18.12 -10.65
CA GLN E 20 12.23 17.55 -11.47
C GLN E 20 12.74 16.95 -12.78
N ASN E 21 13.83 17.48 -13.34
CA ASN E 21 14.31 17.09 -14.67
C ASN E 21 15.82 16.92 -14.59
N LYS E 22 16.25 16.01 -13.73
CA LYS E 22 17.67 15.89 -13.41
C LYS E 22 18.33 14.90 -14.36
N ILE E 23 19.54 15.24 -14.78
CA ILE E 23 20.37 14.39 -15.63
C ILE E 23 21.71 14.25 -14.94
N THR E 24 22.23 13.02 -14.89
CA THR E 24 23.57 12.71 -14.42
C THR E 24 24.44 12.24 -15.58
N VAL E 25 25.69 12.70 -15.60
CA VAL E 25 26.70 12.16 -16.52
C VAL E 25 27.81 11.54 -15.69
N VAL E 26 28.08 10.25 -15.91
CA VAL E 26 29.12 9.54 -15.19
C VAL E 26 30.32 9.38 -16.13
N GLY E 27 31.43 10.01 -15.75
CA GLY E 27 32.65 10.00 -16.55
C GLY E 27 32.81 11.33 -17.25
N VAL E 28 33.73 12.17 -16.79
CA VAL E 28 33.86 13.51 -17.35
C VAL E 28 35.13 13.60 -18.18
N GLY E 29 35.36 12.62 -19.03
CA GLY E 29 36.38 12.75 -20.06
C GLY E 29 35.83 13.66 -21.14
N ALA E 30 36.46 13.62 -22.31
CA ALA E 30 36.04 14.51 -23.38
C ALA E 30 34.60 14.23 -23.79
N VAL E 31 34.22 12.96 -23.80
CA VAL E 31 32.88 12.60 -24.24
C VAL E 31 31.84 13.07 -23.22
N GLY E 32 32.08 12.77 -21.94
CA GLY E 32 31.15 13.17 -20.91
C GLY E 32 30.96 14.68 -20.84
N MET E 33 32.03 15.44 -21.02
CA MET E 33 31.89 16.89 -20.92
C MET E 33 31.26 17.47 -22.18
N ALA E 34 31.45 16.84 -23.34
CA ALA E 34 30.73 17.30 -24.53
C ALA E 34 29.23 17.02 -24.40
N CYS E 35 28.87 15.86 -23.85
CA CYS E 35 27.46 15.61 -23.55
C CYS E 35 26.93 16.65 -22.59
N ALA E 36 27.67 16.91 -21.52
CA ALA E 36 27.26 17.88 -20.51
C ALA E 36 27.01 19.25 -21.13
N ILE E 37 27.96 19.77 -21.90
CA ILE E 37 27.80 21.12 -22.41
C ILE E 37 26.66 21.20 -23.42
N SER E 38 26.49 20.15 -24.23
CA SER E 38 25.40 20.11 -25.18
C SER E 38 24.05 20.03 -24.47
N ILE E 39 23.95 19.21 -23.42
CA ILE E 39 22.71 19.14 -22.65
C ILE E 39 22.43 20.47 -21.96
N LEU E 40 23.48 21.16 -21.48
CA LEU E 40 23.29 22.46 -20.84
C LEU E 40 22.82 23.51 -21.83
N MET E 41 23.36 23.50 -23.04
CA MET E 41 22.98 24.54 -23.98
C MET E 41 21.64 24.28 -24.63
N LYS E 42 21.08 23.08 -24.52
CA LYS E 42 19.72 22.80 -24.96
C LYS E 42 18.69 22.87 -23.82
N ASP E 43 19.09 23.28 -22.62
CA ASP E 43 18.16 23.54 -21.52
C ASP E 43 17.27 22.32 -21.26
N LEU E 44 17.89 21.14 -21.22
CA LEU E 44 17.13 19.91 -21.04
C LEU E 44 16.99 19.49 -19.58
N ALA E 45 17.81 20.03 -18.67
CA ALA E 45 17.80 19.61 -17.28
C ALA E 45 17.60 20.82 -16.36
N ASP E 46 16.97 20.60 -15.21
CA ASP E 46 17.00 21.62 -14.18
C ASP E 46 18.11 21.38 -13.17
N GLU E 47 18.76 20.23 -13.24
CA GLU E 47 19.92 19.92 -12.42
C GLU E 47 20.78 18.94 -13.19
N LEU E 48 22.08 19.21 -13.23
CA LEU E 48 23.08 18.33 -13.85
C LEU E 48 24.03 17.82 -12.76
N ALA E 49 24.16 16.50 -12.64
CA ALA E 49 25.14 15.89 -11.74
C ALA E 49 26.25 15.23 -12.54
N LEU E 50 27.48 15.34 -12.04
CA LEU E 50 28.65 14.72 -12.65
C LEU E 50 29.31 13.79 -11.65
N VAL E 51 29.72 12.61 -12.12
CA VAL E 51 30.49 11.67 -11.30
C VAL E 51 31.71 11.24 -12.07
N ASP E 52 32.81 11.05 -11.33
CA ASP E 52 34.02 10.44 -11.87
C ASP E 52 34.78 9.86 -10.68
N VAL E 53 35.83 9.11 -10.97
CA VAL E 53 36.74 8.67 -9.90
C VAL E 53 37.95 9.60 -9.74
N ILE E 54 38.26 10.42 -10.74
CA ILE E 54 39.35 11.39 -10.60
C ILE E 54 38.79 12.65 -9.97
N GLU E 55 39.08 12.86 -8.68
CA GLU E 55 38.35 13.86 -7.90
C GLU E 55 38.69 15.29 -8.29
N ASP E 56 39.97 15.60 -8.54
CA ASP E 56 40.32 16.99 -8.87
CA ASP E 56 40.32 16.99 -8.87
C ASP E 56 39.76 17.39 -10.23
N LYS E 57 39.93 16.54 -11.24
CA LYS E 57 39.37 16.85 -12.55
C LYS E 57 37.84 17.02 -12.48
N LEU E 58 37.17 16.15 -11.73
CA LEU E 58 35.72 16.24 -11.57
C LEU E 58 35.32 17.59 -10.96
N LYS E 59 35.98 17.96 -9.86
CA LYS E 59 35.66 19.25 -9.24
C LYS E 59 35.94 20.39 -10.20
N GLY E 60 37.04 20.32 -10.93
CA GLY E 60 37.41 21.42 -11.81
C GLY E 60 36.44 21.59 -12.96
N GLU E 61 35.92 20.46 -13.49
CA GLU E 61 34.92 20.55 -14.57
C GLU E 61 33.61 21.09 -14.05
N MET E 62 33.17 20.65 -12.86
CA MET E 62 31.98 21.21 -12.24
C MET E 62 32.12 22.73 -12.06
N MET E 63 33.23 23.17 -11.46
CA MET E 63 33.41 24.60 -11.20
C MET E 63 33.42 25.41 -12.49
N ASP E 64 34.03 24.87 -13.55
CA ASP E 64 34.11 25.59 -14.82
C ASP E 64 32.72 25.77 -15.41
N LEU E 65 31.91 24.71 -15.39
CA LEU E 65 30.51 24.85 -15.81
C LEU E 65 29.78 25.84 -14.94
N GLN E 66 29.97 25.77 -13.61
CA GLN E 66 29.27 26.68 -12.71
C GLN E 66 29.59 28.14 -13.03
N HIS E 67 30.85 28.42 -13.43
CA HIS E 67 31.22 29.79 -13.76
C HIS E 67 30.53 30.31 -15.01
N GLY E 68 29.99 29.43 -15.86
CA GLY E 68 29.14 29.84 -16.96
C GLY E 68 27.66 29.88 -16.65
N SER E 69 27.27 29.77 -15.38
CA SER E 69 25.86 29.73 -14.97
C SER E 69 25.06 30.91 -15.51
N LEU E 70 25.68 32.09 -15.53
CA LEU E 70 24.98 33.27 -16.03
C LEU E 70 24.42 33.06 -17.43
N PHE E 71 25.07 32.22 -18.23
CA PHE E 71 24.72 32.05 -19.63
C PHE E 71 23.85 30.83 -19.87
N LEU E 72 23.44 30.15 -18.81
CA LEU E 72 22.71 28.90 -18.85
C LEU E 72 21.37 29.04 -18.14
N ARG E 73 20.53 28.01 -18.30
CA ARG E 73 19.23 27.97 -17.66
C ARG E 73 19.07 26.65 -16.92
N THR E 74 20.17 26.15 -16.36
CA THR E 74 20.20 24.95 -15.52
C THR E 74 20.77 25.41 -14.19
N PRO E 75 19.95 25.73 -13.20
CA PRO E 75 20.44 26.49 -12.04
C PRO E 75 21.20 25.66 -11.02
N LYS E 76 21.30 24.35 -11.19
CA LYS E 76 21.97 23.50 -10.21
C LYS E 76 22.92 22.56 -10.94
N ILE E 77 24.20 22.69 -10.66
CA ILE E 77 25.21 21.78 -11.20
C ILE E 77 26.02 21.24 -10.04
N VAL E 78 26.02 19.92 -9.86
CA VAL E 78 26.70 19.30 -8.74
C VAL E 78 27.66 18.24 -9.25
N SER E 79 28.58 17.83 -8.39
CA SER E 79 29.43 16.67 -8.69
C SER E 79 29.89 16.01 -7.40
N GLY E 80 30.42 14.80 -7.54
CA GLY E 80 31.04 14.08 -6.44
C GLY E 80 31.39 12.66 -6.87
N LYS E 81 32.34 12.02 -6.18
CA LYS E 81 32.60 10.61 -6.42
C LYS E 81 31.51 9.72 -5.81
N ASP E 82 30.76 10.26 -4.85
CA ASP E 82 29.69 9.55 -4.16
C ASP E 82 28.39 9.76 -4.91
N TYR E 83 27.66 8.67 -5.14
CA TYR E 83 26.49 8.75 -6.01
C TYR E 83 25.29 9.38 -5.32
N ASN E 84 25.43 9.82 -4.07
CA ASN E 84 24.32 10.52 -3.43
C ASN E 84 23.99 11.80 -4.20
N VAL E 85 24.97 12.39 -4.87
CA VAL E 85 24.70 13.58 -5.67
C VAL E 85 23.84 13.27 -6.89
N THR E 86 23.69 11.99 -7.25
CA THR E 86 22.94 11.61 -8.44
C THR E 86 21.47 11.29 -8.15
N ALA E 87 21.02 11.42 -6.91
CA ALA E 87 19.71 10.91 -6.52
C ALA E 87 18.59 11.52 -7.35
N ASN E 88 17.63 10.67 -7.74
CA ASN E 88 16.40 11.09 -8.40
C ASN E 88 16.66 11.67 -9.79
N SER E 89 17.64 11.10 -10.52
CA SER E 89 17.86 11.45 -11.91
C SER E 89 16.79 10.81 -12.78
N LYS E 90 16.26 11.58 -13.74
CA LYS E 90 15.43 10.99 -14.79
C LYS E 90 16.25 10.21 -15.80
N LEU E 91 17.48 10.67 -16.05
CA LEU E 91 18.33 10.14 -17.10
C LEU E 91 19.76 10.12 -16.59
N VAL E 92 20.40 8.97 -16.68
CA VAL E 92 21.78 8.79 -16.25
C VAL E 92 22.58 8.33 -17.47
N ILE E 93 23.59 9.10 -17.84
CA ILE E 93 24.37 8.87 -19.04
C ILE E 93 25.73 8.35 -18.63
N ILE E 94 26.13 7.22 -19.21
CA ILE E 94 27.38 6.59 -18.83
C ILE E 94 28.37 6.76 -19.95
N THR E 95 29.42 7.54 -19.67
CA THR E 95 30.51 7.83 -20.58
C THR E 95 31.84 7.46 -19.96
N ALA E 96 31.83 6.57 -18.96
CA ALA E 96 33.05 6.19 -18.26
C ALA E 96 33.81 5.11 -19.02
N GLY E 97 35.11 5.05 -18.76
CA GLY E 97 35.93 4.06 -19.42
C GLY E 97 37.36 4.15 -18.93
N ALA E 98 38.07 3.04 -19.09
CA ALA E 98 39.48 2.98 -18.72
C ALA E 98 40.35 3.52 -19.83
N ARG E 99 41.51 4.04 -19.46
CA ARG E 99 42.45 4.63 -20.40
C ARG E 99 43.29 3.52 -21.00
N GLN E 100 43.15 3.29 -22.30
CA GLN E 100 43.93 2.25 -22.97
C GLN E 100 45.42 2.63 -22.95
N GLN E 101 46.27 1.65 -22.63
CA GLN E 101 47.71 1.86 -22.63
C GLN E 101 48.31 1.46 -23.98
N GLU E 102 49.54 1.89 -24.20
CA GLU E 102 50.20 1.62 -25.48
C GLU E 102 50.39 0.12 -25.68
N GLY E 103 50.14 -0.34 -26.90
CA GLY E 103 50.25 -1.75 -27.19
C GLY E 103 49.16 -2.61 -26.58
N GLU E 104 48.13 -2.00 -26.00
CA GLU E 104 47.03 -2.71 -25.38
C GLU E 104 45.88 -2.80 -26.38
N SER E 105 45.21 -3.95 -26.41
CA SER E 105 44.22 -4.23 -27.43
C SER E 105 42.81 -4.14 -26.85
N ARG E 106 41.82 -4.23 -27.77
CA ARG E 106 40.43 -4.19 -27.35
C ARG E 106 40.08 -5.37 -26.45
N LEU E 107 40.63 -6.54 -26.75
CA LEU E 107 40.31 -7.72 -25.95
C LEU E 107 40.90 -7.63 -24.54
N ASN E 108 41.94 -6.81 -24.33
CA ASN E 108 42.42 -6.54 -22.98
C ASN E 108 41.54 -5.51 -22.27
N LEU E 109 40.97 -4.56 -23.03
CA LEU E 109 40.30 -3.40 -22.42
C LEU E 109 38.86 -3.68 -22.03
N VAL E 110 38.17 -4.58 -22.74
CA VAL E 110 36.73 -4.72 -22.53
C VAL E 110 36.43 -5.12 -21.09
N GLN E 111 37.17 -6.09 -20.53
CA GLN E 111 36.89 -6.49 -19.15
C GLN E 111 37.19 -5.37 -18.16
N ARG E 112 38.17 -4.53 -18.48
CA ARG E 112 38.44 -3.35 -17.64
C ARG E 112 37.25 -2.39 -17.65
N ASN E 113 36.59 -2.23 -18.80
CA ASN E 113 35.40 -1.40 -18.81
C ASN E 113 34.23 -2.10 -18.15
N VAL E 114 34.13 -3.43 -18.31
CA VAL E 114 33.11 -4.17 -17.58
C VAL E 114 33.28 -3.97 -16.07
N ASN E 115 34.52 -4.02 -15.58
CA ASN E 115 34.77 -3.84 -14.17
C ASN E 115 34.34 -2.45 -13.70
N ILE E 116 34.54 -1.44 -14.53
CA ILE E 116 34.06 -0.10 -14.19
C ILE E 116 32.54 -0.09 -14.08
N PHE E 117 31.86 -0.73 -15.02
CA PHE E 117 30.40 -0.80 -14.96
C PHE E 117 29.93 -1.56 -13.73
N LYS E 118 30.69 -2.57 -13.30
CA LYS E 118 30.33 -3.31 -12.08
C LYS E 118 30.30 -2.40 -10.85
N PHE E 119 31.11 -1.34 -10.84
CA PHE E 119 31.10 -0.35 -9.76
C PHE E 119 30.04 0.73 -9.98
N ILE E 120 29.97 1.28 -11.19
CA ILE E 120 29.05 2.37 -11.49
C ILE E 120 27.60 1.91 -11.33
N ILE E 121 27.21 0.88 -12.07
CA ILE E 121 25.78 0.62 -12.30
C ILE E 121 24.99 0.38 -11.01
N PRO E 122 25.45 -0.43 -10.05
CA PRO E 122 24.64 -0.61 -8.83
C PRO E 122 24.48 0.68 -8.03
N ASN E 123 25.48 1.56 -8.03
CA ASN E 123 25.36 2.81 -7.30
C ASN E 123 24.36 3.74 -7.97
N VAL E 124 24.27 3.69 -9.30
CA VAL E 124 23.27 4.46 -10.04
C VAL E 124 21.87 3.98 -9.69
N VAL E 125 21.67 2.67 -9.69
CA VAL E 125 20.38 2.07 -9.37
C VAL E 125 19.97 2.41 -7.95
N LYS E 126 20.94 2.37 -7.02
CA LYS E 126 20.63 2.65 -5.63
C LYS E 126 19.97 4.03 -5.49
N TYR E 127 20.49 5.04 -6.19
CA TYR E 127 20.03 6.40 -5.97
C TYR E 127 19.04 6.89 -7.01
N SER E 128 18.92 6.24 -8.17
CA SER E 128 17.89 6.58 -9.16
C SER E 128 17.25 5.29 -9.66
N PRO E 129 16.43 4.63 -8.82
CA PRO E 129 15.91 3.31 -9.22
C PRO E 129 15.03 3.35 -10.45
N ASN E 130 14.41 4.49 -10.79
CA ASN E 130 13.51 4.58 -11.92
C ASN E 130 14.10 5.33 -13.11
N CYS E 131 15.40 5.66 -13.08
CA CYS E 131 15.97 6.41 -14.19
C CYS E 131 15.99 5.57 -15.46
N LYS E 132 16.12 6.26 -16.59
CA LYS E 132 16.55 5.65 -17.84
C LYS E 132 18.08 5.69 -17.91
N LEU E 133 18.69 4.60 -18.36
CA LEU E 133 20.14 4.51 -18.53
C LEU E 133 20.49 4.69 -20.00
N LEU E 134 21.41 5.61 -20.27
CA LEU E 134 21.87 5.83 -21.65
C LEU E 134 23.36 5.56 -21.67
N ILE E 135 23.74 4.45 -22.28
CA ILE E 135 25.10 3.95 -22.25
C ILE E 135 25.81 4.49 -23.49
N VAL E 136 26.93 5.18 -23.27
CA VAL E 136 27.75 5.69 -24.36
C VAL E 136 29.08 4.95 -24.47
N SER E 137 29.65 4.48 -23.35
CA SER E 137 30.98 3.90 -23.31
C SER E 137 31.12 2.72 -24.27
N ASN E 138 32.30 2.58 -24.86
CA ASN E 138 32.59 1.44 -25.75
C ASN E 138 33.30 0.27 -25.04
N PRO E 139 33.02 -0.98 -25.47
CA PRO E 139 32.15 -1.30 -26.62
C PRO E 139 30.68 -1.20 -26.26
N VAL E 140 30.00 -0.28 -26.94
CA VAL E 140 28.71 0.22 -26.47
C VAL E 140 27.63 -0.86 -26.50
N ASP E 141 27.63 -1.72 -27.51
CA ASP E 141 26.57 -2.72 -27.52
C ASP E 141 26.80 -3.76 -26.44
N ILE E 142 28.05 -4.14 -26.21
CA ILE E 142 28.33 -5.07 -25.13
CA ILE E 142 28.38 -5.06 -25.12
C ILE E 142 28.07 -4.41 -23.77
N LEU E 143 28.47 -3.14 -23.62
CA LEU E 143 28.31 -2.50 -22.33
C LEU E 143 26.87 -2.14 -22.03
N THR E 144 26.06 -1.92 -23.06
CA THR E 144 24.63 -1.74 -22.81
C THR E 144 24.02 -3.06 -22.30
N TYR E 145 24.48 -4.20 -22.86
CA TYR E 145 24.06 -5.49 -22.32
C TYR E 145 24.49 -5.65 -20.87
N VAL E 146 25.73 -5.26 -20.57
CA VAL E 146 26.27 -5.37 -19.21
C VAL E 146 25.46 -4.52 -18.25
N ALA E 147 25.18 -3.27 -18.64
CA ALA E 147 24.40 -2.40 -17.76
C ALA E 147 23.00 -2.95 -17.52
N TRP E 148 22.40 -3.53 -18.56
CA TRP E 148 21.07 -4.13 -18.44
C TRP E 148 21.08 -5.26 -17.42
N LYS E 149 22.09 -6.15 -17.53
CA LYS E 149 22.16 -7.31 -16.64
C LYS E 149 22.44 -6.90 -15.20
N ILE E 150 23.36 -5.95 -15.00
CA ILE E 150 23.69 -5.54 -13.65
C ILE E 150 22.52 -4.80 -13.02
N SER E 151 21.94 -3.86 -13.76
CA SER E 151 20.88 -3.02 -13.18
C SER E 151 19.63 -3.82 -12.84
N GLY E 152 19.33 -4.87 -13.61
CA GLY E 152 18.05 -5.53 -13.51
C GLY E 152 16.89 -4.70 -14.02
N PHE E 153 17.16 -3.60 -14.73
CA PHE E 153 16.13 -2.75 -15.30
C PHE E 153 15.37 -3.48 -16.40
N PRO E 154 14.11 -3.12 -16.63
CA PRO E 154 13.45 -3.56 -17.87
C PRO E 154 14.11 -2.91 -19.08
N LYS E 155 14.05 -3.62 -20.19
CA LYS E 155 14.80 -3.23 -21.37
C LYS E 155 14.39 -1.87 -21.92
N ASN E 156 13.16 -1.41 -21.68
CA ASN E 156 12.82 -0.07 -22.16
C ASN E 156 13.68 1.01 -21.50
N ARG E 157 14.22 0.77 -20.32
CA ARG E 157 14.98 1.81 -19.62
C ARG E 157 16.49 1.69 -19.81
N VAL E 158 16.97 0.85 -20.72
CA VAL E 158 18.40 0.68 -20.93
C VAL E 158 18.65 0.91 -22.42
N ILE E 159 19.27 2.03 -22.76
CA ILE E 159 19.44 2.48 -24.13
C ILE E 159 20.93 2.62 -24.40
N GLY E 160 21.41 2.03 -25.49
CA GLY E 160 22.77 2.25 -25.94
C GLY E 160 22.80 3.29 -27.05
N SER E 161 23.74 4.22 -26.95
CA SER E 161 23.93 5.18 -28.04
C SER E 161 23.97 4.48 -29.39
N GLY E 162 24.66 3.34 -29.47
CA GLY E 162 24.59 2.49 -30.66
C GLY E 162 24.99 3.18 -31.95
N CYS E 163 24.14 3.04 -32.98
CA CYS E 163 24.40 3.62 -34.29
C CYS E 163 23.82 5.02 -34.46
N ASN E 164 23.46 5.68 -33.35
CA ASN E 164 22.95 7.05 -33.48
C ASN E 164 24.02 7.97 -34.07
N LEU E 165 25.25 7.86 -33.59
CA LEU E 165 26.32 8.66 -34.16
C LEU E 165 26.67 8.20 -35.58
N ASP E 166 26.66 6.89 -35.83
CA ASP E 166 27.01 6.38 -37.15
C ASP E 166 26.04 6.87 -38.22
N SER E 167 24.75 6.88 -37.88
CA SER E 167 23.76 7.40 -38.81
C SER E 167 23.90 8.90 -39.03
N ALA E 168 24.31 9.67 -38.01
CA ALA E 168 24.52 11.10 -38.20
C ALA E 168 25.69 11.35 -39.15
N ARG E 169 26.77 10.58 -39.01
CA ARG E 169 27.87 10.67 -39.97
C ARG E 169 27.41 10.27 -41.36
N PHE E 170 26.63 9.20 -41.44
CA PHE E 170 26.08 8.77 -42.72
C PHE E 170 25.36 9.93 -43.41
N ARG E 171 24.46 10.58 -42.68
CA ARG E 171 23.68 11.69 -43.24
C ARG E 171 24.56 12.90 -43.53
N TYR E 172 25.59 13.16 -42.73
CA TYR E 172 26.54 14.21 -43.09
C TYR E 172 27.19 13.91 -44.44
N LEU E 173 27.70 12.70 -44.63
CA LEU E 173 28.40 12.36 -45.88
C LEU E 173 27.46 12.40 -47.08
N MET E 174 26.24 11.90 -46.90
CA MET E 174 25.24 11.91 -47.95
C MET E 174 24.91 13.34 -48.37
N GLY E 175 24.64 14.21 -47.40
CA GLY E 175 24.39 15.61 -47.71
C GLY E 175 25.56 16.26 -48.42
N GLU E 176 26.79 15.91 -48.02
CA GLU E 176 27.98 16.39 -48.72
C GLU E 176 27.95 15.98 -50.18
N ARG E 177 27.57 14.73 -50.46
CA ARG E 177 27.53 14.27 -51.84
C ARG E 177 26.42 14.96 -52.62
N LEU E 178 25.29 15.24 -51.98
CA LEU E 178 24.11 15.72 -52.70
C LEU E 178 23.96 17.23 -52.64
N GLY E 179 24.70 17.93 -51.78
CA GLY E 179 24.53 19.37 -51.67
C GLY E 179 23.26 19.74 -50.93
N VAL E 180 22.87 18.95 -49.93
CA VAL E 180 21.62 19.15 -49.20
C VAL E 180 21.96 19.08 -47.71
N HIS E 181 21.20 19.79 -46.89
CA HIS E 181 21.42 19.71 -45.45
C HIS E 181 21.23 18.28 -44.97
N PRO E 182 22.07 17.81 -44.05
CA PRO E 182 21.89 16.46 -43.48
C PRO E 182 20.49 16.19 -42.90
N LEU E 183 19.83 17.20 -42.32
CA LEU E 183 18.46 17.01 -41.86
C LEU E 183 17.54 16.54 -42.99
N SER E 184 17.78 16.97 -44.23
CA SER E 184 16.93 16.63 -45.35
C SER E 184 17.39 15.39 -46.12
N CYS E 185 18.51 14.79 -45.73
CA CYS E 185 18.96 13.50 -46.25
C CYS E 185 18.64 12.41 -45.22
N HIS E 186 17.95 11.36 -45.65
CA HIS E 186 17.54 10.32 -44.72
C HIS E 186 18.21 9.00 -45.08
N GLY E 187 18.62 8.26 -44.05
CA GLY E 187 19.37 7.04 -44.24
C GLY E 187 19.72 6.44 -42.90
N TRP E 188 19.73 5.11 -42.80
CA TRP E 188 19.85 4.42 -41.53
C TRP E 188 21.03 3.45 -41.56
N VAL E 189 21.89 3.57 -40.56
CA VAL E 189 22.99 2.66 -40.28
C VAL E 189 22.60 1.92 -39.01
N LEU E 190 22.54 0.58 -39.07
CA LEU E 190 21.99 -0.21 -37.98
C LEU E 190 22.96 -1.34 -37.61
N GLY E 191 22.58 -2.11 -36.60
CA GLY E 191 23.42 -3.20 -36.18
C GLY E 191 24.37 -2.74 -35.08
N GLU E 192 25.63 -3.16 -35.17
CA GLU E 192 26.66 -2.79 -34.22
C GLU E 192 27.21 -1.40 -34.51
N HIS E 193 27.53 -0.67 -33.46
CA HIS E 193 28.33 0.55 -33.60
C HIS E 193 29.71 0.21 -34.18
N GLY E 194 30.19 1.05 -35.11
CA GLY E 194 31.57 0.97 -35.58
C GLY E 194 31.76 0.07 -36.80
N ASP E 195 32.74 -0.84 -36.72
CA ASP E 195 33.21 -1.57 -37.91
C ASP E 195 32.10 -2.35 -38.60
N SER E 196 31.20 -2.99 -37.84
CA SER E 196 30.28 -3.95 -38.41
C SER E 196 28.89 -3.39 -38.66
N SER E 197 28.70 -2.07 -38.51
CA SER E 197 27.40 -1.46 -38.77
C SER E 197 26.90 -1.79 -40.18
N VAL E 198 25.58 -1.78 -40.33
CA VAL E 198 24.95 -2.18 -41.58
C VAL E 198 24.18 -0.99 -42.17
N PRO E 199 24.59 -0.46 -43.32
CA PRO E 199 23.78 0.58 -43.98
C PRO E 199 22.56 -0.04 -44.65
N VAL E 200 21.41 0.60 -44.49
CA VAL E 200 20.18 0.10 -45.10
C VAL E 200 19.92 0.94 -46.35
N TRP E 201 20.40 0.44 -47.48
CA TRP E 201 20.36 1.21 -48.73
C TRP E 201 18.94 1.53 -49.15
N SER E 202 17.99 0.62 -48.89
CA SER E 202 16.63 0.83 -49.38
C SER E 202 15.96 2.03 -48.72
N GLY E 203 16.41 2.45 -47.56
CA GLY E 203 15.82 3.56 -46.86
C GLY E 203 16.44 4.90 -47.14
N MET E 204 17.55 4.93 -47.89
CA MET E 204 18.22 6.19 -48.22
C MET E 204 17.37 7.01 -49.17
N ASN E 205 17.02 8.25 -48.78
CA ASN E 205 16.15 9.00 -49.65
C ASN E 205 16.27 10.49 -49.35
N VAL E 206 15.94 11.30 -50.35
CA VAL E 206 15.64 12.71 -50.15
C VAL E 206 14.20 12.94 -50.58
N ALA E 207 13.44 13.65 -49.73
CA ALA E 207 12.06 14.02 -50.04
C ALA E 207 11.21 12.80 -50.38
N GLY E 208 11.48 11.68 -49.72
CA GLY E 208 10.77 10.44 -50.02
C GLY E 208 11.12 9.79 -51.34
N VAL E 209 12.16 10.27 -52.03
CA VAL E 209 12.60 9.68 -53.30
C VAL E 209 13.69 8.66 -53.00
N SER E 210 13.36 7.38 -53.14
CA SER E 210 14.33 6.32 -52.84
C SER E 210 15.51 6.41 -53.80
N LEU E 211 16.71 6.52 -53.24
CA LEU E 211 17.90 6.57 -54.09
C LEU E 211 18.20 5.22 -54.72
N LYS E 212 17.90 4.13 -54.02
CA LYS E 212 18.11 2.79 -54.55
C LYS E 212 17.22 2.51 -55.75
N THR E 213 15.93 2.86 -55.64
CA THR E 213 15.04 2.73 -56.79
C THR E 213 15.48 3.63 -57.95
N LEU E 214 16.02 4.81 -57.64
CA LEU E 214 16.52 5.68 -58.70
C LEU E 214 17.82 5.15 -59.29
N HIS E 215 18.66 4.52 -58.48
CA HIS E 215 19.98 4.07 -58.88
C HIS E 215 20.15 2.65 -58.39
N PRO E 216 19.64 1.67 -59.14
CA PRO E 216 19.67 0.27 -58.66
C PRO E 216 21.06 -0.24 -58.26
N ASP E 217 22.12 0.36 -58.79
CA ASP E 217 23.48 -0.03 -58.41
C ASP E 217 23.87 0.41 -57.00
N LEU E 218 23.04 1.22 -56.34
CA LEU E 218 23.39 1.77 -55.04
C LEU E 218 23.71 0.65 -54.04
N GLY E 219 24.82 0.81 -53.33
CA GLY E 219 25.23 -0.18 -52.35
C GLY E 219 25.86 -1.42 -52.92
N THR E 220 26.02 -1.52 -54.23
CA THR E 220 26.75 -2.63 -54.84
C THR E 220 28.14 -2.19 -55.24
N ASP E 221 28.97 -3.17 -55.57
CA ASP E 221 30.28 -2.89 -56.13
C ASP E 221 30.22 -2.61 -57.62
N LYS E 222 29.10 -2.92 -58.28
CA LYS E 222 28.91 -2.50 -59.65
C LYS E 222 28.89 -0.97 -59.76
N ASP E 223 28.31 -0.32 -58.75
CA ASP E 223 28.09 1.12 -58.71
C ASP E 223 29.32 1.91 -59.19
N LYS E 224 29.18 2.60 -60.32
CA LYS E 224 30.25 3.47 -60.80
C LYS E 224 30.46 4.66 -59.88
N GLU E 225 29.45 5.07 -59.12
CA GLU E 225 29.58 6.21 -58.21
C GLU E 225 30.13 5.82 -56.85
N GLN E 226 30.26 4.52 -56.57
CA GLN E 226 30.88 4.02 -55.34
C GLN E 226 30.18 4.57 -54.10
N TRP E 227 28.88 4.28 -53.99
CA TRP E 227 28.12 4.79 -52.85
C TRP E 227 28.31 3.94 -51.60
N LYS E 228 28.77 2.68 -51.73
CA LYS E 228 29.19 1.93 -50.55
C LYS E 228 30.32 2.64 -49.83
N GLU E 229 31.19 3.33 -50.57
CA GLU E 229 32.23 4.17 -49.99
C GLU E 229 31.64 5.18 -49.00
N VAL E 230 30.37 5.55 -49.17
CA VAL E 230 29.76 6.43 -48.18
C VAL E 230 29.69 5.73 -46.83
N HIS E 231 29.29 4.45 -46.80
CA HIS E 231 29.26 3.75 -45.52
C HIS E 231 30.67 3.42 -45.04
N LYS E 232 31.57 3.06 -45.96
CA LYS E 232 32.95 2.82 -45.57
C LYS E 232 33.55 4.05 -44.88
N GLN E 233 33.19 5.24 -45.37
CA GLN E 233 33.65 6.46 -44.73
C GLN E 233 33.00 6.69 -43.38
N VAL E 234 31.78 6.17 -43.17
CA VAL E 234 31.19 6.25 -41.83
C VAL E 234 32.12 5.61 -40.81
N VAL E 235 32.64 4.43 -41.15
CA VAL E 235 33.61 3.75 -40.31
C VAL E 235 34.94 4.49 -40.29
N GLU E 236 35.48 4.80 -41.48
CA GLU E 236 36.84 5.34 -41.53
C GLU E 236 36.94 6.75 -40.95
N SER E 237 35.88 7.55 -41.05
CA SER E 237 35.99 8.91 -40.50
C SER E 237 36.14 8.88 -38.98
N ALA E 238 35.59 7.87 -38.31
CA ALA E 238 35.77 7.82 -36.86
C ALA E 238 37.21 7.53 -36.50
N TYR E 239 37.82 6.53 -37.16
CA TYR E 239 39.25 6.26 -36.96
C TYR E 239 40.10 7.47 -37.34
N GLU E 240 39.73 8.16 -38.41
CA GLU E 240 40.50 9.31 -38.86
C GLU E 240 40.48 10.42 -37.81
N VAL E 241 39.30 10.71 -37.25
CA VAL E 241 39.22 11.71 -36.19
C VAL E 241 40.04 11.28 -34.97
N ILE E 242 39.97 9.99 -34.62
CA ILE E 242 40.79 9.49 -33.51
C ILE E 242 42.28 9.70 -33.80
N LYS E 243 42.71 9.37 -35.01
CA LYS E 243 44.10 9.59 -35.40
C LYS E 243 44.48 11.07 -35.33
N LEU E 244 43.58 11.95 -35.78
CA LEU E 244 43.96 13.35 -35.97
C LEU E 244 43.98 14.13 -34.66
N LYS E 245 42.95 13.99 -33.82
CA LYS E 245 42.89 14.73 -32.57
C LYS E 245 42.99 13.84 -31.32
N GLY E 246 43.07 12.52 -31.48
CA GLY E 246 43.25 11.60 -30.37
C GLY E 246 41.97 10.94 -29.86
N TYR E 247 40.81 11.51 -30.14
CA TYR E 247 39.54 11.02 -29.61
C TYR E 247 38.47 11.73 -30.42
N THR E 248 37.23 11.29 -30.28
CA THR E 248 36.09 12.05 -30.81
C THR E 248 35.23 12.49 -29.63
N SER E 249 34.59 13.66 -29.77
CA SER E 249 33.82 14.18 -28.64
C SER E 249 32.64 15.04 -29.08
N TRP E 250 32.84 16.01 -29.98
CA TRP E 250 31.77 16.95 -30.25
C TRP E 250 30.56 16.27 -30.87
N ALA E 251 30.77 15.43 -31.89
CA ALA E 251 29.63 14.84 -32.56
C ALA E 251 28.88 13.88 -31.63
N ILE E 252 29.61 13.10 -30.82
CA ILE E 252 28.92 12.19 -29.92
C ILE E 252 28.14 12.99 -28.87
N GLY E 253 28.71 14.10 -28.37
CA GLY E 253 28.00 14.92 -27.40
C GLY E 253 26.71 15.50 -27.95
N LEU E 254 26.75 16.03 -29.18
CA LEU E 254 25.55 16.53 -29.82
C LEU E 254 24.52 15.42 -30.03
N SER E 255 24.96 14.23 -30.44
CA SER E 255 24.00 13.17 -30.71
C SER E 255 23.37 12.66 -29.42
N VAL E 256 24.13 12.62 -28.32
CA VAL E 256 23.61 12.19 -27.03
C VAL E 256 22.59 13.20 -26.51
N ALA E 257 22.88 14.49 -26.68
CA ALA E 257 21.92 15.53 -26.30
C ALA E 257 20.61 15.39 -27.09
N ASP E 258 20.71 15.06 -28.38
CA ASP E 258 19.51 14.84 -29.18
C ASP E 258 18.69 13.68 -28.62
N LEU E 259 19.35 12.57 -28.25
CA LEU E 259 18.62 11.47 -27.60
C LEU E 259 18.01 11.93 -26.29
N ALA E 260 18.79 12.63 -25.47
CA ALA E 260 18.27 13.11 -24.20
C ALA E 260 17.08 14.03 -24.44
N GLU E 261 17.06 14.76 -25.55
CA GLU E 261 15.94 15.65 -25.80
C GLU E 261 14.64 14.85 -26.01
N SER E 262 14.68 13.78 -26.80
CA SER E 262 13.48 12.98 -27.02
C SER E 262 13.00 12.33 -25.74
N ILE E 263 13.94 11.81 -24.93
CA ILE E 263 13.59 11.15 -23.67
C ILE E 263 12.98 12.13 -22.67
N MET E 264 13.69 13.23 -22.39
CA MET E 264 13.26 14.19 -21.38
C MET E 264 11.96 14.90 -21.75
N LYS E 265 11.70 15.15 -23.03
CA LYS E 265 10.49 15.84 -23.44
C LYS E 265 9.42 14.89 -23.96
N ASN E 266 9.62 13.59 -23.82
CA ASN E 266 8.63 12.61 -24.26
C ASN E 266 8.23 12.80 -25.73
N LEU E 267 9.22 13.01 -26.59
CA LEU E 267 8.87 13.42 -27.96
C LEU E 267 8.38 12.26 -28.82
N ARG E 268 8.82 11.05 -28.53
CA ARG E 268 8.51 9.90 -29.36
C ARG E 268 9.04 10.09 -30.77
N ARG E 269 10.25 10.62 -30.89
CA ARG E 269 10.92 10.55 -32.18
C ARG E 269 11.61 9.20 -32.33
N VAL E 270 11.93 8.86 -33.58
CA VAL E 270 12.58 7.60 -33.91
C VAL E 270 14.07 7.83 -34.11
N HIS E 271 14.89 7.08 -33.38
CA HIS E 271 16.35 7.20 -33.40
C HIS E 271 16.97 5.82 -33.52
N PRO E 272 18.09 5.68 -34.23
CA PRO E 272 18.78 4.39 -34.26
C PRO E 272 19.67 4.23 -33.04
N VAL E 273 19.18 3.50 -32.03
CA VAL E 273 19.88 3.30 -30.76
C VAL E 273 19.84 1.81 -30.47
N SER E 274 20.71 1.40 -29.56
CA SER E 274 20.90 -0.02 -29.33
C SER E 274 19.92 -0.50 -28.28
N THR E 275 19.22 -1.59 -28.59
CA THR E 275 18.16 -2.07 -27.71
C THR E 275 18.22 -3.60 -27.65
N MET E 276 17.63 -4.16 -26.59
CA MET E 276 17.66 -5.62 -26.40
C MET E 276 16.77 -6.26 -27.44
N ILE E 277 17.38 -6.93 -28.41
CA ILE E 277 16.67 -7.21 -29.65
C ILE E 277 16.23 -8.66 -29.78
N LYS E 278 16.41 -9.49 -28.75
CA LYS E 278 16.00 -10.89 -28.85
C LYS E 278 14.53 -11.01 -29.25
N GLY E 279 14.24 -11.92 -30.18
CA GLY E 279 12.89 -12.16 -30.63
C GLY E 279 12.47 -11.33 -31.81
N LEU E 280 13.32 -10.41 -32.26
CA LEU E 280 13.04 -9.55 -33.40
C LEU E 280 14.22 -9.62 -34.35
N TYR E 281 13.95 -9.32 -35.62
CA TYR E 281 14.98 -9.32 -36.67
C TYR E 281 15.72 -10.65 -36.73
N GLY E 282 15.03 -11.74 -36.43
CA GLY E 282 15.63 -13.07 -36.48
C GLY E 282 16.60 -13.39 -35.35
N ILE E 283 16.71 -12.55 -34.33
CA ILE E 283 17.73 -12.71 -33.29
C ILE E 283 17.19 -13.57 -32.15
N LYS E 284 18.01 -14.50 -31.67
CA LYS E 284 17.55 -15.46 -30.66
C LYS E 284 18.39 -15.46 -29.38
N ASP E 285 19.33 -14.52 -29.21
CA ASP E 285 20.07 -14.37 -27.97
C ASP E 285 19.88 -12.96 -27.40
N ASP E 286 20.12 -12.84 -26.09
CA ASP E 286 20.03 -11.56 -25.39
C ASP E 286 21.19 -10.66 -25.80
N VAL E 287 21.02 -9.90 -26.88
CA VAL E 287 22.04 -8.97 -27.34
C VAL E 287 21.38 -7.64 -27.65
N PHE E 288 22.20 -6.60 -27.71
CA PHE E 288 21.74 -5.26 -28.01
C PHE E 288 22.30 -4.86 -29.37
N LEU E 289 21.41 -4.45 -30.27
CA LEU E 289 21.80 -3.96 -31.58
C LEU E 289 20.94 -2.76 -31.91
N SER E 290 21.42 -1.90 -32.81
CA SER E 290 20.70 -0.67 -33.14
C SER E 290 19.65 -0.94 -34.20
N VAL E 291 18.41 -0.53 -33.91
CA VAL E 291 17.29 -0.50 -34.83
C VAL E 291 16.62 0.83 -34.59
N PRO E 292 15.68 1.28 -35.43
CA PRO E 292 15.02 2.55 -35.14
C PRO E 292 14.04 2.37 -33.99
N CYS E 293 14.24 3.13 -32.92
CA CYS E 293 13.46 3.04 -31.69
C CYS E 293 12.70 4.33 -31.45
N ILE E 294 11.49 4.19 -30.92
CA ILE E 294 10.70 5.34 -30.49
C ILE E 294 11.16 5.69 -29.07
N LEU E 295 11.64 6.90 -28.87
CA LEU E 295 12.24 7.28 -27.60
C LEU E 295 11.34 8.30 -26.92
N GLY E 296 11.10 8.11 -25.62
CA GLY E 296 10.15 8.92 -24.91
C GLY E 296 10.46 8.90 -23.42
N GLN E 297 9.48 9.36 -22.64
CA GLN E 297 9.66 9.49 -21.18
C GLN E 297 9.84 8.13 -20.50
N ASN E 298 9.48 7.03 -21.14
CA ASN E 298 9.75 5.71 -20.58
C ASN E 298 10.85 4.97 -21.31
N GLY E 299 11.73 5.71 -22.00
CA GLY E 299 12.80 5.09 -22.78
C GLY E 299 12.26 4.58 -24.11
N ILE E 300 12.54 3.32 -24.42
CA ILE E 300 12.21 2.74 -25.71
C ILE E 300 10.90 1.97 -25.52
N SER E 301 9.81 2.55 -26.01
CA SER E 301 8.49 1.93 -25.90
C SER E 301 8.15 1.08 -27.10
N ASP E 302 8.79 1.34 -28.23
CA ASP E 302 8.45 0.74 -29.51
C ASP E 302 9.68 0.78 -30.38
N LEU E 303 9.71 -0.09 -31.36
CA LEU E 303 10.77 -0.01 -32.36
C LEU E 303 10.20 -0.30 -33.74
N VAL E 304 10.85 0.27 -34.75
CA VAL E 304 10.43 0.12 -36.13
C VAL E 304 10.99 -1.19 -36.67
N LYS E 305 10.17 -1.93 -37.38
CA LYS E 305 10.57 -3.17 -38.03
C LYS E 305 10.99 -2.84 -39.45
N VAL E 306 12.30 -2.70 -39.66
CA VAL E 306 12.84 -2.37 -40.98
C VAL E 306 12.92 -3.63 -41.84
N THR E 307 12.44 -3.55 -43.07
CA THR E 307 12.55 -4.71 -43.96
C THR E 307 13.97 -4.75 -44.51
N LEU E 308 14.67 -5.83 -44.21
CA LEU E 308 16.08 -5.98 -44.55
C LEU E 308 16.24 -6.95 -45.71
N THR E 309 17.27 -6.73 -46.53
CA THR E 309 17.67 -7.72 -47.51
C THR E 309 18.29 -8.92 -46.80
N SER E 310 18.44 -10.04 -47.54
CA SER E 310 19.04 -11.22 -46.94
C SER E 310 20.46 -10.95 -46.51
N GLU E 311 21.21 -10.19 -47.32
CA GLU E 311 22.56 -9.77 -46.95
C GLU E 311 22.56 -8.96 -45.65
N GLU E 312 21.62 -8.03 -45.51
CA GLU E 312 21.57 -7.21 -44.30
C GLU E 312 21.17 -8.04 -43.10
N GLU E 313 20.12 -8.87 -43.24
CA GLU E 313 19.67 -9.71 -42.15
C GLU E 313 20.74 -10.70 -41.70
N ALA E 314 21.45 -11.32 -42.63
CA ALA E 314 22.51 -12.26 -42.26
C ALA E 314 23.62 -11.55 -41.48
N ARG E 315 23.95 -10.31 -41.86
CA ARG E 315 24.97 -9.58 -41.11
C ARG E 315 24.49 -9.25 -39.70
N LEU E 316 23.20 -8.91 -39.56
CA LEU E 316 22.64 -8.70 -38.24
C LEU E 316 22.79 -9.95 -37.37
N LYS E 317 22.51 -11.12 -37.94
CA LYS E 317 22.62 -12.36 -37.17
C LYS E 317 24.06 -12.66 -36.78
N LYS E 318 24.99 -12.50 -37.72
CA LYS E 318 26.42 -12.66 -37.42
C LYS E 318 26.81 -11.80 -36.23
N SER E 319 26.36 -10.54 -36.22
CA SER E 319 26.67 -9.62 -35.11
C SER E 319 26.08 -10.13 -33.79
N ALA E 320 24.82 -10.56 -33.81
CA ALA E 320 24.20 -11.15 -32.62
C ALA E 320 25.03 -12.32 -32.08
N ASP E 321 25.39 -13.27 -32.96
CA ASP E 321 26.23 -14.40 -32.55
C ASP E 321 27.53 -13.92 -31.93
N THR E 322 28.19 -12.95 -32.59
CA THR E 322 29.44 -12.40 -32.08
C THR E 322 29.27 -11.83 -30.69
N LEU E 323 28.29 -10.94 -30.51
CA LEU E 323 28.01 -10.35 -29.21
C LEU E 323 27.78 -11.43 -28.16
N TRP E 324 26.95 -12.42 -28.49
CA TRP E 324 26.60 -13.46 -27.52
C TRP E 324 27.82 -14.27 -27.09
N GLY E 325 28.70 -14.61 -28.03
CA GLY E 325 29.88 -15.37 -27.66
C GLY E 325 30.81 -14.58 -26.76
N ILE E 326 30.94 -13.28 -27.03
CA ILE E 326 31.81 -12.44 -26.23
C ILE E 326 31.21 -12.24 -24.84
N GLN E 327 29.91 -11.96 -24.77
CA GLN E 327 29.24 -11.75 -23.50
C GLN E 327 29.37 -12.95 -22.59
N LYS E 328 29.42 -14.16 -23.17
CA LYS E 328 29.61 -15.38 -22.40
C LYS E 328 30.93 -15.39 -21.67
N GLU E 329 31.93 -14.64 -22.15
CA GLU E 329 33.24 -14.62 -21.52
C GLU E 329 33.43 -13.46 -20.56
N LEU E 330 32.45 -12.58 -20.41
CA LEU E 330 32.59 -11.47 -19.47
C LEU E 330 32.42 -11.97 -18.04
N GLN E 331 33.09 -11.28 -17.12
CA GLN E 331 33.07 -11.64 -15.70
C GLN E 331 32.21 -10.62 -14.96
N PHE E 332 31.09 -11.08 -14.41
CA PHE E 332 30.17 -10.23 -13.66
C PHE E 332 30.42 -10.28 -12.17
N ALA F 2 -2.60 -7.15 -38.01
CA ALA F 2 -1.90 -6.99 -39.28
C ALA F 2 -2.22 -5.63 -39.88
N THR F 3 -2.53 -4.67 -39.03
CA THR F 3 -2.66 -3.29 -39.48
C THR F 3 -1.28 -2.74 -39.88
N LEU F 4 -1.32 -1.66 -40.66
CA LEU F 4 -0.08 -1.03 -41.06
C LEU F 4 0.73 -0.61 -39.84
N LYS F 5 0.07 -0.05 -38.82
CA LYS F 5 0.79 0.35 -37.61
C LYS F 5 1.52 -0.83 -36.98
N ASP F 6 0.87 -2.01 -36.93
CA ASP F 6 1.51 -3.17 -36.31
C ASP F 6 2.54 -3.85 -37.22
N GLN F 7 2.34 -3.76 -38.55
CA GLN F 7 3.38 -4.23 -39.46
C GLN F 7 4.64 -3.39 -39.35
N LEU F 8 4.49 -2.08 -39.15
CA LEU F 8 5.64 -1.18 -39.11
C LEU F 8 6.28 -1.11 -37.74
N ILE F 9 5.51 -1.20 -36.66
CA ILE F 9 6.01 -0.89 -35.32
C ILE F 9 5.76 -2.06 -34.38
N TYR F 10 6.81 -2.50 -33.70
CA TYR F 10 6.66 -3.52 -32.67
C TYR F 10 6.55 -2.82 -31.31
N ASN F 11 5.45 -3.05 -30.62
CA ASN F 11 5.25 -2.45 -29.31
C ASN F 11 5.90 -3.33 -28.25
N LEU F 12 6.73 -2.72 -27.40
CA LEU F 12 7.25 -3.46 -26.28
C LEU F 12 6.82 -2.93 -24.92
N LEU F 13 6.11 -1.81 -24.85
CA LEU F 13 5.74 -1.21 -23.59
C LEU F 13 4.39 -0.53 -23.74
N LYS F 14 3.50 -0.77 -22.78
CA LYS F 14 2.23 -0.05 -22.70
C LYS F 14 2.14 0.52 -21.29
N GLU F 15 2.63 1.74 -21.13
CA GLU F 15 2.52 2.48 -19.89
C GLU F 15 1.78 3.78 -20.19
N GLU F 16 0.71 4.02 -19.46
CA GLU F 16 -0.04 5.25 -19.60
C GLU F 16 0.90 6.45 -19.47
N GLN F 17 0.70 7.43 -20.34
CA GLN F 17 1.52 8.63 -20.30
C GLN F 17 1.14 9.50 -19.10
N THR F 18 2.16 9.90 -18.34
CA THR F 18 1.98 10.91 -17.31
C THR F 18 2.77 12.13 -17.72
N PRO F 19 2.12 13.22 -18.18
CA PRO F 19 2.87 14.44 -18.47
C PRO F 19 3.60 14.92 -17.23
N GLN F 20 4.87 15.28 -17.39
CA GLN F 20 5.69 15.67 -16.26
C GLN F 20 5.86 17.18 -16.15
N ASN F 21 5.60 17.90 -17.23
CA ASN F 21 5.80 19.34 -17.29
C ASN F 21 4.59 19.96 -17.97
N LYS F 22 3.42 19.77 -17.40
CA LYS F 22 2.18 20.19 -18.03
C LYS F 22 1.78 21.60 -17.62
N ILE F 23 1.33 22.38 -18.59
CA ILE F 23 0.83 23.73 -18.38
C ILE F 23 -0.57 23.81 -18.98
N THR F 24 -1.49 24.46 -18.26
CA THR F 24 -2.84 24.72 -18.74
C THR F 24 -3.03 26.22 -18.91
N VAL F 25 -3.67 26.63 -20.01
CA VAL F 25 -4.10 28.03 -20.21
C VAL F 25 -5.61 28.04 -20.18
N VAL F 26 -6.20 28.84 -19.29
CA VAL F 26 -7.65 28.95 -19.22
C VAL F 26 -8.06 30.30 -19.81
N GLY F 27 -8.84 30.25 -20.89
CA GLY F 27 -9.22 31.41 -21.67
C GLY F 27 -8.40 31.55 -22.94
N VAL F 28 -9.00 31.30 -24.10
CA VAL F 28 -8.20 31.32 -25.33
C VAL F 28 -8.55 32.53 -26.18
N GLY F 29 -8.66 33.68 -25.52
CA GLY F 29 -8.74 34.94 -26.24
C GLY F 29 -7.36 35.29 -26.78
N ALA F 30 -7.21 36.53 -27.23
CA ALA F 30 -5.91 36.93 -27.78
C ALA F 30 -4.78 36.71 -26.78
N VAL F 31 -5.02 37.04 -25.51
CA VAL F 31 -3.97 36.95 -24.50
C VAL F 31 -3.63 35.50 -24.20
N GLY F 32 -4.65 34.66 -24.02
CA GLY F 32 -4.38 33.24 -23.78
C GLY F 32 -3.64 32.58 -24.93
N MET F 33 -4.01 32.88 -26.17
CA MET F 33 -3.30 32.23 -27.27
C MET F 33 -1.90 32.78 -27.43
N ALA F 34 -1.67 34.07 -27.09
CA ALA F 34 -0.33 34.62 -27.13
C ALA F 34 0.54 33.97 -26.05
N CYS F 35 -0.01 33.71 -24.86
CA CYS F 35 0.72 32.94 -23.86
C CYS F 35 1.01 31.53 -24.37
N ALA F 36 0.03 30.90 -25.01
CA ALA F 36 0.20 29.54 -25.54
C ALA F 36 1.32 29.48 -26.58
N ILE F 37 1.29 30.38 -27.57
CA ILE F 37 2.29 30.31 -28.63
C ILE F 37 3.69 30.60 -28.09
N SER F 38 3.80 31.53 -27.13
CA SER F 38 5.11 31.87 -26.58
C SER F 38 5.67 30.70 -25.76
N ILE F 39 4.81 30.06 -24.98
CA ILE F 39 5.23 28.91 -24.18
C ILE F 39 5.63 27.75 -25.08
N LEU F 40 4.87 27.51 -26.16
CA LEU F 40 5.21 26.46 -27.13
C LEU F 40 6.56 26.73 -27.79
N MET F 41 6.78 27.97 -28.23
CA MET F 41 8.04 28.28 -28.90
C MET F 41 9.22 28.34 -27.95
N LYS F 42 8.99 28.34 -26.64
CA LYS F 42 10.09 28.28 -25.70
C LYS F 42 10.25 26.89 -25.08
N ASP F 43 9.51 25.89 -25.55
CA ASP F 43 9.71 24.49 -25.15
C ASP F 43 9.65 24.36 -23.63
N LEU F 44 8.64 24.97 -23.02
CA LEU F 44 8.53 24.97 -21.57
C LEU F 44 7.63 23.87 -21.03
N ALA F 45 6.81 23.24 -21.87
CA ALA F 45 5.86 22.22 -21.43
C ALA F 45 6.00 20.96 -22.28
N ASP F 46 5.80 19.80 -21.66
CA ASP F 46 5.66 18.60 -22.46
C ASP F 46 4.20 18.32 -22.82
N GLU F 47 3.26 19.02 -22.19
CA GLU F 47 1.86 18.98 -22.60
C GLU F 47 1.22 20.33 -22.34
N LEU F 48 0.38 20.78 -23.25
CA LEU F 48 -0.38 22.02 -23.09
C LEU F 48 -1.87 21.71 -23.15
N ALA F 49 -2.62 22.17 -22.16
CA ALA F 49 -4.08 22.05 -22.17
C ALA F 49 -4.70 23.44 -22.26
N LEU F 50 -5.73 23.57 -23.09
CA LEU F 50 -6.49 24.81 -23.24
C LEU F 50 -7.91 24.60 -22.73
N VAL F 51 -8.44 25.57 -22.01
CA VAL F 51 -9.83 25.54 -21.55
C VAL F 51 -10.52 26.84 -21.90
N ASP F 52 -11.75 26.75 -22.38
CA ASP F 52 -12.61 27.92 -22.57
C ASP F 52 -14.04 27.46 -22.40
N VAL F 53 -14.97 28.41 -22.45
CA VAL F 53 -16.39 28.07 -22.55
C VAL F 53 -16.91 28.20 -23.97
N ILE F 54 -16.17 28.83 -24.88
CA ILE F 54 -16.60 28.88 -26.27
C ILE F 54 -16.00 27.67 -26.98
N GLU F 55 -16.85 26.68 -27.28
CA GLU F 55 -16.37 25.37 -27.65
C GLU F 55 -15.75 25.36 -29.04
N ASP F 56 -16.37 26.04 -30.01
CA ASP F 56 -15.85 25.99 -31.37
CA ASP F 56 -15.84 25.97 -31.36
C ASP F 56 -14.52 26.72 -31.48
N LYS F 57 -14.44 27.92 -30.90
CA LYS F 57 -13.17 28.65 -30.90
C LYS F 57 -12.08 27.85 -30.21
N LEU F 58 -12.43 27.20 -29.10
CA LEU F 58 -11.43 26.45 -28.36
C LEU F 58 -10.91 25.30 -29.21
N LYS F 59 -11.83 24.57 -29.85
CA LYS F 59 -11.41 23.44 -30.68
C LYS F 59 -10.59 23.93 -31.87
N GLY F 60 -10.99 25.03 -32.49
CA GLY F 60 -10.25 25.52 -33.65
C GLY F 60 -8.86 26.02 -33.29
N GLU F 61 -8.72 26.66 -32.12
CA GLU F 61 -7.40 27.10 -31.69
C GLU F 61 -6.47 25.92 -31.39
N MET F 62 -7.01 24.89 -30.72
CA MET F 62 -6.20 23.69 -30.45
C MET F 62 -5.76 23.02 -31.74
N MET F 63 -6.66 22.88 -32.71
CA MET F 63 -6.28 22.24 -33.97
C MET F 63 -5.24 23.05 -34.71
N ASP F 64 -5.40 24.37 -34.74
CA ASP F 64 -4.42 25.23 -35.41
C ASP F 64 -3.04 25.05 -34.77
N LEU F 65 -2.99 24.91 -33.44
CA LEU F 65 -1.69 24.66 -32.81
C LEU F 65 -1.16 23.28 -33.13
N GLN F 66 -2.03 22.26 -33.09
CA GLN F 66 -1.60 20.90 -33.38
C GLN F 66 -1.04 20.79 -34.79
N HIS F 67 -1.61 21.54 -35.75
CA HIS F 67 -1.13 21.49 -37.12
C HIS F 67 0.29 22.02 -37.24
N GLY F 68 0.73 22.84 -36.30
CA GLY F 68 2.12 23.24 -36.25
C GLY F 68 3.02 22.30 -35.48
N SER F 69 2.54 21.12 -35.08
CA SER F 69 3.33 20.23 -34.23
C SER F 69 4.69 19.90 -34.83
N LEU F 70 4.76 19.79 -36.15
CA LEU F 70 6.04 19.48 -36.79
C LEU F 70 7.13 20.45 -36.36
N PHE F 71 6.76 21.69 -36.03
CA PHE F 71 7.70 22.78 -35.79
C PHE F 71 7.91 23.03 -34.31
N LEU F 72 7.33 22.20 -33.45
CA LEU F 72 7.38 22.42 -32.01
C LEU F 72 7.97 21.19 -31.32
N ARG F 73 8.19 21.32 -30.01
CA ARG F 73 8.71 20.22 -29.18
C ARG F 73 7.80 19.98 -27.99
N THR F 74 6.49 20.11 -28.20
CA THR F 74 5.46 19.85 -27.19
C THR F 74 4.55 18.82 -27.83
N PRO F 75 4.70 17.54 -27.48
CA PRO F 75 4.06 16.49 -28.29
C PRO F 75 2.58 16.31 -28.06
N LYS F 76 2.00 16.95 -27.04
CA LYS F 76 0.61 16.72 -26.67
C LYS F 76 -0.05 18.06 -26.42
N ILE F 77 -1.02 18.41 -27.25
CA ILE F 77 -1.82 19.61 -27.11
C ILE F 77 -3.28 19.16 -27.08
N VAL F 78 -3.98 19.47 -25.99
CA VAL F 78 -5.36 19.04 -25.76
C VAL F 78 -6.20 20.25 -25.39
N SER F 79 -7.52 20.08 -25.45
CA SER F 79 -8.42 21.16 -25.05
C SER F 79 -9.77 20.58 -24.69
N GLY F 80 -10.53 21.33 -23.92
CA GLY F 80 -11.92 20.97 -23.66
C GLY F 80 -12.52 21.97 -22.69
N LYS F 81 -13.85 22.02 -22.70
CA LYS F 81 -14.51 22.79 -21.66
C LYS F 81 -14.48 22.07 -20.32
N ASP F 82 -14.35 20.75 -20.34
CA ASP F 82 -14.24 19.95 -19.12
C ASP F 82 -12.82 20.06 -18.56
N TYR F 83 -12.70 20.15 -17.24
CA TYR F 83 -11.37 20.34 -16.66
C TYR F 83 -10.59 19.03 -16.50
N ASN F 84 -11.16 17.90 -16.94
CA ASN F 84 -10.40 16.65 -16.98
C ASN F 84 -9.14 16.79 -17.85
N VAL F 85 -9.16 17.66 -18.86
CA VAL F 85 -8.00 17.83 -19.72
C VAL F 85 -6.85 18.55 -18.99
N THR F 86 -7.12 19.21 -17.87
CA THR F 86 -6.11 19.97 -17.16
C THR F 86 -5.48 19.22 -16.01
N ALA F 87 -5.80 17.93 -15.84
CA ALA F 87 -5.36 17.17 -14.67
C ALA F 87 -3.82 17.14 -14.58
N ASN F 88 -3.30 17.34 -13.36
CA ASN F 88 -1.86 17.20 -13.09
C ASN F 88 -1.04 18.25 -13.81
N SER F 89 -1.59 19.46 -13.93
CA SER F 89 -0.81 20.57 -14.45
C SER F 89 0.16 21.05 -13.38
N LYS F 90 1.37 21.43 -13.81
CA LYS F 90 2.28 22.08 -12.86
C LYS F 90 1.95 23.55 -12.68
N LEU F 91 1.37 24.16 -13.71
CA LEU F 91 1.19 25.59 -13.78
C LEU F 91 -0.10 25.82 -14.55
N VAL F 92 -1.02 26.56 -13.95
CA VAL F 92 -2.26 26.93 -14.61
C VAL F 92 -2.29 28.45 -14.75
N ILE F 93 -2.43 28.93 -15.99
CA ILE F 93 -2.40 30.35 -16.33
C ILE F 93 -3.83 30.76 -16.61
N ILE F 94 -4.32 31.77 -15.88
CA ILE F 94 -5.71 32.19 -16.00
C ILE F 94 -5.73 33.51 -16.79
N THR F 95 -6.27 33.43 -18.00
CA THR F 95 -6.43 34.55 -18.91
C THR F 95 -7.88 34.76 -19.31
N ALA F 96 -8.83 34.23 -18.54
CA ALA F 96 -10.24 34.32 -18.85
C ALA F 96 -10.81 35.63 -18.35
N GLY F 97 -11.84 36.11 -19.04
CA GLY F 97 -12.49 37.36 -18.65
C GLY F 97 -13.71 37.60 -19.50
N ALA F 98 -14.60 38.46 -18.99
CA ALA F 98 -15.79 38.85 -19.73
C ALA F 98 -15.43 39.88 -20.80
N ARG F 99 -16.24 39.94 -21.85
CA ARG F 99 -16.09 41.00 -22.85
C ARG F 99 -16.79 42.25 -22.34
N GLN F 100 -16.03 43.33 -22.15
CA GLN F 100 -16.61 44.57 -21.65
C GLN F 100 -17.56 45.15 -22.70
N GLN F 101 -18.79 45.44 -22.29
CA GLN F 101 -19.75 45.99 -23.21
C GLN F 101 -19.52 47.49 -23.41
N GLU F 102 -20.20 48.02 -24.41
CA GLU F 102 -20.09 49.41 -24.86
C GLU F 102 -20.36 50.39 -23.73
N GLY F 103 -19.30 51.01 -23.22
CA GLY F 103 -19.47 51.96 -22.13
C GLY F 103 -19.85 51.32 -20.81
N GLU F 104 -19.37 50.11 -20.54
CA GLU F 104 -19.67 49.42 -19.30
C GLU F 104 -18.74 49.92 -18.19
N SER F 105 -19.29 50.03 -16.99
CA SER F 105 -18.50 50.48 -15.86
C SER F 105 -17.55 49.39 -15.41
N ARG F 106 -16.32 49.78 -15.04
CA ARG F 106 -15.35 48.82 -14.54
C ARG F 106 -15.80 48.19 -13.24
N LEU F 107 -16.58 48.91 -12.45
CA LEU F 107 -17.12 48.32 -11.22
C LEU F 107 -17.99 47.12 -11.55
N ASN F 108 -18.79 47.22 -12.61
CA ASN F 108 -19.60 46.11 -13.05
C ASN F 108 -18.74 45.00 -13.62
N LEU F 109 -17.67 45.34 -14.32
CA LEU F 109 -16.88 44.34 -15.02
C LEU F 109 -16.09 43.47 -14.05
N VAL F 110 -15.53 44.06 -12.98
CA VAL F 110 -14.75 43.25 -12.04
C VAL F 110 -15.62 42.18 -11.38
N GLN F 111 -16.87 42.53 -11.03
CA GLN F 111 -17.78 41.52 -10.47
C GLN F 111 -18.08 40.44 -11.49
N ARG F 112 -18.21 40.82 -12.77
CA ARG F 112 -18.41 39.82 -13.82
C ARG F 112 -17.22 38.87 -13.92
N ASN F 113 -15.99 39.39 -13.81
CA ASN F 113 -14.81 38.54 -13.86
C ASN F 113 -14.64 37.74 -12.58
N VAL F 114 -15.02 38.32 -11.45
CA VAL F 114 -15.03 37.55 -10.20
C VAL F 114 -15.98 36.37 -10.33
N ASN F 115 -17.15 36.57 -10.95
CA ASN F 115 -18.07 35.46 -11.11
C ASN F 115 -17.48 34.38 -12.00
N ILE F 116 -16.71 34.77 -13.02
CA ILE F 116 -16.02 33.79 -13.86
C ILE F 116 -15.02 32.99 -13.03
N PHE F 117 -14.26 33.66 -12.17
CA PHE F 117 -13.30 32.97 -11.31
C PHE F 117 -13.97 32.02 -10.32
N LYS F 118 -15.19 32.32 -9.89
CA LYS F 118 -15.92 31.42 -9.00
C LYS F 118 -16.23 30.08 -9.69
N PHE F 119 -16.39 30.10 -11.01
CA PHE F 119 -16.50 28.87 -11.77
C PHE F 119 -15.13 28.23 -11.98
N ILE F 120 -14.18 29.00 -12.49
CA ILE F 120 -12.89 28.47 -12.93
C ILE F 120 -12.11 27.85 -11.78
N ILE F 121 -11.88 28.62 -10.71
CA ILE F 121 -10.86 28.25 -9.72
C ILE F 121 -11.17 26.93 -9.03
N PRO F 122 -12.39 26.67 -8.56
CA PRO F 122 -12.64 25.35 -7.95
C PRO F 122 -12.41 24.19 -8.93
N ASN F 123 -12.68 24.39 -10.23
CA ASN F 123 -12.44 23.30 -11.19
C ASN F 123 -10.94 23.09 -11.42
N VAL F 124 -10.16 24.16 -11.40
CA VAL F 124 -8.71 24.02 -11.52
C VAL F 124 -8.15 23.23 -10.35
N VAL F 125 -8.53 23.60 -9.13
CA VAL F 125 -8.01 23.01 -7.91
C VAL F 125 -8.41 21.55 -7.78
N LYS F 126 -9.58 21.20 -8.29
CA LYS F 126 -10.06 19.82 -8.26
C LYS F 126 -9.12 18.88 -9.00
N TYR F 127 -8.58 19.34 -10.12
CA TYR F 127 -7.81 18.50 -11.03
C TYR F 127 -6.31 18.72 -10.92
N SER F 128 -5.86 19.84 -10.36
CA SER F 128 -4.43 20.12 -10.17
C SER F 128 -4.25 20.73 -8.79
N PRO F 129 -4.45 19.94 -7.72
CA PRO F 129 -4.42 20.54 -6.37
C PRO F 129 -3.04 21.03 -5.96
N ASN F 130 -1.97 20.61 -6.63
CA ASN F 130 -0.62 21.02 -6.27
C ASN F 130 -0.03 22.03 -7.25
N CYS F 131 -0.83 22.56 -8.17
CA CYS F 131 -0.29 23.46 -9.17
C CYS F 131 0.01 24.83 -8.58
N LYS F 132 0.84 25.58 -9.31
CA LYS F 132 0.95 27.02 -9.16
C LYS F 132 -0.09 27.67 -10.07
N LEU F 133 -0.74 28.70 -9.55
CA LEU F 133 -1.70 29.50 -10.32
C LEU F 133 -1.03 30.81 -10.73
N LEU F 134 -1.13 31.14 -12.02
CA LEU F 134 -0.61 32.40 -12.55
C LEU F 134 -1.80 33.16 -13.13
N ILE F 135 -2.17 34.24 -12.46
CA ILE F 135 -3.37 35.00 -12.79
C ILE F 135 -2.94 36.15 -13.70
N VAL F 136 -3.53 36.22 -14.90
CA VAL F 136 -3.27 37.31 -15.83
C VAL F 136 -4.48 38.23 -15.97
N SER F 137 -5.69 37.69 -15.87
CA SER F 137 -6.92 38.43 -16.05
C SER F 137 -6.94 39.70 -15.21
N ASN F 138 -7.47 40.76 -15.79
CA ASN F 138 -7.60 42.03 -15.09
C ASN F 138 -9.01 42.25 -14.53
N PRO F 139 -9.12 43.01 -13.41
CA PRO F 139 -8.03 43.70 -12.71
C PRO F 139 -7.14 42.72 -11.91
N VAL F 140 -5.85 42.62 -12.27
CA VAL F 140 -5.10 41.40 -11.94
C VAL F 140 -4.79 41.31 -10.45
N ASP F 141 -4.55 42.43 -9.78
CA ASP F 141 -4.22 42.34 -8.35
C ASP F 141 -5.45 41.91 -7.55
N ILE F 142 -6.62 42.42 -7.90
CA ILE F 142 -7.84 41.96 -7.23
C ILE F 142 -8.13 40.51 -7.56
N LEU F 143 -8.04 40.12 -8.84
CA LEU F 143 -8.40 38.75 -9.20
C LEU F 143 -7.39 37.73 -8.65
N THR F 144 -6.13 38.15 -8.44
CA THR F 144 -5.20 37.24 -7.80
C THR F 144 -5.60 36.98 -6.35
N TYR F 145 -6.03 38.03 -5.63
CA TYR F 145 -6.56 37.82 -4.28
C TYR F 145 -7.77 36.90 -4.33
N VAL F 146 -8.67 37.13 -5.29
CA VAL F 146 -9.83 36.27 -5.49
C VAL F 146 -9.41 34.83 -5.75
N ALA F 147 -8.50 34.62 -6.71
CA ALA F 147 -8.03 33.26 -6.98
C ALA F 147 -7.46 32.62 -5.73
N TRP F 148 -6.75 33.41 -4.92
CA TRP F 148 -6.15 32.91 -3.70
C TRP F 148 -7.21 32.50 -2.68
N LYS F 149 -8.18 33.38 -2.43
CA LYS F 149 -9.24 33.09 -1.46
C LYS F 149 -10.04 31.85 -1.86
N ILE F 150 -10.41 31.74 -3.13
CA ILE F 150 -11.24 30.61 -3.57
C ILE F 150 -10.44 29.32 -3.59
N SER F 151 -9.21 29.36 -4.14
CA SER F 151 -8.41 28.14 -4.20
C SER F 151 -8.08 27.57 -2.82
N GLY F 152 -7.90 28.42 -1.81
CA GLY F 152 -7.29 27.98 -0.57
C GLY F 152 -5.83 27.60 -0.68
N PHE F 153 -5.16 27.97 -1.79
CA PHE F 153 -3.74 27.66 -1.95
C PHE F 153 -2.90 28.49 -0.98
N PRO F 154 -1.76 27.99 -0.54
CA PRO F 154 -0.80 28.85 0.16
C PRO F 154 -0.32 29.94 -0.78
N LYS F 155 0.09 31.07 -0.19
CA LYS F 155 0.35 32.27 -0.98
C LYS F 155 1.52 32.08 -1.95
N ASN F 156 2.50 31.24 -1.63
CA ASN F 156 3.60 31.00 -2.56
C ASN F 156 3.13 30.45 -3.90
N ARG F 157 1.96 29.80 -3.97
CA ARG F 157 1.53 29.18 -5.22
C ARG F 157 0.47 29.98 -5.97
N VAL F 158 0.17 31.23 -5.57
CA VAL F 158 -0.74 32.11 -6.30
C VAL F 158 0.04 33.36 -6.67
N ILE F 159 0.18 33.59 -7.97
CA ILE F 159 1.01 34.65 -8.52
C ILE F 159 0.17 35.43 -9.51
N GLY F 160 0.23 36.76 -9.44
CA GLY F 160 -0.39 37.60 -10.43
C GLY F 160 0.66 38.17 -11.35
N SER F 161 0.34 38.21 -12.65
CA SER F 161 1.27 38.81 -13.62
C SER F 161 1.71 40.19 -13.17
N GLY F 162 0.78 40.96 -12.61
CA GLY F 162 1.16 42.16 -11.85
C GLY F 162 1.90 43.15 -12.75
N CYS F 163 3.03 43.67 -12.24
CA CYS F 163 3.84 44.67 -12.94
C CYS F 163 4.99 44.08 -13.76
N ASN F 164 4.95 42.80 -14.08
CA ASN F 164 5.99 42.22 -14.93
C ASN F 164 5.98 42.87 -16.31
N LEU F 165 4.79 43.01 -16.89
CA LEU F 165 4.69 43.69 -18.19
C LEU F 165 4.96 45.18 -18.05
N ASP F 166 4.46 45.81 -16.97
CA ASP F 166 4.72 47.23 -16.76
C ASP F 166 6.22 47.50 -16.68
N SER F 167 6.97 46.66 -15.95
CA SER F 167 8.42 46.86 -15.88
C SER F 167 9.10 46.60 -17.23
N ALA F 168 8.60 45.65 -18.01
CA ALA F 168 9.20 45.41 -19.31
C ALA F 168 8.95 46.58 -20.26
N ARG F 169 7.76 47.19 -20.19
CA ARG F 169 7.51 48.42 -20.96
C ARG F 169 8.44 49.54 -20.50
N PHE F 170 8.61 49.67 -19.19
CA PHE F 170 9.51 50.67 -18.64
C PHE F 170 10.91 50.51 -19.20
N ARG F 171 11.41 49.27 -19.24
CA ARG F 171 12.77 49.03 -19.71
C ARG F 171 12.88 49.23 -21.21
N TYR F 172 11.82 48.94 -21.97
CA TYR F 172 11.79 49.29 -23.39
C TYR F 172 11.92 50.80 -23.59
N LEU F 173 11.15 51.58 -22.82
CA LEU F 173 11.18 53.03 -22.97
C LEU F 173 12.51 53.60 -22.51
N MET F 174 13.08 53.03 -21.45
CA MET F 174 14.40 53.44 -20.99
C MET F 174 15.45 53.19 -22.08
N GLY F 175 15.45 51.99 -22.64
CA GLY F 175 16.41 51.67 -23.70
C GLY F 175 16.27 52.58 -24.90
N GLU F 176 15.04 52.99 -25.21
CA GLU F 176 14.82 53.90 -26.33
C GLU F 176 15.50 55.24 -26.10
N ARG F 177 15.36 55.79 -24.89
CA ARG F 177 16.03 57.05 -24.56
C ARG F 177 17.55 56.90 -24.54
N LEU F 178 18.07 55.75 -24.10
CA LEU F 178 19.51 55.65 -23.88
C LEU F 178 20.26 55.01 -25.05
N GLY F 179 19.56 54.49 -26.04
CA GLY F 179 20.20 53.74 -27.11
C GLY F 179 20.85 52.45 -26.65
N VAL F 180 20.19 51.71 -25.76
CA VAL F 180 20.72 50.50 -25.15
C VAL F 180 19.63 49.43 -25.14
N HIS F 181 20.01 48.17 -25.35
CA HIS F 181 19.03 47.08 -25.28
C HIS F 181 18.30 47.10 -23.93
N PRO F 182 16.98 46.93 -23.94
CA PRO F 182 16.23 46.82 -22.68
C PRO F 182 16.84 45.85 -21.68
N LEU F 183 17.46 44.78 -22.16
CA LEU F 183 18.09 43.81 -21.25
C LEU F 183 19.15 44.46 -20.38
N SER F 184 19.84 45.50 -20.88
CA SER F 184 20.87 46.19 -20.12
C SER F 184 20.36 47.44 -19.43
N CYS F 185 19.11 47.80 -19.63
CA CYS F 185 18.45 48.86 -18.87
C CYS F 185 17.69 48.23 -17.70
N HIS F 186 17.98 48.66 -16.49
CA HIS F 186 17.37 48.05 -15.31
C HIS F 186 16.53 49.09 -14.60
N GLY F 187 15.38 48.66 -14.07
CA GLY F 187 14.40 49.58 -13.54
C GLY F 187 13.11 48.88 -13.17
N TRP F 188 12.46 49.28 -12.07
CA TRP F 188 11.40 48.50 -11.45
C TRP F 188 10.13 49.33 -11.27
N VAL F 189 9.03 48.79 -11.77
CA VAL F 189 7.70 49.35 -11.56
C VAL F 189 6.96 48.36 -10.67
N LEU F 190 6.54 48.83 -9.49
CA LEU F 190 5.97 47.97 -8.45
C LEU F 190 4.56 48.43 -8.11
N GLY F 191 3.90 47.66 -7.25
CA GLY F 191 2.59 48.06 -6.80
C GLY F 191 1.47 47.53 -7.66
N GLU F 192 0.50 48.38 -7.98
CA GLU F 192 -0.60 47.93 -8.83
C GLU F 192 -0.16 47.84 -10.28
N HIS F 193 -0.65 46.84 -10.98
CA HIS F 193 -0.56 46.84 -12.43
C HIS F 193 -1.29 48.05 -12.99
N GLY F 194 -0.68 48.74 -13.93
CA GLY F 194 -1.38 49.74 -14.72
C GLY F 194 -1.41 51.11 -14.06
N ASP F 195 -2.61 51.68 -13.92
CA ASP F 195 -2.74 53.11 -13.66
C ASP F 195 -1.95 53.56 -12.43
N SER F 196 -1.94 52.74 -11.37
CA SER F 196 -1.44 53.16 -10.07
C SER F 196 -0.07 52.58 -9.74
N SER F 197 0.65 52.09 -10.75
CA SER F 197 1.95 51.51 -10.49
C SER F 197 2.94 52.59 -10.03
N VAL F 198 3.98 52.15 -9.32
CA VAL F 198 4.95 53.01 -8.68
C VAL F 198 6.34 52.79 -9.29
N PRO F 199 6.90 53.76 -10.02
CA PRO F 199 8.27 53.61 -10.54
C PRO F 199 9.27 53.88 -9.42
N VAL F 200 10.21 52.97 -9.24
CA VAL F 200 11.18 53.07 -8.13
C VAL F 200 12.44 53.72 -8.73
N TRP F 201 12.47 55.04 -8.69
CA TRP F 201 13.54 55.79 -9.36
C TRP F 201 14.93 55.40 -8.87
N SER F 202 15.07 55.05 -7.58
CA SER F 202 16.40 54.75 -7.03
C SER F 202 17.01 53.48 -7.61
N GLY F 203 16.23 52.63 -8.27
CA GLY F 203 16.78 51.38 -8.77
C GLY F 203 17.13 51.42 -10.25
N MET F 204 16.82 52.52 -10.92
CA MET F 204 17.07 52.61 -12.35
C MET F 204 18.55 52.79 -12.61
N ASN F 205 19.11 51.94 -13.46
CA ASN F 205 20.55 52.00 -13.65
C ASN F 205 20.94 51.28 -14.93
N VAL F 206 22.11 51.64 -15.44
CA VAL F 206 22.83 50.86 -16.45
C VAL F 206 24.20 50.54 -15.87
N ALA F 207 24.61 49.26 -16.00
CA ALA F 207 25.91 48.80 -15.49
C ALA F 207 26.12 49.19 -14.03
N GLY F 208 25.03 49.20 -13.25
CA GLY F 208 25.12 49.52 -11.84
C GLY F 208 25.29 50.98 -11.54
N VAL F 209 25.15 51.85 -12.55
CA VAL F 209 25.26 53.29 -12.35
C VAL F 209 23.85 53.83 -12.12
N SER F 210 23.61 54.29 -10.89
CA SER F 210 22.32 54.84 -10.51
C SER F 210 22.02 56.10 -11.30
N LEU F 211 20.95 56.07 -12.08
CA LEU F 211 20.58 57.28 -12.81
C LEU F 211 20.12 58.37 -11.85
N LYS F 212 19.50 57.99 -10.74
CA LYS F 212 19.08 58.97 -9.77
C LYS F 212 20.28 59.70 -9.17
N THR F 213 21.31 58.93 -8.78
CA THR F 213 22.51 59.56 -8.23
C THR F 213 23.20 60.45 -9.28
N LEU F 214 23.17 60.03 -10.54
CA LEU F 214 23.75 60.83 -11.60
C LEU F 214 22.93 62.08 -11.89
N HIS F 215 21.61 61.97 -11.77
CA HIS F 215 20.69 63.02 -12.24
C HIS F 215 19.62 63.16 -11.16
N PRO F 216 19.92 63.92 -10.09
CA PRO F 216 19.02 63.93 -8.91
C PRO F 216 17.59 64.38 -9.21
N ASP F 217 17.39 65.18 -10.27
CA ASP F 217 16.05 65.60 -10.68
C ASP F 217 15.22 64.46 -11.23
N LEU F 218 15.81 63.26 -11.32
CA LEU F 218 15.12 62.12 -11.90
C LEU F 218 13.86 61.79 -11.13
N GLY F 219 12.74 61.69 -11.85
CA GLY F 219 11.46 61.41 -11.24
C GLY F 219 10.73 62.61 -10.68
N THR F 220 11.38 63.76 -10.53
CA THR F 220 10.70 64.92 -10.00
C THR F 220 10.04 65.71 -11.13
N ASP F 221 9.19 66.66 -10.73
CA ASP F 221 8.68 67.63 -11.68
C ASP F 221 9.77 68.60 -12.14
N LYS F 222 10.82 68.77 -11.34
CA LYS F 222 11.94 69.64 -11.72
C LYS F 222 12.56 69.23 -13.05
N ASP F 223 12.53 67.94 -13.36
CA ASP F 223 13.34 67.32 -14.40
C ASP F 223 13.17 67.96 -15.77
N LYS F 224 14.19 68.69 -16.22
CA LYS F 224 14.15 69.27 -17.56
C LYS F 224 14.08 68.21 -18.65
N GLU F 225 14.49 66.98 -18.36
CA GLU F 225 14.36 65.88 -19.31
C GLU F 225 13.07 65.09 -19.13
N GLN F 226 12.28 65.41 -18.10
CA GLN F 226 10.98 64.78 -17.84
C GLN F 226 11.05 63.25 -17.92
N TRP F 227 11.85 62.67 -17.03
CA TRP F 227 11.92 61.22 -16.99
C TRP F 227 10.68 60.60 -16.37
N LYS F 228 9.95 61.36 -15.55
CA LYS F 228 8.68 60.86 -15.02
C LYS F 228 7.72 60.49 -16.15
N GLU F 229 7.85 61.15 -17.30
CA GLU F 229 7.07 60.82 -18.48
C GLU F 229 7.36 59.43 -19.02
N VAL F 230 8.54 58.88 -18.72
CA VAL F 230 8.79 57.49 -19.09
C VAL F 230 7.84 56.58 -18.32
N HIS F 231 7.60 56.87 -17.04
CA HIS F 231 6.64 56.07 -16.29
C HIS F 231 5.21 56.34 -16.74
N LYS F 232 4.85 57.61 -16.97
CA LYS F 232 3.50 57.88 -17.45
C LYS F 232 3.26 57.16 -18.78
N GLN F 233 4.29 57.08 -19.63
CA GLN F 233 4.17 56.37 -20.90
C GLN F 233 4.04 54.87 -20.72
N VAL F 234 4.50 54.33 -19.59
CA VAL F 234 4.29 52.92 -19.28
C VAL F 234 2.80 52.62 -19.18
N VAL F 235 2.05 53.55 -18.59
CA VAL F 235 0.59 53.39 -18.48
C VAL F 235 -0.08 53.76 -19.79
N GLU F 236 0.25 54.95 -20.31
CA GLU F 236 -0.42 55.48 -21.50
C GLU F 236 -0.17 54.61 -22.73
N SER F 237 1.03 54.02 -22.87
CA SER F 237 1.28 53.21 -24.07
C SER F 237 0.40 51.97 -24.10
N ALA F 238 0.05 51.41 -22.94
CA ALA F 238 -0.88 50.29 -22.93
C ALA F 238 -2.26 50.72 -23.41
N TYR F 239 -2.79 51.83 -22.86
CA TYR F 239 -4.03 52.39 -23.36
C TYR F 239 -3.96 52.66 -24.85
N GLU F 240 -2.82 53.15 -25.34
CA GLU F 240 -2.69 53.46 -26.76
C GLU F 240 -2.75 52.21 -27.61
N VAL F 241 -2.11 51.13 -27.16
CA VAL F 241 -2.23 49.88 -27.91
C VAL F 241 -3.68 49.40 -27.94
N ILE F 242 -4.39 49.51 -26.80
CA ILE F 242 -5.79 49.11 -26.77
C ILE F 242 -6.59 49.93 -27.77
N LYS F 243 -6.34 51.24 -27.82
CA LYS F 243 -7.08 52.09 -28.76
C LYS F 243 -6.78 51.70 -30.21
N LEU F 244 -5.52 51.37 -30.52
CA LEU F 244 -5.12 51.21 -31.91
C LEU F 244 -5.50 49.85 -32.50
N LYS F 245 -5.28 48.76 -31.75
CA LYS F 245 -5.60 47.43 -32.27
C LYS F 245 -6.72 46.72 -31.49
N GLY F 246 -7.28 47.35 -30.45
CA GLY F 246 -8.43 46.85 -29.73
C GLY F 246 -8.11 46.18 -28.40
N TYR F 247 -6.87 45.75 -28.21
CA TYR F 247 -6.45 44.93 -27.08
C TYR F 247 -4.94 44.85 -27.15
N THR F 248 -4.31 44.37 -26.08
CA THR F 248 -2.91 44.01 -26.14
C THR F 248 -2.79 42.49 -26.03
N SER F 249 -1.74 41.93 -26.63
CA SER F 249 -1.57 40.47 -26.60
C SER F 249 -0.12 40.00 -26.65
N TRP F 250 0.70 40.48 -27.59
CA TRP F 250 2.02 39.86 -27.78
C TRP F 250 2.93 40.10 -26.58
N ALA F 251 2.99 41.34 -26.09
CA ALA F 251 3.91 41.62 -25.00
C ALA F 251 3.51 40.86 -23.73
N ILE F 252 2.21 40.76 -23.46
CA ILE F 252 1.82 40.02 -22.25
C ILE F 252 2.13 38.54 -22.43
N GLY F 253 1.86 37.98 -23.61
CA GLY F 253 2.23 36.59 -23.86
C GLY F 253 3.70 36.32 -23.61
N LEU F 254 4.58 37.25 -24.07
CA LEU F 254 6.02 37.06 -23.89
C LEU F 254 6.41 37.17 -22.43
N SER F 255 5.81 38.11 -21.70
CA SER F 255 6.17 38.27 -20.29
C SER F 255 5.69 37.10 -19.46
N VAL F 256 4.49 36.59 -19.77
CA VAL F 256 3.97 35.41 -19.10
C VAL F 256 4.88 34.21 -19.36
N ALA F 257 5.29 34.02 -20.62
CA ALA F 257 6.19 32.92 -20.91
C ALA F 257 7.50 33.04 -20.13
N ASP F 258 7.96 34.28 -19.89
CA ASP F 258 9.18 34.49 -19.10
C ASP F 258 8.97 34.12 -17.65
N LEU F 259 7.79 34.45 -17.09
CA LEU F 259 7.44 33.98 -15.76
C LEU F 259 7.37 32.46 -15.72
N ALA F 260 6.69 31.86 -16.71
CA ALA F 260 6.58 30.41 -16.77
C ALA F 260 7.95 29.76 -16.82
N GLU F 261 8.87 30.32 -17.61
CA GLU F 261 10.21 29.76 -17.70
C GLU F 261 10.87 29.67 -16.32
N SER F 262 10.81 30.75 -15.52
CA SER F 262 11.46 30.69 -14.21
C SER F 262 10.78 29.67 -13.31
N ILE F 263 9.46 29.58 -13.38
CA ILE F 263 8.73 28.63 -12.55
C ILE F 263 9.02 27.21 -12.97
N MET F 264 8.85 26.91 -14.26
CA MET F 264 8.98 25.52 -14.73
C MET F 264 10.41 25.01 -14.66
N LYS F 265 11.39 25.89 -14.84
CA LYS F 265 12.78 25.48 -14.78
C LYS F 265 13.43 25.76 -13.43
N ASN F 266 12.66 26.24 -12.44
CA ASN F 266 13.15 26.48 -11.08
C ASN F 266 14.36 27.42 -11.09
N LEU F 267 14.28 28.51 -11.86
CA LEU F 267 15.46 29.33 -12.09
C LEU F 267 15.81 30.20 -10.89
N ARG F 268 14.82 30.58 -10.08
CA ARG F 268 15.00 31.55 -9.00
C ARG F 268 15.49 32.88 -9.54
N ARG F 269 14.92 33.27 -10.68
CA ARG F 269 15.06 34.63 -11.16
CA ARG F 269 15.04 34.63 -11.18
C ARG F 269 14.12 35.54 -10.37
N VAL F 270 14.47 36.83 -10.35
CA VAL F 270 13.68 37.84 -9.66
C VAL F 270 12.83 38.58 -10.69
N HIS F 271 11.49 38.56 -10.49
CA HIS F 271 10.50 39.23 -11.31
C HIS F 271 9.54 40.03 -10.45
N PRO F 272 9.10 41.19 -10.93
CA PRO F 272 8.06 41.93 -10.21
C PRO F 272 6.69 41.37 -10.54
N VAL F 273 6.12 40.58 -9.64
CA VAL F 273 4.82 39.95 -9.82
C VAL F 273 3.99 40.21 -8.58
N SER F 274 2.68 40.08 -8.73
CA SER F 274 1.77 40.39 -7.63
C SER F 274 1.72 39.22 -6.64
N THR F 275 1.95 39.53 -5.36
CA THR F 275 2.04 38.52 -4.32
C THR F 275 1.34 39.04 -3.06
N MET F 276 0.97 38.11 -2.17
CA MET F 276 0.22 38.48 -0.96
C MET F 276 1.16 39.22 -0.01
N ILE F 277 1.00 40.53 0.11
CA ILE F 277 2.05 41.37 0.67
C ILE F 277 1.76 41.78 2.12
N LYS F 278 0.76 41.21 2.77
CA LYS F 278 0.45 41.63 4.14
C LYS F 278 1.64 41.40 5.06
N GLY F 279 1.89 42.37 5.94
CA GLY F 279 3.01 42.27 6.86
C GLY F 279 4.33 42.72 6.30
N LEU F 280 4.39 43.12 5.03
CA LEU F 280 5.60 43.65 4.45
C LEU F 280 5.30 45.01 3.86
N TYR F 281 6.35 45.78 3.63
CA TYR F 281 6.27 47.11 3.01
C TYR F 281 5.23 47.99 3.70
N GLY F 282 4.99 47.77 4.98
CA GLY F 282 4.05 48.57 5.76
C GLY F 282 2.59 48.14 5.67
N ILE F 283 2.25 47.10 4.91
CA ILE F 283 0.86 46.75 4.59
C ILE F 283 0.29 45.83 5.66
N LYS F 284 -0.98 46.04 6.01
CA LYS F 284 -1.62 45.29 7.07
C LYS F 284 -2.84 44.48 6.64
N ASP F 285 -3.25 44.55 5.37
CA ASP F 285 -4.42 43.82 4.91
C ASP F 285 -4.00 42.79 3.87
N ASP F 286 -4.87 41.79 3.71
CA ASP F 286 -4.65 40.75 2.72
C ASP F 286 -4.88 41.33 1.33
N VAL F 287 -3.84 41.85 0.71
CA VAL F 287 -3.93 42.32 -0.66
C VAL F 287 -2.71 41.81 -1.42
N PHE F 288 -2.83 41.81 -2.74
CA PHE F 288 -1.78 41.41 -3.64
C PHE F 288 -1.23 42.64 -4.36
N LEU F 289 0.08 42.86 -4.25
CA LEU F 289 0.75 43.95 -4.95
C LEU F 289 2.07 43.42 -5.47
N SER F 290 2.60 44.07 -6.52
CA SER F 290 3.85 43.60 -7.11
C SER F 290 5.06 44.13 -6.35
N VAL F 291 5.98 43.22 -6.03
CA VAL F 291 7.32 43.54 -5.54
C VAL F 291 8.23 42.55 -6.26
N PRO F 292 9.56 42.66 -6.17
CA PRO F 292 10.40 41.67 -6.86
C PRO F 292 10.37 40.35 -6.10
N CYS F 293 9.93 39.30 -6.78
CA CYS F 293 9.84 37.98 -6.16
C CYS F 293 10.81 37.01 -6.84
N ILE F 294 11.36 36.09 -6.04
CA ILE F 294 12.18 34.99 -6.54
C ILE F 294 11.22 33.87 -6.96
N LEU F 295 11.30 33.47 -8.22
CA LEU F 295 10.34 32.53 -8.80
C LEU F 295 11.02 31.20 -9.12
N GLY F 296 10.35 30.13 -8.78
CA GLY F 296 10.93 28.81 -8.93
C GLY F 296 9.85 27.78 -8.90
N GLN F 297 10.27 26.53 -8.65
CA GLN F 297 9.37 25.38 -8.78
C GLN F 297 8.24 25.42 -7.77
N ASN F 298 8.41 26.13 -6.65
CA ASN F 298 7.33 26.25 -5.68
C ASN F 298 6.61 27.59 -5.77
N GLY F 299 6.69 28.26 -6.90
CA GLY F 299 6.05 29.56 -7.03
C GLY F 299 6.95 30.63 -6.44
N ILE F 300 6.38 31.49 -5.60
CA ILE F 300 7.13 32.58 -4.98
C ILE F 300 7.70 32.05 -3.66
N SER F 301 9.01 31.85 -3.59
CA SER F 301 9.63 31.36 -2.37
C SER F 301 10.20 32.48 -1.51
N ASP F 302 10.51 33.62 -2.09
CA ASP F 302 11.15 34.73 -1.39
C ASP F 302 10.77 36.02 -2.11
N LEU F 303 10.84 37.14 -1.38
CA LEU F 303 10.67 38.41 -2.04
C LEU F 303 11.76 39.38 -1.63
N VAL F 304 12.12 40.26 -2.55
CA VAL F 304 13.12 41.29 -2.29
C VAL F 304 12.44 42.45 -1.58
N LYS F 305 13.07 42.94 -0.53
CA LYS F 305 12.55 44.06 0.27
C LYS F 305 13.18 45.33 -0.27
N VAL F 306 12.48 45.98 -1.17
CA VAL F 306 12.99 47.20 -1.79
C VAL F 306 12.83 48.34 -0.81
N THR F 307 13.87 49.16 -0.69
CA THR F 307 13.79 50.37 0.13
C THR F 307 13.07 51.43 -0.67
N LEU F 308 11.95 51.92 -0.14
CA LEU F 308 11.10 52.87 -0.83
C LEU F 308 11.19 54.25 -0.17
N THR F 309 11.07 55.30 -1.00
CA THR F 309 10.89 56.61 -0.42
C THR F 309 9.52 56.69 0.26
N SER F 310 9.33 57.75 1.05
CA SER F 310 8.06 57.95 1.75
C SER F 310 6.89 58.15 0.77
N GLU F 311 7.11 58.91 -0.30
CA GLU F 311 6.09 59.05 -1.33
C GLU F 311 5.74 57.69 -1.93
N GLU F 312 6.76 56.90 -2.26
CA GLU F 312 6.52 55.59 -2.88
C GLU F 312 5.83 54.64 -1.91
N GLU F 313 6.27 54.64 -0.65
CA GLU F 313 5.63 53.80 0.36
C GLU F 313 4.18 54.25 0.59
N ALA F 314 3.92 55.57 0.61
CA ALA F 314 2.55 56.03 0.79
C ALA F 314 1.66 55.62 -0.38
N ARG F 315 2.21 55.62 -1.60
CA ARG F 315 1.45 55.15 -2.76
C ARG F 315 1.09 53.68 -2.63
N LEU F 316 2.03 52.86 -2.15
CA LEU F 316 1.74 51.46 -1.92
C LEU F 316 0.63 51.28 -0.91
N LYS F 317 0.70 52.05 0.19
CA LYS F 317 -0.26 51.91 1.26
C LYS F 317 -1.65 52.32 0.80
N LYS F 318 -1.73 53.37 -0.01
CA LYS F 318 -3.03 53.79 -0.51
C LYS F 318 -3.61 52.75 -1.47
N SER F 319 -2.77 52.20 -2.35
CA SER F 319 -3.22 51.08 -3.19
C SER F 319 -3.74 49.93 -2.35
N ALA F 320 -3.02 49.59 -1.27
CA ALA F 320 -3.46 48.51 -0.40
C ALA F 320 -4.83 48.80 0.21
N ASP F 321 -5.00 49.99 0.80
CA ASP F 321 -6.28 50.38 1.38
C ASP F 321 -7.42 50.23 0.37
N THR F 322 -7.23 50.81 -0.81
CA THR F 322 -8.22 50.77 -1.88
C THR F 322 -8.59 49.32 -2.24
N LEU F 323 -7.57 48.49 -2.50
CA LEU F 323 -7.81 47.10 -2.87
C LEU F 323 -8.64 46.39 -1.81
N TRP F 324 -8.23 46.50 -0.54
CA TRP F 324 -8.98 45.88 0.56
C TRP F 324 -10.41 46.40 0.61
N GLY F 325 -10.57 47.72 0.51
CA GLY F 325 -11.90 48.29 0.55
C GLY F 325 -12.78 47.79 -0.57
N ILE F 326 -12.21 47.65 -1.77
CA ILE F 326 -13.01 47.18 -2.88
C ILE F 326 -13.27 45.68 -2.77
N GLN F 327 -12.25 44.91 -2.35
CA GLN F 327 -12.41 43.46 -2.21
C GLN F 327 -13.50 43.11 -1.20
N LYS F 328 -13.63 43.89 -0.13
CA LYS F 328 -14.66 43.61 0.87
C LYS F 328 -16.07 43.73 0.28
N GLU F 329 -16.21 44.37 -0.89
CA GLU F 329 -17.51 44.58 -1.52
C GLU F 329 -17.77 43.60 -2.66
N LEU F 330 -16.79 42.79 -3.03
CA LEU F 330 -17.03 41.73 -3.99
C LEU F 330 -18.02 40.72 -3.42
N GLN F 331 -18.87 40.20 -4.30
CA GLN F 331 -19.76 39.09 -3.99
C GLN F 331 -19.08 37.80 -4.44
N PHE F 332 -18.69 36.96 -3.48
CA PHE F 332 -18.05 35.70 -3.78
C PHE F 332 -19.03 34.54 -3.88
P PO4 G . 10.25 -22.44 8.73
O1 PO4 G . 11.39 -21.46 8.83
O2 PO4 G . 9.58 -22.23 7.38
O3 PO4 G . 9.24 -22.20 9.84
O4 PO4 G . 10.76 -23.87 8.82
C38 P8M H . 3.78 -33.08 -9.57
C39 P8M H . 3.25 -34.42 -9.08
C40 P8M H . 3.13 -34.69 -7.60
C41 P8M H . 1.88 -34.45 -8.43
C36 P8M H . 1.79 -31.78 -15.28
C33 P8M H . 8.77 -32.68 -18.10
C30 P8M H . 7.74 -34.65 -19.08
C25 P8M H . 4.08 -32.43 -15.29
C10 P8M H . 5.04 -33.70 -12.40
N01 P8M H . 10.83 -30.33 -12.37
S02 P8M H . 9.85 -30.30 -13.73
O03 P8M H . 10.54 -31.06 -14.92
C04 P8M H . 8.45 -31.31 -13.33
C05 P8M H . 7.53 -30.88 -12.43
C06 P8M H . 6.44 -31.64 -12.10
C07 P8M H . 6.25 -32.85 -12.74
C08 P8M H . 7.17 -33.28 -13.68
C09 P8M H . 8.28 -32.52 -13.98
C11 P8M H . 3.79 -32.88 -12.14
C12 P8M H . 3.24 -32.65 -10.91
N13 P8M H . 2.12 -31.88 -11.12
C14 P8M H . 1.19 -31.45 -10.19
N15 P8M H . 1.42 -31.25 -8.97
C16 P8M H . 0.28 -30.94 -8.23
C17 P8M H . 0.35 -30.62 -6.74
O18 P8M H . -0.74 -30.34 -6.22
O19 P8M H . 1.50 -30.71 -6.27
C20 P8M H . -0.85 -30.92 -8.93
S21 P8M H . -0.54 -31.35 -10.65
N22 P8M H . 1.89 -31.68 -12.46
C23 P8M H . 2.89 -32.25 -13.08
C24 P8M H . 2.93 -32.17 -14.57
C26 P8M H . 4.10 -32.36 -16.68
C27 P8M H . 5.29 -32.65 -17.41
C28 P8M H . 6.28 -32.88 -18.04
C29 P8M H . 7.48 -33.14 -18.81
C31 P8M H . 8.57 -35.15 -17.87
C32 P8M H . 9.18 -33.88 -17.20
C34 P8M H . 2.95 -31.98 -17.34
C35 P8M H . 1.80 -31.69 -16.65
F37 P8M H . 2.95 -31.88 -18.69
F42 P8M H . 7.76 -29.71 -11.83
O43 P8M H . 9.45 -28.79 -13.96
PA NAI I . -7.12 -25.67 -15.37
O1A NAI I . -6.87 -26.17 -16.78
O2A NAI I . -8.51 -26.00 -14.85
O5B NAI I . -6.94 -24.04 -15.35
C5B NAI I . -6.10 -23.56 -16.39
C4B NAI I . -6.73 -22.20 -16.86
O4B NAI I . -5.58 -21.56 -17.70
C3B NAI I . -7.71 -22.41 -17.64
O3B NAI I . -8.93 -21.67 -17.26
C2B NAI I . -7.19 -21.88 -19.14
O2B NAI I . -8.34 -21.39 -19.89
C1B NAI I . -6.33 -20.96 -18.90
N9A NAI I . -5.49 -20.86 -20.11
C8A NAI I . -5.04 -21.67 -21.07
N7A NAI I . -4.35 -20.91 -21.93
C5A NAI I . -4.40 -19.65 -21.52
C6A NAI I . -3.84 -18.52 -22.08
N6A NAI I . -3.03 -18.03 -23.24
N1A NAI I . -4.00 -17.34 -21.49
C2A NAI I . -4.71 -17.25 -20.33
N3A NAI I . -5.26 -18.37 -19.77
C4A NAI I . -5.10 -19.58 -20.38
O3 NAI I . -5.95 -26.30 -14.40
PN NAI I . -5.75 -26.01 -12.83
O1N NAI I . -6.46 -24.78 -12.34
O2N NAI I . -6.21 -27.17 -12.05
O5D NAI I . -4.09 -25.88 -12.66
C5D NAI I . -3.46 -24.85 -13.39
C4D NAI I . -1.92 -25.13 -13.31
O4D NAI I . -1.52 -25.12 -12.05
C3D NAI I . -1.66 -26.52 -13.82
O3D NAI I . -0.61 -26.43 -14.71
C2D NAI I . -1.31 -27.33 -12.55
O2D NAI I . -0.38 -28.43 -12.90
C1D NAI I . -0.65 -26.43 -11.86
N1N NAI I . -0.51 -26.74 -10.44
C2N NAI I . 0.71 -26.29 -9.77
C3N NAI I . 1.04 -26.71 -8.33
C7N NAI I . 2.48 -26.47 -7.83
O7N NAI I . 2.79 -26.79 -6.75
N7N NAI I . 3.44 -25.84 -8.76
C4N NAI I . 0.03 -27.53 -7.49
C5N NAI I . -1.36 -27.67 -8.16
C6N NAI I . -1.52 -27.47 -9.68
C1 GOL J . -13.99 -42.47 5.62
O1 GOL J . -15.38 -42.39 5.88
C2 GOL J . -13.22 -41.79 6.75
O2 GOL J . -12.59 -40.62 6.25
C3 GOL J . -14.16 -41.45 7.88
O3 GOL J . -13.41 -41.01 9.00
P PO4 K . -24.62 -3.00 8.47
O1 PO4 K . -23.18 -2.55 8.28
O2 PO4 K . -24.66 -4.48 8.16
O3 PO4 K . -25.14 -2.72 9.86
O4 PO4 K . -25.50 -2.21 7.53
C38 P8M L . -32.17 -17.67 -6.48
C39 P8M L . -32.19 -17.11 -7.90
C40 P8M L . -31.69 -15.71 -8.16
C41 P8M L . -30.87 -16.89 -8.59
C36 P8M L . -32.50 -23.85 -6.72
C33 P8M L . -39.62 -23.17 -4.54
C30 P8M L . -40.05 -23.91 -6.79
C25 P8M L . -34.61 -22.85 -6.24
C10 P8M L . -34.64 -19.62 -6.66
N01 P8M L . -38.06 -18.55 -0.90
S02 P8M L . -37.92 -20.06 -1.59
O03 P8M L . -39.30 -20.53 -2.18
C04 P8M L . -36.93 -19.88 -3.06
C05 P8M L . -35.58 -19.63 -3.01
C06 P8M L . -34.83 -19.52 -4.15
C07 P8M L . -35.45 -19.72 -5.39
C08 P8M L . -36.81 -20.00 -5.44
C09 P8M L . -37.55 -20.08 -4.28
C11 P8M L . -33.19 -20.03 -6.49
C12 P8M L . -32.13 -19.18 -6.45
N13 P8M L . -31.02 -19.96 -6.31
C14 P8M L . -29.68 -19.58 -6.27
N15 P8M L . -29.25 -18.47 -5.81
C16 P8M L . -27.87 -18.30 -5.97
C17 P8M L . -27.13 -17.04 -5.49
O18 P8M L . -25.90 -17.05 -5.68
O19 P8M L . -27.88 -16.19 -5.03
C20 P8M L . -27.26 -19.31 -6.58
S21 P8M L . -28.43 -20.63 -7.03
N22 P8M L . -31.31 -21.29 -6.34
C23 P8M L . -32.62 -21.36 -6.44
C24 P8M L . -33.25 -22.70 -6.46
C26 P8M L . -35.22 -24.11 -6.27
C27 P8M L . -36.62 -24.23 -6.02
C28 P8M L . -37.77 -24.26 -5.81
C29 P8M L . -39.22 -24.27 -5.56
C31 P8M L . -41.43 -23.52 -6.20
C32 P8M L . -41.13 -22.92 -4.80
C34 P8M L . -34.44 -25.21 -6.51
C35 P8M L . -33.10 -25.11 -6.74
F37 P8M L . -35.00 -26.45 -6.53
F42 P8M L . -35.00 -19.44 -1.81
O43 P8M L . -37.22 -21.00 -0.53
PA NAI M . -23.23 -29.11 -5.91
O1A NAI M . -24.19 -30.10 -6.53
O2A NAI M . -22.03 -28.87 -6.80
O5B NAI M . -22.74 -29.66 -4.41
C5B NAI M . -23.72 -30.12 -3.51
C4B NAI M . -23.11 -31.38 -2.78
O4B NAI M . -24.24 -31.92 -1.86
C3B NAI M . -22.80 -32.33 -3.58
O3B NAI M . -21.35 -32.67 -3.49
C2B NAI M . -23.67 -33.67 -3.07
O2B NAI M . -22.88 -34.89 -3.20
C1B NAI M . -23.94 -33.43 -1.85
N9A NAI M . -25.13 -34.22 -1.54
C8A NAI M . -26.22 -34.67 -2.16
N7A NAI M . -26.91 -35.39 -1.27
C5A NAI M . -26.22 -35.41 -0.12
C6A NAI M . -26.52 -36.02 1.08
N6A NAI M . -27.53 -36.88 1.78
N1A NAI M . -25.69 -35.90 2.10
C2A NAI M . -24.55 -35.17 1.96
N3A NAI M . -24.26 -34.54 0.78
C4A NAI M . -25.11 -34.68 -0.26
O3 NAI M . -24.04 -27.72 -5.59
PN NAI M . -23.38 -26.29 -5.21
O1N NAI M . -22.18 -26.47 -4.32
O2N NAI M . -23.04 -25.53 -6.42
O5D NAI M . -24.62 -25.53 -4.39
C5D NAI M . -25.09 -26.28 -3.28
C4D NAI M . -26.41 -25.63 -2.75
O4D NAI M . -26.15 -24.41 -2.31
C3D NAI M . -27.43 -25.50 -3.85
O3D NAI M . -28.66 -25.81 -3.33
C2D NAI M . -27.34 -23.99 -4.19
O2D NAI M . -28.58 -23.53 -4.89
C1D NAI M . -27.24 -23.48 -2.98
N1N NAI M . -26.77 -22.08 -2.96
C2N NAI M . -27.36 -21.16 -2.00
C3N NAI M . -27.12 -19.64 -2.11
C7N NAI M . -27.94 -18.74 -1.16
O7N NAI M . -27.81 -17.57 -1.21
N7N NAI M . -28.87 -19.41 -0.22
C4N NAI M . -26.20 -19.03 -3.16
C5N NAI M . -25.35 -20.10 -3.91
C6N NAI M . -25.73 -21.60 -3.86
C1 GOL N . -16.43 -2.39 40.37
O1 GOL N . -16.96 -2.79 39.13
C2 GOL N . -15.44 -3.44 40.86
O2 GOL N . -14.29 -2.82 41.41
C3 GOL N . -16.11 -4.36 41.87
O3 GOL N . -15.54 -5.65 41.79
P PO4 O . 9.45 -22.06 15.70
O1 PO4 O . 8.89 -21.27 16.87
O2 PO4 O . 9.00 -21.38 14.41
O3 PO4 O . 8.95 -23.48 15.75
O4 PO4 O . 10.95 -22.10 15.73
C38 P8M P . 14.73 -10.30 34.29
C39 P8M P . 15.91 -9.35 34.08
C40 P8M P . 16.40 -9.04 32.68
C41 P8M P . 15.60 -8.00 33.45
C36 P8M P . 11.59 -8.47 39.25
C33 P8M P . 14.07 -14.60 42.90
C30 P8M P . 14.85 -12.87 44.47
C25 P8M P . 12.82 -10.47 39.69
C10 P8M P . 15.04 -11.02 37.35
N01 P8M P . 14.17 -17.68 37.60
S02 P8M P . 13.51 -16.70 38.78
O03 P8M P . 14.27 -16.91 40.14
C04 P8M P . 13.95 -15.04 38.32
C05 P8M P . 13.36 -14.40 37.27
C06 P8M P . 13.69 -13.12 36.94
C07 P8M P . 14.64 -12.45 37.69
C08 P8M P . 15.24 -13.10 38.77
C09 P8M P . 14.89 -14.39 39.09
C11 P8M P . 13.94 -10.19 36.74
C12 P8M P . 13.84 -9.86 35.41
N13 P8M P . 12.72 -9.10 35.30
C14 P8M P . 12.19 -8.48 34.18
N15 P8M P . 12.33 -8.91 33.00
C16 P8M P . 11.73 -8.08 32.03
C17 P8M P . 11.78 -8.42 30.53
O18 P8M P . 11.31 -7.53 29.79
O19 P8M P . 12.30 -9.51 30.26
C20 P8M P . 11.13 -7.01 32.52
S21 P8M P . 11.28 -6.93 34.33
N22 P8M P . 12.14 -8.87 36.50
C23 P8M P . 12.84 -9.53 37.38
C24 P8M P . 12.43 -9.49 38.80
C26 P8M P . 12.42 -10.42 41.01
C27 P8M P . 12.82 -11.43 41.94
C28 P8M P . 13.17 -12.26 42.71
C29 P8M P . 13.61 -13.31 43.62
C31 P8M P . 16.02 -13.79 44.05
C32 P8M P . 15.59 -14.44 42.72
C34 P8M P . 11.60 -9.40 41.43
C35 P8M P . 11.18 -8.43 40.55
F37 P8M P . 11.19 -9.36 42.73
F42 P8M P . 12.44 -15.08 36.54
O43 P8M P . 11.95 -16.94 38.77
PA NAI Q . 3.05 -2.59 37.32
O1A NAI Q . 3.55 -2.29 38.72
O2A NAI Q . 2.96 -1.35 36.44
O5B NAI Q . 1.52 -3.25 37.37
C5B NAI Q . 1.29 -4.35 38.21
C4B NAI Q . -0.23 -4.21 38.65
O4B NAI Q . -0.56 -5.37 39.66
C3B NAI Q . -0.39 -3.12 39.25
O3B NAI Q . -1.40 -2.29 38.58
C2B NAI Q . -0.97 -3.52 40.78
O2B NAI Q . -1.91 -2.51 41.21
C1B NAI Q . -1.52 -4.65 40.62
N9A NAI Q . -1.45 -5.39 41.90
C8A NAI Q . -0.70 -5.45 43.00
N7A NAI Q . -1.25 -6.39 43.79
C5A NAI Q . -2.33 -6.89 43.17
C6A NAI Q . -3.21 -7.86 43.59
N6A NAI Q . -3.54 -8.82 44.71
N1A NAI Q . -4.22 -8.21 42.81
C2A NAI Q . -4.38 -7.60 41.59
N3A NAI Q . -3.51 -6.63 41.18
C4A NAI Q . -2.48 -6.29 41.99
O3 NAI Q . 4.06 -3.72 36.67
PN NAI Q . 4.21 -4.07 35.10
O1N NAI Q . 2.84 -3.96 34.47
O2N NAI Q . 5.21 -3.22 34.44
O5D NAI Q . 4.73 -5.66 35.09
C5D NAI Q . 3.89 -6.56 35.80
C4D NAI Q . 4.69 -7.86 36.01
O4D NAI Q . 4.95 -8.37 34.83
C3D NAI Q . 6.04 -7.54 36.64
O3D NAI Q . 6.30 -8.48 37.61
C2D NAI Q . 7.01 -7.72 35.45
O2D NAI Q . 8.39 -8.07 35.89
C1D NAI Q . 6.47 -8.76 34.89
N1N NAI Q . 7.05 -8.96 33.56
C2N NAI Q . 7.36 -10.31 33.15
C3N NAI Q . 8.12 -10.56 31.83
C7N NAI Q . 8.39 -12.00 31.43
O7N NAI Q . 8.98 -12.21 30.43
N7N NAI Q . 7.89 -13.12 32.27
C4N NAI Q . 8.73 -9.40 31.02
C5N NAI Q . 8.05 -8.04 31.34
C6N NAI Q . 7.33 -7.83 32.68
P PO4 R . -20.87 2.58 9.32
O1 PO4 R . -19.59 3.04 9.97
O2 PO4 R . -21.03 1.09 9.56
O3 PO4 R . -20.82 2.84 7.84
O4 PO4 R . -22.01 3.39 9.89
C38 P8M S . -12.03 16.52 24.35
C39 P8M S . -12.80 16.37 25.64
C40 P8M S . -13.61 15.13 25.93
C41 P8M S . -12.30 15.36 26.66
C36 P8M S . -6.71 19.43 25.47
C33 P8M S . -10.04 25.72 22.89
C30 P8M S . -8.87 26.71 24.76
C25 P8M S . -8.36 20.90 24.58
C10 P8M S . -11.33 19.60 24.43
N01 P8M S . -12.83 21.98 18.39
S02 P8M S . -11.35 22.44 19.08
O03 P8M S . -11.39 23.97 19.39
C04 P8M S . -11.36 21.61 20.66
C05 P8M S . -11.17 20.26 20.71
C06 P8M S . -11.17 19.60 21.90
C07 P8M S . -11.34 20.32 23.08
C08 P8M S . -11.52 21.70 23.01
C09 P8M S . -11.54 22.34 21.79
C11 P8M S . -10.35 18.46 24.57
C12 P8M S . -10.66 17.12 24.54
N13 P8M S . -9.49 16.43 24.71
C14 P8M S . -9.29 15.07 24.82
N15 P8M S . -10.08 14.21 24.37
C16 P8M S . -9.73 12.89 24.67
C17 P8M S . -10.62 11.75 24.17
O18 P8M S . -10.26 10.59 24.49
O19 P8M S . -11.62 12.16 23.56
C20 P8M S . -8.63 12.76 25.39
S21 P8M S . -7.92 14.39 25.79
N22 P8M S . -8.43 17.28 24.89
C23 P8M S . -8.92 18.49 24.80
C24 P8M S . -7.99 19.62 24.94
C26 P8M S . -7.51 21.98 24.73
C27 P8M S . -7.90 23.30 24.36
C28 P8M S . -8.25 24.39 24.02
C29 P8M S . -8.66 25.72 23.59
C31 P8M S . -9.68 27.86 24.11
C32 P8M S . -10.62 27.14 23.08
C34 P8M S . -6.26 21.75 25.25
C35 P8M S . -5.85 20.49 25.63
F37 P8M S . -5.41 22.78 25.39
F42 P8M S . -11.01 19.59 19.54
O43 P8M S . -10.20 21.91 18.14
PA NAI T . 1.75 12.79 26.04
O1A NAI T . 2.11 14.13 26.67
O2A NAI T . 1.92 11.62 27.00
O5B NAI T . 2.73 12.46 24.74
C5B NAI T . 2.95 13.52 23.81
C4B NAI T . 4.41 13.31 23.25
O4B NAI T . 4.67 14.46 22.21
C3B NAI T . 5.25 13.46 24.18
O3B NAI T . 5.96 12.22 24.45
C2B NAI T . 6.35 14.62 23.65
O2B NAI T . 7.70 14.21 23.99
C1B NAI T . 6.19 14.70 22.38
N9A NAI T . 6.49 16.10 22.06
C8A NAI T . 6.37 17.31 22.60
N7A NAI T . 6.91 18.17 21.74
C5A NAI T . 7.36 17.49 20.68
C6A NAI T . 8.01 17.92 19.54
N6A NAI T . 8.52 19.14 18.83
N1A NAI T . 8.38 17.05 18.61
C2A NAI T . 8.12 15.73 18.77
N3A NAI T . 7.50 15.29 19.92
C4A NAI T . 7.12 16.18 20.86
O3 NAI T . 0.19 12.91 25.54
PN NAI T . -0.71 11.66 25.05
O1N NAI T . 0.16 10.60 24.44
O2N NAI T . -1.48 11.10 26.18
O5D NAI T . -1.74 12.37 23.94
C5D NAI T . -1.12 13.12 22.92
C4D NAI T . -2.22 13.99 22.23
O4D NAI T . -3.17 13.19 21.79
C3D NAI T . -2.88 14.92 23.23
O3D NAI T . -2.90 16.16 22.62
C2D NAI T . -4.30 14.36 23.38
O2D NAI T . -5.27 15.43 23.73
C1D NAI T . -4.53 13.92 22.17
N1N NAI T . -5.62 12.93 22.07
C2N NAI T . -6.53 13.06 20.95
C3N NAI T . -7.87 12.29 20.91
C7N NAI T . -8.83 12.60 19.74
O7N NAI T . -9.92 12.14 19.70
N7N NAI T . -8.37 13.50 18.65
C4N NAI T . -8.28 11.38 22.09
C5N NAI T . -7.05 10.95 22.96
C6N NAI T . -5.79 11.84 23.03
C1 GOL U . 23.04 -5.10 -49.68
O1 GOL U . 21.92 -5.88 -49.34
C2 GOL U . 23.99 -4.95 -48.49
O2 GOL U . 25.28 -4.66 -48.99
C3 GOL U . 23.46 -3.78 -47.66
O3 GOL U . 24.17 -3.51 -46.47
C1 GOL V . 16.53 23.01 -31.21
O1 GOL V . 15.80 22.94 -32.42
C2 GOL V . 17.95 23.49 -31.49
O2 GOL V . 18.34 24.37 -30.45
C3 GOL V . 18.90 22.29 -31.50
O3 GOL V . 19.19 21.86 -30.19
C1 GOL W . 15.04 37.40 6.32
O1 GOL W . 14.20 38.49 5.97
C2 GOL W . 14.22 36.12 6.41
O2 GOL W . 13.05 36.20 5.64
C3 GOL W . 15.06 34.92 5.98
O3 GOL W . 15.35 34.17 7.13
P PO4 X . 14.82 11.47 -39.61
O1 PO4 X . 14.72 12.94 -39.99
O2 PO4 X . 15.80 11.29 -38.46
O3 PO4 X . 13.47 11.01 -39.17
O4 PO4 X . 15.28 10.66 -40.82
C38 P8M Y . 34.18 2.04 -33.06
C39 P8M Y . 35.23 2.10 -34.18
C40 P8M Y . 35.06 3.03 -35.36
C41 P8M Y . 36.09 3.35 -34.28
C36 P8M Y . 36.91 0.89 -27.62
C33 P8M Y . 34.29 -6.25 -27.87
C30 P8M Y . 36.63 -6.68 -27.36
C25 P8M Y . 35.86 -1.06 -28.53
C10 P8M Y . 35.01 -0.66 -31.65
N01 P8M Y . 29.23 -4.00 -31.08
S02 P8M Y . 30.32 -3.99 -29.81
O03 P8M Y . 30.87 -5.46 -29.61
C04 P8M Y . 31.68 -3.02 -30.38
C05 P8M Y . 31.55 -1.67 -30.55
C06 P8M Y . 32.59 -0.89 -30.95
C07 P8M Y . 33.82 -1.49 -31.19
C08 P8M Y . 33.95 -2.86 -31.02
C09 P8M Y . 32.89 -3.64 -30.60
C11 P8M Y . 35.12 0.72 -31.06
C12 P8M Y . 34.77 1.89 -31.68
N13 P8M Y . 35.03 2.90 -30.79
C14 P8M Y . 34.88 4.25 -30.94
N15 P8M Y . 34.08 4.80 -31.74
C16 P8M Y . 34.17 6.20 -31.77
C17 P8M Y . 33.28 7.04 -32.68
O18 P8M Y . 33.49 8.26 -32.62
O19 P8M Y . 32.50 6.38 -33.39
C20 P8M Y . 35.09 6.71 -30.94
S21 P8M Y . 35.96 5.38 -30.04
N22 P8M Y . 35.57 2.42 -29.62
C23 P8M Y . 35.64 1.11 -29.77
C24 P8M Y . 36.16 0.31 -28.63
C26 P8M Y . 36.31 -1.80 -27.45
C27 P8M Y . 36.03 -3.19 -27.33
C28 P8M Y . 35.79 -4.35 -27.19
C29 P8M Y . 35.47 -5.75 -26.98
C31 P8M Y . 36.47 -6.83 -28.89
C32 P8M Y . 34.94 -6.91 -29.12
C34 P8M Y . 37.06 -1.18 -26.48
C35 P8M Y . 37.36 0.16 -26.54
F37 P8M Y . 37.49 -1.91 -25.43
F42 P8M Y . 30.33 -1.12 -30.31
O43 P8M Y . 29.65 -3.32 -28.57
PA NAI Z . 38.23 9.22 -21.33
O1A NAI Z . 39.16 8.10 -20.92
O2A NAI Z . 38.99 10.49 -21.62
O5B NAI Z . 37.17 9.54 -20.10
C5B NAI Z . 36.58 8.43 -19.44
C4B NAI Z . 36.32 8.97 -18.00
O4B NAI Z . 35.61 7.81 -17.21
C3B NAI Z . 37.43 9.17 -17.44
O3B NAI Z . 37.53 10.53 -16.88
C2B NAI Z . 37.51 8.11 -16.15
O2B NAI Z . 38.25 8.71 -15.07
C1B NAI Z . 36.29 7.92 -15.84
N9A NAI Z . 36.26 6.62 -15.16
C8A NAI Z . 36.98 5.51 -15.15
N7A NAI Z . 36.42 4.69 -14.26
C5A NAI Z . 35.36 5.32 -13.73
C6A NAI Z . 34.48 4.88 -12.77
N6A NAI Z . 34.17 3.71 -11.88
N1A NAI Z . 33.48 5.67 -12.40
C2A NAI Z . 33.34 6.92 -12.95
N3A NAI Z . 34.22 7.36 -13.90
C4A NAI Z . 35.23 6.53 -14.28
O3 NAI Z . 37.42 8.65 -22.66
PN NAI Z . 36.48 9.50 -23.65
O1N NAI Z . 35.89 10.66 -22.90
O2N NAI Z . 37.24 10.00 -24.82
O5D NAI Z . 35.25 8.49 -24.12
C5D NAI Z . 34.61 7.84 -23.04
C4D NAI Z . 33.84 6.65 -23.65
O4D NAI Z . 33.04 7.13 -24.58
C3D NAI Z . 34.79 5.72 -24.36
O3D NAI Z . 34.45 4.43 -23.98
C2D NAI Z . 34.46 5.98 -25.85
O2D NAI Z . 34.79 4.82 -26.70
C1D NAI Z . 33.17 6.15 -25.80
N1N NAI Z . 32.61 6.76 -27.04
C2N NAI Z . 31.41 6.22 -27.64
C3N NAI Z . 30.84 6.76 -28.95
C7N NAI Z . 29.55 6.11 -29.47
O7N NAI Z . 29.09 6.42 -30.52
N7N NAI Z . 28.89 5.09 -28.62
C4N NAI Z . 31.68 7.70 -29.85
C5N NAI Z . 32.83 8.39 -29.05
C6N NAI Z . 33.28 7.89 -27.66
C1 GOL AA . 0.08 58.67 3.92
O1 GOL AA . 1.37 59.23 3.99
C2 GOL AA . 0.19 57.15 3.74
O2 GOL AA . 0.13 56.53 5.00
C3 GOL AA . -0.96 56.64 2.86
O3 GOL AA . -1.03 57.34 1.64
P PO4 BA . 16.91 42.24 -14.30
O1 PO4 BA . 16.82 43.74 -14.01
O2 PO4 BA . 15.54 41.71 -14.65
O3 PO4 BA . 17.41 41.55 -13.06
O4 PO4 BA . 17.85 42.01 -15.47
C38 P8M CA . -4.26 48.42 -16.93
C39 P8M CA . -4.32 49.71 -17.74
C40 P8M CA . -3.14 50.18 -18.54
C41 P8M CA . -4.34 49.58 -19.26
C36 P8M CA . -9.78 45.63 -17.07
C33 P8M CA . -10.86 47.40 -9.83
C30 P8M CA . -12.25 49.17 -10.83
C25 P8M CA . -9.41 46.81 -15.02
C10 P8M CA . -6.81 48.77 -15.08
N01 P8M CA . -4.67 46.83 -8.93
S02 P8M CA . -6.16 46.36 -9.56
O03 P8M CA . -7.31 47.06 -8.72
C04 P8M CA . -6.31 47.08 -11.18
C05 P8M CA . -5.63 46.57 -12.27
C06 P8M CA . -5.77 47.11 -13.51
C07 P8M CA . -6.64 48.17 -13.70
C08 P8M CA . -7.35 48.68 -12.61
C09 P8M CA . -7.19 48.12 -11.36
C11 P8M CA . -6.64 47.78 -16.21
C12 P8M CA . -5.54 47.64 -17.00
N13 P8M CA . -5.79 46.66 -17.88
C14 P8M CA . -5.04 46.19 -18.94
N15 P8M CA . -3.78 46.26 -19.03
C16 P8M CA . -3.27 45.78 -20.24
C17 P8M CA . -1.78 45.75 -20.57
O18 P8M CA . -1.49 45.42 -21.75
O19 P8M CA . -1.04 46.10 -19.63
C20 P8M CA . -4.21 45.35 -21.09
S21 P8M CA . -5.87 45.55 -20.39
N22 P8M CA . -7.06 46.15 -17.71
C23 P8M CA . -7.59 46.81 -16.72
C24 P8M CA . -8.95 46.43 -16.28
C26 P8M CA . -10.69 46.45 -14.58
C27 P8M CA . -11.17 46.85 -13.30
C28 P8M CA . -11.54 47.21 -12.23
C29 P8M CA . -11.97 47.64 -10.90
C31 P8M CA . -11.78 49.60 -9.42
C32 P8M CA . -10.47 48.80 -9.27
C34 P8M CA . -11.47 45.67 -15.38
C35 P8M CA . -11.04 45.25 -16.63
F37 P8M CA . -12.68 45.31 -14.93
F42 P8M CA . -4.77 45.54 -12.09
O43 P8M CA . -6.18 44.78 -9.64
PA NAI DA . -10.85 38.02 -24.55
O1A NAI DA . -12.24 38.36 -24.12
O2A NAI DA . -10.59 38.21 -26.01
O5B NAI DA . -10.53 36.44 -24.13
C5B NAI DA . -11.06 36.01 -22.90
C4B NAI DA . -11.52 34.51 -23.06
O4B NAI DA . -11.97 34.12 -21.62
C3B NAI DA . -12.55 34.42 -23.80
O3B NAI DA . -12.34 33.54 -24.95
C2B NAI DA . -13.72 33.75 -22.82
O2B NAI DA . -14.66 32.96 -23.62
C1B NAI DA . -13.06 33.10 -21.91
N9A NAI DA . -13.95 33.02 -20.74
C8A NAI DA . -14.91 33.77 -20.20
N7A NAI DA . -15.40 33.09 -19.14
C5A NAI DA . -14.74 31.92 -19.05
C6A NAI DA . -14.89 30.90 -18.15
N6A NAI DA . -15.68 30.47 -16.94
N1A NAI DA . -14.12 29.81 -18.22
C2A NAI DA . -13.19 29.71 -19.21
N3A NAI DA . -13.04 30.74 -20.11
C4A NAI DA . -13.83 31.84 -20.03
O3 NAI DA . -9.83 38.98 -23.68
PN NAI DA . -8.22 39.06 -23.88
O1N NAI DA . -7.59 37.77 -24.32
O2N NAI DA . -7.84 40.20 -24.74
O5D NAI DA . -7.62 39.35 -22.35
C5D NAI DA . -7.93 38.38 -21.36
C4D NAI DA . -7.52 38.97 -20.00
O4D NAI DA . -6.23 39.23 -20.06
C3D NAI DA . -8.21 40.30 -19.78
O3D NAI DA . -8.65 40.31 -18.48
C2D NAI DA . -7.06 41.32 -19.97
O2D NAI DA . -7.28 42.59 -19.22
C1D NAI DA . -6.08 40.68 -19.42
N1N NAI DA . -4.74 41.22 -19.69
C2N NAI DA . -3.77 41.20 -18.62
C3N NAI DA . -2.49 42.06 -18.71
C7N NAI DA . -1.52 42.10 -17.52
O7N NAI DA . -0.48 42.68 -17.64
N7N NAI DA . -1.94 41.43 -16.25
C4N NAI DA . -2.09 42.71 -20.04
C5N NAI DA . -2.96 42.23 -21.25
C6N NAI DA . -4.39 41.73 -21.00
#